data_2FOO
# 
_entry.id   2FOO 
# 
_audit_conform.dict_name       mmcif_pdbx.dic 
_audit_conform.dict_version    5.377 
_audit_conform.dict_location   http://mmcif.pdb.org/dictionaries/ascii/mmcif_pdbx.dic 
# 
loop_
_database_2.database_id 
_database_2.database_code 
_database_2.pdbx_database_accession 
_database_2.pdbx_DOI 
PDB   2FOO         pdb_00002foo 10.2210/pdb2foo/pdb 
RCSB  RCSB036126   ?            ?                   
WWPDB D_1000036126 ?            ?                   
# 
loop_
_pdbx_database_related.db_name 
_pdbx_database_related.db_id 
_pdbx_database_related.details 
_pdbx_database_related.content_type 
PDB 2FOJ . unspecified 
PDB 1YZE . unspecified 
PDB 1YY6 . unspecified 
PDB 2FOP . unspecified 
# 
_pdbx_database_status.status_code                     REL 
_pdbx_database_status.entry_id                        2FOO 
_pdbx_database_status.recvd_initial_deposition_date   2006-01-13 
_pdbx_database_status.deposit_site                    RCSB 
_pdbx_database_status.process_site                    RCSB 
_pdbx_database_status.status_code_sf                  REL 
_pdbx_database_status.status_code_mr                  ? 
_pdbx_database_status.SG_entry                        ? 
_pdbx_database_status.status_code_cs                  ? 
_pdbx_database_status.methods_development_category    ? 
_pdbx_database_status.pdb_format_compatible           Y 
_pdbx_database_status.status_code_nmr_data            ? 
# 
loop_
_audit_author.name 
_audit_author.pdbx_ordinal 
'Saridakis, V.'    1 
'Sheng, Y.'        2 
'Sarkari, F.'      3 
'Duan, S.'         4 
'Wu, T.'           5 
'Arrowsmith, C.H.' 6 
'Frappier, L.'     7 
# 
_citation.id                        primary 
_citation.title                     'Molecular recognition of p53 and MDM2 by USP7/HAUSP' 
_citation.journal_abbrev            Nat.Struct.Mol.Biol. 
_citation.journal_volume            13 
_citation.page_first                285 
_citation.page_last                 291 
_citation.year                      2006 
_citation.journal_id_ASTM           ? 
_citation.country                   US 
_citation.journal_id_ISSN           1545-9993 
_citation.journal_id_CSD            ? 
_citation.book_publisher            ? 
_citation.pdbx_database_id_PubMed   16474402 
_citation.pdbx_database_id_DOI      10.1038/nsmb1067 
# 
loop_
_citation_author.citation_id 
_citation_author.name 
_citation_author.ordinal 
_citation_author.identifier_ORCID 
primary 'Sheng, Y.'        1 ? 
primary 'Saridakis, V.'    2 ? 
primary 'Sarkari, F.'      3 ? 
primary 'Duan, S.'         4 ? 
primary 'Wu, T.'           5 ? 
primary 'Arrowsmith, C.H.' 6 ? 
primary 'Frappier, L.'     7 ? 
# 
_cell.entry_id           2FOO 
_cell.length_a           69.825 
_cell.length_b           69.825 
_cell.length_c           45.529 
_cell.angle_alpha        90.00 
_cell.angle_beta         90.00 
_cell.angle_gamma        90.00 
_cell.Z_PDB              4 
_cell.pdbx_unique_axis   ? 
_cell.length_a_esd       ? 
_cell.length_b_esd       ? 
_cell.length_c_esd       ? 
_cell.angle_alpha_esd    ? 
_cell.angle_beta_esd     ? 
_cell.angle_gamma_esd    ? 
# 
_symmetry.entry_id                         2FOO 
_symmetry.space_group_name_H-M             'P 41' 
_symmetry.pdbx_full_space_group_name_H-M   ? 
_symmetry.cell_setting                     ? 
_symmetry.Int_Tables_number                76 
_symmetry.space_group_name_Hall            ? 
# 
loop_
_entity.id 
_entity.type 
_entity.src_method 
_entity.pdbx_description 
_entity.formula_weight 
_entity.pdbx_number_of_molecules 
_entity.pdbx_ec 
_entity.pdbx_mutation 
_entity.pdbx_fragment 
_entity.details 
1 polymer man 'Ubiquitin carboxyl-terminal hydrolase 7' 18133.102 1   3.1.2.15 ? 'MATH domain' ? 
2 polymer syn 'p53 peptide'                             602.619   1   ?        ? ?             ? 
3 water   nat water                                     18.015    101 ?        ? ?             ? 
# 
_entity_name_com.entity_id   1 
_entity_name_com.name        
;Ubiquitin thiolesterase 7, Ubiquitin-specific processing protease 7, Deubiquitinating enzyme 7, Herpesvirus associated ubiquitin-specific protease
;
# 
loop_
_entity_poly.entity_id 
_entity_poly.type 
_entity_poly.nstd_linkage 
_entity_poly.nstd_monomer 
_entity_poly.pdbx_seq_one_letter_code 
_entity_poly.pdbx_seq_one_letter_code_can 
_entity_poly.pdbx_strand_id 
_entity_poly.pdbx_target_identifier 
1 'polypeptide(L)' no no 
;GSHTAEEDMEDDTSWRSEATFQFTVERFSRLSESVLSPPCFVRNLPWKIMVMPRFYPDRPHQKSVGFFLQCNAESDSTSW
SCHAQAVLKIINYRDDEKSFSRRISHLFFHKENDWGFSNFMAWSEVTDPEKGFIDDDKVTFEVFVQADAPHGVAW
;
;GSHTAEEDMEDDTSWRSEATFQFTVERFSRLSESVLSPPCFVRNLPWKIMVMPRFYPDRPHQKSVGFFLQCNAESDSTSW
SCHAQAVLKIINYRDDEKSFSRRISHLFFHKENDWGFSNFMAWSEVTDPEKGFIDDDKVTFEVFVQADAPHGVAW
;
A ? 
2 'polypeptide(L)' no no EPGGSR EPGGSR B ? 
# 
loop_
_entity_poly_seq.entity_id 
_entity_poly_seq.num 
_entity_poly_seq.mon_id 
_entity_poly_seq.hetero 
1 1   GLY n 
1 2   SER n 
1 3   HIS n 
1 4   THR n 
1 5   ALA n 
1 6   GLU n 
1 7   GLU n 
1 8   ASP n 
1 9   MET n 
1 10  GLU n 
1 11  ASP n 
1 12  ASP n 
1 13  THR n 
1 14  SER n 
1 15  TRP n 
1 16  ARG n 
1 17  SER n 
1 18  GLU n 
1 19  ALA n 
1 20  THR n 
1 21  PHE n 
1 22  GLN n 
1 23  PHE n 
1 24  THR n 
1 25  VAL n 
1 26  GLU n 
1 27  ARG n 
1 28  PHE n 
1 29  SER n 
1 30  ARG n 
1 31  LEU n 
1 32  SER n 
1 33  GLU n 
1 34  SER n 
1 35  VAL n 
1 36  LEU n 
1 37  SER n 
1 38  PRO n 
1 39  PRO n 
1 40  CYS n 
1 41  PHE n 
1 42  VAL n 
1 43  ARG n 
1 44  ASN n 
1 45  LEU n 
1 46  PRO n 
1 47  TRP n 
1 48  LYS n 
1 49  ILE n 
1 50  MET n 
1 51  VAL n 
1 52  MET n 
1 53  PRO n 
1 54  ARG n 
1 55  PHE n 
1 56  TYR n 
1 57  PRO n 
1 58  ASP n 
1 59  ARG n 
1 60  PRO n 
1 61  HIS n 
1 62  GLN n 
1 63  LYS n 
1 64  SER n 
1 65  VAL n 
1 66  GLY n 
1 67  PHE n 
1 68  PHE n 
1 69  LEU n 
1 70  GLN n 
1 71  CYS n 
1 72  ASN n 
1 73  ALA n 
1 74  GLU n 
1 75  SER n 
1 76  ASP n 
1 77  SER n 
1 78  THR n 
1 79  SER n 
1 80  TRP n 
1 81  SER n 
1 82  CYS n 
1 83  HIS n 
1 84  ALA n 
1 85  GLN n 
1 86  ALA n 
1 87  VAL n 
1 88  LEU n 
1 89  LYS n 
1 90  ILE n 
1 91  ILE n 
1 92  ASN n 
1 93  TYR n 
1 94  ARG n 
1 95  ASP n 
1 96  ASP n 
1 97  GLU n 
1 98  LYS n 
1 99  SER n 
1 100 PHE n 
1 101 SER n 
1 102 ARG n 
1 103 ARG n 
1 104 ILE n 
1 105 SER n 
1 106 HIS n 
1 107 LEU n 
1 108 PHE n 
1 109 PHE n 
1 110 HIS n 
1 111 LYS n 
1 112 GLU n 
1 113 ASN n 
1 114 ASP n 
1 115 TRP n 
1 116 GLY n 
1 117 PHE n 
1 118 SER n 
1 119 ASN n 
1 120 PHE n 
1 121 MET n 
1 122 ALA n 
1 123 TRP n 
1 124 SER n 
1 125 GLU n 
1 126 VAL n 
1 127 THR n 
1 128 ASP n 
1 129 PRO n 
1 130 GLU n 
1 131 LYS n 
1 132 GLY n 
1 133 PHE n 
1 134 ILE n 
1 135 ASP n 
1 136 ASP n 
1 137 ASP n 
1 138 LYS n 
1 139 VAL n 
1 140 THR n 
1 141 PHE n 
1 142 GLU n 
1 143 VAL n 
1 144 PHE n 
1 145 VAL n 
1 146 GLN n 
1 147 ALA n 
1 148 ASP n 
1 149 ALA n 
1 150 PRO n 
1 151 HIS n 
1 152 GLY n 
1 153 VAL n 
1 154 ALA n 
1 155 TRP n 
2 1   GLU n 
2 2   PRO n 
2 3   GLY n 
2 4   GLY n 
2 5   SER n 
2 6   ARG n 
# 
_entity_src_gen.entity_id                          1 
_entity_src_gen.pdbx_src_id                        1 
_entity_src_gen.pdbx_alt_source_flag               sample 
_entity_src_gen.pdbx_seq_type                      ? 
_entity_src_gen.pdbx_beg_seq_num                   ? 
_entity_src_gen.pdbx_end_seq_num                   ? 
_entity_src_gen.gene_src_common_name               human 
_entity_src_gen.gene_src_genus                     Homo 
_entity_src_gen.pdbx_gene_src_gene                 'HAUSP, USP7' 
_entity_src_gen.gene_src_species                   ? 
_entity_src_gen.gene_src_strain                    ? 
_entity_src_gen.gene_src_tissue                    ? 
_entity_src_gen.gene_src_tissue_fraction           ? 
_entity_src_gen.gene_src_details                   ? 
_entity_src_gen.pdbx_gene_src_fragment             ? 
_entity_src_gen.pdbx_gene_src_scientific_name      'Homo sapiens' 
_entity_src_gen.pdbx_gene_src_ncbi_taxonomy_id     9606 
_entity_src_gen.pdbx_gene_src_variant              ? 
_entity_src_gen.pdbx_gene_src_cell_line            ? 
_entity_src_gen.pdbx_gene_src_atcc                 ? 
_entity_src_gen.pdbx_gene_src_organ                ? 
_entity_src_gen.pdbx_gene_src_organelle            ? 
_entity_src_gen.pdbx_gene_src_cell                 ? 
_entity_src_gen.pdbx_gene_src_cellular_location    ? 
_entity_src_gen.host_org_common_name               ? 
_entity_src_gen.pdbx_host_org_scientific_name      'Escherichia coli BL21(DE3)' 
_entity_src_gen.pdbx_host_org_ncbi_taxonomy_id     469008 
_entity_src_gen.host_org_genus                     Escherichia 
_entity_src_gen.pdbx_host_org_gene                 ? 
_entity_src_gen.pdbx_host_org_organ                ? 
_entity_src_gen.host_org_species                   'Escherichia coli' 
_entity_src_gen.pdbx_host_org_tissue               ? 
_entity_src_gen.pdbx_host_org_tissue_fraction      ? 
_entity_src_gen.pdbx_host_org_strain               'BL21(DE3)' 
_entity_src_gen.pdbx_host_org_variant              ? 
_entity_src_gen.pdbx_host_org_cell_line            ? 
_entity_src_gen.pdbx_host_org_atcc                 ? 
_entity_src_gen.pdbx_host_org_culture_collection   ? 
_entity_src_gen.pdbx_host_org_cell                 ? 
_entity_src_gen.pdbx_host_org_organelle            ? 
_entity_src_gen.pdbx_host_org_cellular_location    ? 
_entity_src_gen.pdbx_host_org_vector_type          plasmid 
_entity_src_gen.pdbx_host_org_vector               ? 
_entity_src_gen.host_org_details                   ? 
_entity_src_gen.expression_system_id               ? 
_entity_src_gen.plasmid_name                       pET15B 
_entity_src_gen.plasmid_details                    ? 
_entity_src_gen.pdbx_description                   ? 
# 
loop_
_struct_ref.id 
_struct_ref.db_name 
_struct_ref.db_code 
_struct_ref.pdbx_db_accession 
_struct_ref.entity_id 
_struct_ref.pdbx_seq_one_letter_code 
_struct_ref.pdbx_align_begin 
_struct_ref.pdbx_db_isoform 
1 UNP UBP7_HUMAN Q93009 1 
;TAEEDMEDDTSWRSEATFQFTVERFSRLSESVLSPPCFVRNLPWKIMVMPRFYPDRPHQKSVGFFLQCNAESDSTSWSCH
AQAVLKIINYRDDEKSFSRRISHLFFHKENDWGFSNFMAWSEVTDPEKGFIDDDKVTFEVFVQADAPHGVAW
;
54 ? 
2 PDB 2FOO       2FOO   2 ? ?  ? 
# 
loop_
_struct_ref_seq.align_id 
_struct_ref_seq.ref_id 
_struct_ref_seq.pdbx_PDB_id_code 
_struct_ref_seq.pdbx_strand_id 
_struct_ref_seq.seq_align_beg 
_struct_ref_seq.pdbx_seq_align_beg_ins_code 
_struct_ref_seq.seq_align_end 
_struct_ref_seq.pdbx_seq_align_end_ins_code 
_struct_ref_seq.pdbx_db_accession 
_struct_ref_seq.db_align_beg 
_struct_ref_seq.pdbx_db_align_beg_ins_code 
_struct_ref_seq.db_align_end 
_struct_ref_seq.pdbx_db_align_end_ins_code 
_struct_ref_seq.pdbx_auth_seq_align_beg 
_struct_ref_seq.pdbx_auth_seq_align_end 
1 1 2FOO A 4 ? 155 ? Q93009 54  ? 205 ? 54  205 
2 2 2FOO B 1 ? 6   ? 2FOO   358 ? 363 ? 358 363 
# 
loop_
_struct_ref_seq_dif.align_id 
_struct_ref_seq_dif.pdbx_pdb_id_code 
_struct_ref_seq_dif.mon_id 
_struct_ref_seq_dif.pdbx_pdb_strand_id 
_struct_ref_seq_dif.seq_num 
_struct_ref_seq_dif.pdbx_pdb_ins_code 
_struct_ref_seq_dif.pdbx_seq_db_name 
_struct_ref_seq_dif.pdbx_seq_db_accession_code 
_struct_ref_seq_dif.db_mon_id 
_struct_ref_seq_dif.pdbx_seq_db_seq_num 
_struct_ref_seq_dif.details 
_struct_ref_seq_dif.pdbx_auth_seq_num 
_struct_ref_seq_dif.pdbx_ordinal 
1 2FOO GLY A 1 ? UNP Q93009 ? ? 'cloning artifact' 51 1 
1 2FOO SER A 2 ? UNP Q93009 ? ? 'cloning artifact' 52 2 
1 2FOO HIS A 3 ? UNP Q93009 ? ? 'cloning artifact' 53 3 
# 
loop_
_chem_comp.id 
_chem_comp.type 
_chem_comp.mon_nstd_flag 
_chem_comp.name 
_chem_comp.pdbx_synonyms 
_chem_comp.formula 
_chem_comp.formula_weight 
ALA 'L-peptide linking' y ALANINE         ? 'C3 H7 N O2'     89.093  
ARG 'L-peptide linking' y ARGININE        ? 'C6 H15 N4 O2 1' 175.209 
ASN 'L-peptide linking' y ASPARAGINE      ? 'C4 H8 N2 O3'    132.118 
ASP 'L-peptide linking' y 'ASPARTIC ACID' ? 'C4 H7 N O4'     133.103 
CYS 'L-peptide linking' y CYSTEINE        ? 'C3 H7 N O2 S'   121.158 
GLN 'L-peptide linking' y GLUTAMINE       ? 'C5 H10 N2 O3'   146.144 
GLU 'L-peptide linking' y 'GLUTAMIC ACID' ? 'C5 H9 N O4'     147.129 
GLY 'peptide linking'   y GLYCINE         ? 'C2 H5 N O2'     75.067  
HIS 'L-peptide linking' y HISTIDINE       ? 'C6 H10 N3 O2 1' 156.162 
HOH non-polymer         . WATER           ? 'H2 O'           18.015  
ILE 'L-peptide linking' y ISOLEUCINE      ? 'C6 H13 N O2'    131.173 
LEU 'L-peptide linking' y LEUCINE         ? 'C6 H13 N O2'    131.173 
LYS 'L-peptide linking' y LYSINE          ? 'C6 H15 N2 O2 1' 147.195 
MET 'L-peptide linking' y METHIONINE      ? 'C5 H11 N O2 S'  149.211 
PHE 'L-peptide linking' y PHENYLALANINE   ? 'C9 H11 N O2'    165.189 
PRO 'L-peptide linking' y PROLINE         ? 'C5 H9 N O2'     115.130 
SER 'L-peptide linking' y SERINE          ? 'C3 H7 N O3'     105.093 
THR 'L-peptide linking' y THREONINE       ? 'C4 H9 N O3'     119.119 
TRP 'L-peptide linking' y TRYPTOPHAN      ? 'C11 H12 N2 O2'  204.225 
TYR 'L-peptide linking' y TYROSINE        ? 'C9 H11 N O3'    181.189 
VAL 'L-peptide linking' y VALINE          ? 'C5 H11 N O2'    117.146 
# 
_exptl.entry_id          2FOO 
_exptl.method            'X-RAY DIFFRACTION' 
_exptl.crystals_number   1 
# 
_exptl_crystal.id                    1 
_exptl_crystal.density_meas          ? 
_exptl_crystal.density_Matthews      2.96 
_exptl_crystal.density_percent_sol   58.45 
_exptl_crystal.description           ? 
_exptl_crystal.F_000                 ? 
_exptl_crystal.preparation           ? 
# 
_exptl_crystal_grow.crystal_id      1 
_exptl_crystal_grow.method          'VAPOR DIFFUSION, HANGING DROP' 
_exptl_crystal_grow.temp            277 
_exptl_crystal_grow.temp_details    ? 
_exptl_crystal_grow.pH              8.5 
_exptl_crystal_grow.pdbx_details    
'30% PEG4K, 0.1 M Tris, 0.2 M Lithium Sulfate , pH 8.5, VAPOR DIFFUSION, HANGING DROP, temperature 277K' 
_exptl_crystal_grow.pdbx_pH_range   . 
# 
_diffrn.id                     1 
_diffrn.ambient_temp           100 
_diffrn.ambient_temp_details   ? 
_diffrn.crystal_id             1 
# 
_diffrn_detector.diffrn_id              1 
_diffrn_detector.detector               'IMAGE PLATE' 
_diffrn_detector.type                   'RIGAKU RAXIS IV' 
_diffrn_detector.pdbx_collection_date   2005-01-24 
_diffrn_detector.details                ? 
# 
_diffrn_radiation.diffrn_id                        1 
_diffrn_radiation.wavelength_id                    1 
_diffrn_radiation.pdbx_monochromatic_or_laue_m_l   M 
_diffrn_radiation.monochromator                    ? 
_diffrn_radiation.pdbx_diffrn_protocol             'SINGLE WAVELENGTH' 
_diffrn_radiation.pdbx_scattering_type             x-ray 
# 
_diffrn_radiation_wavelength.id           1 
_diffrn_radiation_wavelength.wavelength   1.5418 
_diffrn_radiation_wavelength.wt           1.0 
# 
_diffrn_source.diffrn_id                   1 
_diffrn_source.source                      'ROTATING ANODE' 
_diffrn_source.type                        OTHER 
_diffrn_source.pdbx_synchrotron_site       ? 
_diffrn_source.pdbx_synchrotron_beamline   ? 
_diffrn_source.pdbx_wavelength             ? 
_diffrn_source.pdbx_wavelength_list        1.5418 
# 
_reflns.entry_id                     2FOO 
_reflns.observed_criterion_sigma_I   ? 
_reflns.observed_criterion_sigma_F   ? 
_reflns.d_resolution_low             30.0 
_reflns.d_resolution_high            2.2 
_reflns.number_obs                   9385 
_reflns.number_all                   11295 
_reflns.percent_possible_obs         83.1 
_reflns.pdbx_Rmerge_I_obs            ? 
_reflns.pdbx_Rsym_value              0.097 
_reflns.pdbx_netI_over_sigmaI        10.0 
_reflns.B_iso_Wilson_estimate        19.2 
_reflns.pdbx_redundancy              3.2 
_reflns.R_free_details               ? 
_reflns.limit_h_max                  ? 
_reflns.limit_h_min                  ? 
_reflns.limit_k_max                  ? 
_reflns.limit_k_min                  ? 
_reflns.limit_l_max                  ? 
_reflns.limit_l_min                  ? 
_reflns.observed_criterion_F_max     ? 
_reflns.observed_criterion_F_min     ? 
_reflns.pdbx_chi_squared             ? 
_reflns.pdbx_scaling_rejects         ? 
_reflns.pdbx_ordinal                 1 
_reflns.pdbx_diffrn_id               1 
# 
_reflns_shell.d_res_high             2.2 
_reflns_shell.d_res_low              2.28 
_reflns_shell.percent_possible_all   ? 
_reflns_shell.Rmerge_I_obs           ? 
_reflns_shell.pdbx_Rsym_value        0.28 
_reflns_shell.meanI_over_sigI_obs    1.8 
_reflns_shell.pdbx_redundancy        2.1 
_reflns_shell.percent_possible_obs   ? 
_reflns_shell.number_unique_all      ? 
_reflns_shell.number_measured_all    ? 
_reflns_shell.number_measured_obs    ? 
_reflns_shell.number_unique_obs      ? 
_reflns_shell.pdbx_chi_squared       ? 
_reflns_shell.pdbx_ordinal           1 
_reflns_shell.pdbx_diffrn_id         1 
# 
_refine.entry_id                                 2FOO 
_refine.ls_number_reflns_obs                     9378 
_refine.ls_number_reflns_all                     ? 
_refine.pdbx_ls_sigma_I                          ? 
_refine.pdbx_ls_sigma_F                          0.0 
_refine.pdbx_data_cutoff_high_absF               504674.30 
_refine.pdbx_data_cutoff_low_absF                0.000000 
_refine.pdbx_data_cutoff_high_rms_absF           ? 
_refine.ls_d_res_low                             19.87 
_refine.ls_d_res_high                            2.20 
_refine.ls_percent_reflns_obs                    83.0 
_refine.ls_R_factor_obs                          0.203 
_refine.ls_R_factor_all                          ? 
_refine.ls_R_factor_R_work                       0.203 
_refine.ls_R_factor_R_free                       0.246 
_refine.ls_R_factor_R_free_error                 0.010 
_refine.ls_R_factor_R_free_error_details         ? 
_refine.ls_percent_reflns_R_free                 6.2 
_refine.ls_number_reflns_R_free                  578 
_refine.ls_number_parameters                     ? 
_refine.ls_number_restraints                     ? 
_refine.occupancy_min                            ? 
_refine.occupancy_max                            ? 
_refine.correlation_coeff_Fo_to_Fc               ? 
_refine.correlation_coeff_Fo_to_Fc_free          ? 
_refine.B_iso_mean                               27.5 
_refine.aniso_B[1][1]                            -1.06 
_refine.aniso_B[2][2]                            -1.06 
_refine.aniso_B[3][3]                            2.12 
_refine.aniso_B[1][2]                            0.00 
_refine.aniso_B[1][3]                            0.00 
_refine.aniso_B[2][3]                            0.00 
_refine.solvent_model_details                    'FLAT MODEL' 
_refine.solvent_model_param_ksol                 0.367354 
_refine.solvent_model_param_bsol                 38.4369 
_refine.pdbx_solvent_vdw_probe_radii             ? 
_refine.pdbx_solvent_ion_probe_radii             ? 
_refine.pdbx_solvent_shrinkage_radii             ? 
_refine.pdbx_ls_cross_valid_method               THROUGHOUT 
_refine.details                                  ? 
_refine.pdbx_starting_model                      'pdb entry 1YY6' 
_refine.pdbx_method_to_determine_struct          'MOLECULAR REPLACEMENT' 
_refine.pdbx_isotropic_thermal_model             RESTRAINED 
_refine.pdbx_stereochemistry_target_values       ? 
_refine.pdbx_stereochem_target_val_spec_case     ? 
_refine.pdbx_R_Free_selection_details            RANDOM 
_refine.pdbx_overall_ESU_R                       ? 
_refine.pdbx_overall_ESU_R_Free                  ? 
_refine.overall_SU_ML                            ? 
_refine.overall_SU_B                             ? 
_refine.ls_redundancy_reflns_obs                 ? 
_refine.B_iso_min                                ? 
_refine.B_iso_max                                ? 
_refine.overall_SU_R_Cruickshank_DPI             ? 
_refine.overall_SU_R_free                        ? 
_refine.ls_wR_factor_R_free                      ? 
_refine.ls_wR_factor_R_work                      ? 
_refine.overall_FOM_free_R_set                   ? 
_refine.overall_FOM_work_R_set                   ? 
_refine.pdbx_refine_id                           'X-RAY DIFFRACTION' 
_refine.pdbx_overall_phase_error                 ? 
_refine.pdbx_diffrn_id                           1 
_refine.pdbx_TLS_residual_ADP_flag               ? 
_refine.pdbx_overall_SU_R_free_Cruickshank_DPI   ? 
_refine.pdbx_overall_SU_R_Blow_DPI               ? 
_refine.pdbx_overall_SU_R_free_Blow_DPI          ? 
# 
_refine_analyze.entry_id                        2FOO 
_refine_analyze.Luzzati_coordinate_error_obs    0.24 
_refine_analyze.Luzzati_sigma_a_obs             0.22 
_refine_analyze.Luzzati_d_res_low_obs           5.00 
_refine_analyze.Luzzati_coordinate_error_free   0.33 
_refine_analyze.Luzzati_sigma_a_free            0.19 
_refine_analyze.Luzzati_d_res_low_free          ? 
_refine_analyze.number_disordered_residues      ? 
_refine_analyze.occupancy_sum_hydrogen          ? 
_refine_analyze.occupancy_sum_non_hydrogen      ? 
_refine_analyze.pdbx_Luzzati_d_res_high_obs     ? 
_refine_analyze.pdbx_refine_id                  'X-RAY DIFFRACTION' 
# 
_refine_hist.pdbx_refine_id                   'X-RAY DIFFRACTION' 
_refine_hist.cycle_id                         LAST 
_refine_hist.pdbx_number_atoms_protein        1176 
_refine_hist.pdbx_number_atoms_nucleic_acid   0 
_refine_hist.pdbx_number_atoms_ligand         0 
_refine_hist.number_atoms_solvent             101 
_refine_hist.number_atoms_total               1277 
_refine_hist.d_res_high                       2.20 
_refine_hist.d_res_low                        19.87 
# 
loop_
_refine_ls_restr.type 
_refine_ls_restr.dev_ideal 
_refine_ls_restr.dev_ideal_target 
_refine_ls_restr.weight 
_refine_ls_restr.number 
_refine_ls_restr.pdbx_refine_id 
_refine_ls_restr.pdbx_restraint_function 
c_bond_d           0.006 ?    ? ? 'X-RAY DIFFRACTION' ? 
c_angle_deg        1.4   ?    ? ? 'X-RAY DIFFRACTION' ? 
c_dihedral_angle_d 25.2  ?    ? ? 'X-RAY DIFFRACTION' ? 
c_improper_angle_d 0.86  ?    ? ? 'X-RAY DIFFRACTION' ? 
c_mcbond_it        1.48  1.50 ? ? 'X-RAY DIFFRACTION' ? 
c_mcangle_it       2.41  2.00 ? ? 'X-RAY DIFFRACTION' ? 
c_scbond_it        2.29  2.00 ? ? 'X-RAY DIFFRACTION' ? 
c_scangle_it       3.35  2.50 ? ? 'X-RAY DIFFRACTION' ? 
# 
_refine_ls_shell.pdbx_total_number_of_bins_used   6 
_refine_ls_shell.d_res_high                       2.20 
_refine_ls_shell.d_res_low                        2.34 
_refine_ls_shell.number_reflns_R_work             1033 
_refine_ls_shell.R_factor_R_work                  0.25 
_refine_ls_shell.percent_reflns_obs               59.7 
_refine_ls_shell.R_factor_R_free                  0.283 
_refine_ls_shell.R_factor_R_free_error            0.035 
_refine_ls_shell.percent_reflns_R_free            5.8 
_refine_ls_shell.number_reflns_R_free             64 
_refine_ls_shell.number_reflns_all                ? 
_refine_ls_shell.R_factor_all                     ? 
_refine_ls_shell.number_reflns_obs                ? 
_refine_ls_shell.redundancy_reflns_obs            ? 
_refine_ls_shell.pdbx_refine_id                   'X-RAY DIFFRACTION' 
# 
loop_
_pdbx_xplor_file.serial_no 
_pdbx_xplor_file.param_file 
_pdbx_xplor_file.topol_file 
_pdbx_xplor_file.pdbx_refine_id 
1 protein_rep.param protein.top   'X-RAY DIFFRACTION' 
2 ?                 water_rep.top 'X-RAY DIFFRACTION' 
3 water_rep.param   ?             'X-RAY DIFFRACTION' 
# 
_struct.entry_id                  2FOO 
_struct.title                     'The Crystal Structure of the N-terminal domain of HAUSP/USP7 complexed with p53 peptide 359-362' 
_struct.pdbx_model_details        ? 
_struct.pdbx_CASP_flag            ? 
_struct.pdbx_model_type_details   ? 
# 
_struct_keywords.entry_id        2FOO 
_struct_keywords.pdbx_keywords   HYDROLASE 
_struct_keywords.text            'MATH Domain, HYDROLASE' 
# 
loop_
_struct_asym.id 
_struct_asym.pdbx_blank_PDB_chainid_flag 
_struct_asym.pdbx_modified 
_struct_asym.entity_id 
_struct_asym.details 
A N N 1 ? 
B N N 2 ? 
C N N 3 ? 
D N N 3 ? 
# 
_struct_biol.id   1 
# 
loop_
_struct_conf.conf_type_id 
_struct_conf.id 
_struct_conf.pdbx_PDB_helix_id 
_struct_conf.beg_label_comp_id 
_struct_conf.beg_label_asym_id 
_struct_conf.beg_label_seq_id 
_struct_conf.pdbx_beg_PDB_ins_code 
_struct_conf.end_label_comp_id 
_struct_conf.end_label_asym_id 
_struct_conf.end_label_seq_id 
_struct_conf.pdbx_end_PDB_ins_code 
_struct_conf.beg_auth_comp_id 
_struct_conf.beg_auth_asym_id 
_struct_conf.beg_auth_seq_id 
_struct_conf.end_auth_comp_id 
_struct_conf.end_auth_asym_id 
_struct_conf.end_auth_seq_id 
_struct_conf.pdbx_PDB_helix_class 
_struct_conf.details 
_struct_conf.pdbx_PDB_helix_length 
HELX_P HELX_P1 1 ARG A 27  ? LEU A 31  ? ARG A 77  LEU A 81  5 ? 5 
HELX_P HELX_P2 2 ASP A 95  ? SER A 99  ? ASP A 145 SER A 149 5 ? 5 
HELX_P HELX_P3 3 TRP A 123 ? THR A 127 ? TRP A 173 THR A 177 1 ? 5 
# 
_struct_conf_type.id          HELX_P 
_struct_conf_type.criteria    ? 
_struct_conf_type.reference   ? 
# 
loop_
_struct_sheet.id 
_struct_sheet.type 
_struct_sheet.number_strands 
_struct_sheet.details 
A ? 4 ? 
B ? 3 ? 
C ? 4 ? 
# 
loop_
_struct_sheet_order.sheet_id 
_struct_sheet_order.range_id_1 
_struct_sheet_order.range_id_2 
_struct_sheet_order.offset 
_struct_sheet_order.sense 
A 1 2 ? anti-parallel 
A 2 3 ? anti-parallel 
A 3 4 ? anti-parallel 
B 1 2 ? anti-parallel 
B 2 3 ? anti-parallel 
C 1 2 ? anti-parallel 
C 2 3 ? anti-parallel 
C 3 4 ? anti-parallel 
# 
loop_
_struct_sheet_range.sheet_id 
_struct_sheet_range.id 
_struct_sheet_range.beg_label_comp_id 
_struct_sheet_range.beg_label_asym_id 
_struct_sheet_range.beg_label_seq_id 
_struct_sheet_range.pdbx_beg_PDB_ins_code 
_struct_sheet_range.end_label_comp_id 
_struct_sheet_range.end_label_asym_id 
_struct_sheet_range.end_label_seq_id 
_struct_sheet_range.pdbx_end_PDB_ins_code 
_struct_sheet_range.beg_auth_comp_id 
_struct_sheet_range.beg_auth_asym_id 
_struct_sheet_range.beg_auth_seq_id 
_struct_sheet_range.end_auth_comp_id 
_struct_sheet_range.end_auth_asym_id 
_struct_sheet_range.end_auth_seq_id 
A 1 GLU A 18  ? VAL A 25  ? GLU A 68  VAL A 75  
A 2 VAL A 139 ? ALA A 147 ? VAL A 189 ALA A 197 
A 3 SER A 81  ? ILE A 90  ? SER A 131 ILE A 140 
A 4 PHE A 100 ? PHE A 109 ? PHE A 150 PHE A 159 
B 1 VAL A 35  ? LEU A 36  ? VAL A 85  LEU A 86  
B 2 LEU A 45  ? ARG A 54  ? LEU A 95  ARG A 104 
B 3 CYS A 40  ? VAL A 42  ? CYS A 90  VAL A 92  
C 1 VAL A 35  ? LEU A 36  ? VAL A 85  LEU A 86  
C 2 LEU A 45  ? ARG A 54  ? LEU A 95  ARG A 104 
C 3 SER A 64  ? CYS A 71  ? SER A 114 CYS A 121 
C 4 ASP A 114 ? ALA A 122 ? ASP A 164 ALA A 172 
# 
loop_
_pdbx_struct_sheet_hbond.sheet_id 
_pdbx_struct_sheet_hbond.range_id_1 
_pdbx_struct_sheet_hbond.range_id_2 
_pdbx_struct_sheet_hbond.range_1_label_atom_id 
_pdbx_struct_sheet_hbond.range_1_label_comp_id 
_pdbx_struct_sheet_hbond.range_1_label_asym_id 
_pdbx_struct_sheet_hbond.range_1_label_seq_id 
_pdbx_struct_sheet_hbond.range_1_PDB_ins_code 
_pdbx_struct_sheet_hbond.range_1_auth_atom_id 
_pdbx_struct_sheet_hbond.range_1_auth_comp_id 
_pdbx_struct_sheet_hbond.range_1_auth_asym_id 
_pdbx_struct_sheet_hbond.range_1_auth_seq_id 
_pdbx_struct_sheet_hbond.range_2_label_atom_id 
_pdbx_struct_sheet_hbond.range_2_label_comp_id 
_pdbx_struct_sheet_hbond.range_2_label_asym_id 
_pdbx_struct_sheet_hbond.range_2_label_seq_id 
_pdbx_struct_sheet_hbond.range_2_PDB_ins_code 
_pdbx_struct_sheet_hbond.range_2_auth_atom_id 
_pdbx_struct_sheet_hbond.range_2_auth_comp_id 
_pdbx_struct_sheet_hbond.range_2_auth_asym_id 
_pdbx_struct_sheet_hbond.range_2_auth_seq_id 
A 1 2 N VAL A 25  ? N VAL A 75  O VAL A 139 ? O VAL A 189 
A 2 3 O GLU A 142 ? O GLU A 192 N LYS A 89  ? N LYS A 139 
A 3 4 N LEU A 88  ? N LEU A 138 O ARG A 102 ? O ARG A 152 
B 1 2 N VAL A 35  ? N VAL A 85  O VAL A 51  ? O VAL A 101 
B 2 3 O LEU A 45  ? O LEU A 95  N VAL A 42  ? N VAL A 92  
C 1 2 N VAL A 35  ? N VAL A 85  O VAL A 51  ? O VAL A 101 
C 2 3 N MET A 50  ? N MET A 100 O PHE A 68  ? O PHE A 118 
C 3 4 N VAL A 65  ? N VAL A 115 O MET A 121 ? O MET A 171 
# 
_atom_sites.entry_id                    2FOO 
_atom_sites.fract_transf_matrix[1][1]   -0.00432694 
_atom_sites.fract_transf_matrix[1][2]   0.01059709 
_atom_sites.fract_transf_matrix[1][3]   0.00860807 
_atom_sites.fract_transf_matrix[2][1]   -0.01151403 
_atom_sites.fract_transf_matrix[2][2]   -0.00768484 
_atom_sites.fract_transf_matrix[2][3]   0.00367288 
_atom_sites.fract_transf_matrix[3][1]   0.01125116 
_atom_sites.fract_transf_matrix[3][2]   -0.00891124 
_atom_sites.fract_transf_matrix[3][3]   0.01662584 
_atom_sites.fract_transf_vector[1]      0.415678 
_atom_sites.fract_transf_vector[2]      -0.143886 
_atom_sites.fract_transf_vector[3]      -0.389451 
# 
loop_
_atom_type.symbol 
C 
N 
O 
S 
# 
loop_
_atom_site.group_PDB 
_atom_site.id 
_atom_site.type_symbol 
_atom_site.label_atom_id 
_atom_site.label_alt_id 
_atom_site.label_comp_id 
_atom_site.label_asym_id 
_atom_site.label_entity_id 
_atom_site.label_seq_id 
_atom_site.pdbx_PDB_ins_code 
_atom_site.Cartn_x 
_atom_site.Cartn_y 
_atom_site.Cartn_z 
_atom_site.occupancy 
_atom_site.B_iso_or_equiv 
_atom_site.pdbx_formal_charge 
_atom_site.auth_seq_id 
_atom_site.auth_comp_id 
_atom_site.auth_asym_id 
_atom_site.auth_atom_id 
_atom_site.pdbx_PDB_model_num 
ATOM   1    N N   . THR A 1 13  ? -13.635 -15.304 -3.796  1.00 33.86 ? 63   THR A N   1 
ATOM   2    C CA  . THR A 1 13  ? -14.622 -14.455 -3.062  1.00 33.10 ? 63   THR A CA  1 
ATOM   3    C C   . THR A 1 13  ? -13.919 -13.494 -2.107  1.00 31.61 ? 63   THR A C   1 
ATOM   4    O O   . THR A 1 13  ? -12.703 -13.560 -1.922  1.00 30.03 ? 63   THR A O   1 
ATOM   5    C CB  . THR A 1 13  ? -15.595 -15.314 -2.233  1.00 35.04 ? 63   THR A CB  1 
ATOM   6    O OG1 . THR A 1 13  ? -14.931 -15.790 -1.054  1.00 37.75 ? 63   THR A OG1 1 
ATOM   7    C CG2 . THR A 1 13  ? -16.080 -16.510 -3.052  1.00 36.54 ? 63   THR A CG2 1 
ATOM   8    N N   . SER A 1 14  ? -14.699 -12.613 -1.489  1.00 31.02 ? 64   SER A N   1 
ATOM   9    C CA  . SER A 1 14  ? -14.156 -11.633 -0.557  1.00 31.02 ? 64   SER A CA  1 
ATOM   10   C C   . SER A 1 14  ? -13.571 -12.263 0.705   1.00 29.51 ? 64   SER A C   1 
ATOM   11   O O   . SER A 1 14  ? -12.864 -11.595 1.456   1.00 28.89 ? 64   SER A O   1 
ATOM   12   C CB  . SER A 1 14  ? -15.233 -10.611 -0.176  1.00 31.79 ? 64   SER A CB  1 
ATOM   13   O OG  . SER A 1 14  ? -16.343 -11.238 0.439   1.00 33.80 ? 64   SER A OG  1 
ATOM   14   N N   . TRP A 1 15  ? -13.854 -13.541 0.940   1.00 28.78 ? 65   TRP A N   1 
ATOM   15   C CA  . TRP A 1 15  ? -13.324 -14.215 2.123   1.00 29.71 ? 65   TRP A CA  1 
ATOM   16   C C   . TRP A 1 15  ? -11.940 -14.787 1.855   1.00 28.91 ? 65   TRP A C   1 
ATOM   17   O O   . TRP A 1 15  ? -11.328 -15.378 2.746   1.00 27.96 ? 65   TRP A O   1 
ATOM   18   C CB  . TRP A 1 15  ? -14.256 -15.345 2.589   1.00 30.81 ? 65   TRP A CB  1 
ATOM   19   C CG  . TRP A 1 15  ? -15.584 -14.865 3.084   1.00 32.70 ? 65   TRP A CG  1 
ATOM   20   C CD1 . TRP A 1 15  ? -16.776 -14.906 2.414   1.00 33.26 ? 65   TRP A CD1 1 
ATOM   21   C CD2 . TRP A 1 15  ? -15.848 -14.216 4.332   1.00 32.33 ? 65   TRP A CD2 1 
ATOM   22   N NE1 . TRP A 1 15  ? -17.763 -14.319 3.169   1.00 33.63 ? 65   TRP A NE1 1 
ATOM   23   C CE2 . TRP A 1 15  ? -17.221 -13.887 4.350   1.00 33.36 ? 65   TRP A CE2 1 
ATOM   24   C CE3 . TRP A 1 15  ? -15.057 -13.877 5.438   1.00 35.42 ? 65   TRP A CE3 1 
ATOM   25   C CZ2 . TRP A 1 15  ? -17.821 -13.235 5.432   1.00 34.56 ? 65   TRP A CZ2 1 
ATOM   26   C CZ3 . TRP A 1 15  ? -15.654 -13.228 6.515   1.00 35.00 ? 65   TRP A CZ3 1 
ATOM   27   C CH2 . TRP A 1 15  ? -17.024 -12.915 6.502   1.00 35.46 ? 65   TRP A CH2 1 
ATOM   28   N N   . ARG A 1 16  ? -11.456 -14.612 0.625   1.00 28.62 ? 66   ARG A N   1 
ATOM   29   C CA  . ARG A 1 16  ? -10.134 -15.104 0.233   1.00 27.44 ? 66   ARG A CA  1 
ATOM   30   C C   . ARG A 1 16  ? -9.139  -14.713 1.331   1.00 25.50 ? 66   ARG A C   1 
ATOM   31   O O   . ARG A 1 16  ? -9.298  -13.677 1.975   1.00 24.13 ? 66   ARG A O   1 
ATOM   32   C CB  . ARG A 1 16  ? -9.713  -14.482 -1.106  1.00 28.33 ? 66   ARG A CB  1 
ATOM   33   C CG  . ARG A 1 16  ? -9.189  -13.062 -0.975  1.00 32.69 ? 66   ARG A CG  1 
ATOM   34   C CD  . ARG A 1 16  ? -9.912  -12.058 -1.853  1.00 32.71 ? 66   ARG A CD  1 
ATOM   35   N NE  . ARG A 1 16  ? -9.588  -12.209 -3.264  1.00 36.14 ? 66   ARG A NE  1 
ATOM   36   C CZ  . ARG A 1 16  ? -9.584  -11.208 -4.143  1.00 37.47 ? 66   ARG A CZ  1 
ATOM   37   N NH1 . ARG A 1 16  ? -9.885  -9.974  -3.756  1.00 35.91 ? 66   ARG A NH1 1 
ATOM   38   N NH2 . ARG A 1 16  ? -9.277  -11.442 -5.415  1.00 37.29 ? 66   ARG A NH2 1 
ATOM   39   N N   . SER A 1 17  ? -8.121  -15.542 1.544   1.00 24.83 ? 67   SER A N   1 
ATOM   40   C CA  . SER A 1 17  ? -7.127  -15.283 2.581   1.00 24.47 ? 67   SER A CA  1 
ATOM   41   C C   . SER A 1 17  ? -5.935  -14.467 2.074   1.00 24.73 ? 67   SER A C   1 
ATOM   42   O O   . SER A 1 17  ? -5.059  -14.075 2.846   1.00 23.28 ? 67   SER A O   1 
ATOM   43   C CB  . SER A 1 17  ? -6.633  -16.605 3.163   1.00 24.49 ? 67   SER A CB  1 
ATOM   44   O OG  . SER A 1 17  ? -5.915  -17.339 2.189   1.00 21.98 ? 67   SER A OG  1 
ATOM   45   N N   . GLU A 1 18  ? -5.897  -14.219 0.772   1.00 24.24 ? 68   GLU A N   1 
ATOM   46   C CA  . GLU A 1 18  ? -4.818  -13.438 0.188   1.00 23.80 ? 68   GLU A CA  1 
ATOM   47   C C   . GLU A 1 18  ? -5.225  -12.943 -1.191  1.00 24.15 ? 68   GLU A C   1 
ATOM   48   O O   . GLU A 1 18  ? -6.179  -13.440 -1.781  1.00 22.95 ? 68   GLU A O   1 
ATOM   49   C CB  . GLU A 1 18  ? -3.537  -14.276 0.091   1.00 23.68 ? 68   GLU A CB  1 
ATOM   50   C CG  . GLU A 1 18  ? -3.670  -15.553 -0.729  1.00 26.87 ? 68   GLU A CG  1 
ATOM   51   C CD  . GLU A 1 18  ? -2.371  -16.349 -0.793  1.00 29.45 ? 68   GLU A CD  1 
ATOM   52   O OE1 . GLU A 1 18  ? -1.833  -16.717 0.276   1.00 30.23 ? 68   GLU A OE1 1 
ATOM   53   O OE2 . GLU A 1 18  ? -1.888  -16.609 -1.915  1.00 30.30 ? 68   GLU A OE2 1 
ATOM   54   N N   . ALA A 1 19  ? -4.504  -11.949 -1.693  1.00 24.05 ? 69   ALA A N   1 
ATOM   55   C CA  . ALA A 1 19  ? -4.788  -11.399 -3.010  1.00 24.35 ? 69   ALA A CA  1 
ATOM   56   C C   . ALA A 1 19  ? -3.725  -10.393 -3.403  1.00 23.78 ? 69   ALA A C   1 
ATOM   57   O O   . ALA A 1 19  ? -2.966  -9.912  -2.564  1.00 23.70 ? 69   ALA A O   1 
ATOM   58   C CB  . ALA A 1 19  ? -6.160  -10.734 -3.029  1.00 23.62 ? 69   ALA A CB  1 
ATOM   59   N N   . THR A 1 20  ? -3.672  -10.098 -4.694  1.00 24.47 ? 70   THR A N   1 
ATOM   60   C CA  . THR A 1 20  ? -2.730  -9.136  -5.238  1.00 23.84 ? 70   THR A CA  1 
ATOM   61   C C   . THR A 1 20  ? -3.568  -8.101  -5.969  1.00 23.28 ? 70   THR A C   1 
ATOM   62   O O   . THR A 1 20  ? -4.430  -8.458  -6.778  1.00 22.83 ? 70   THR A O   1 
ATOM   63   C CB  . THR A 1 20  ? -1.775  -9.780  -6.273  1.00 24.61 ? 70   THR A CB  1 
ATOM   64   O OG1 . THR A 1 20  ? -1.107  -10.904 -5.689  1.00 25.61 ? 70   THR A OG1 1 
ATOM   65   C CG2 . THR A 1 20  ? -0.728  -8.775  -6.727  1.00 24.23 ? 70   THR A CG2 1 
ATOM   66   N N   . PHE A 1 21  ? -3.346  -6.828  -5.671  1.00 21.43 ? 71   PHE A N   1 
ATOM   67   C CA  . PHE A 1 21  ? -4.082  -5.779  -6.360  1.00 19.88 ? 71   PHE A CA  1 
ATOM   68   C C   . PHE A 1 21  ? -3.138  -4.620  -6.651  1.00 20.70 ? 71   PHE A C   1 
ATOM   69   O O   . PHE A 1 21  ? -2.070  -4.508  -6.038  1.00 18.83 ? 71   PHE A O   1 
ATOM   70   C CB  . PHE A 1 21  ? -5.304  -5.313  -5.545  1.00 18.40 ? 71   PHE A CB  1 
ATOM   71   C CG  . PHE A 1 21  ? -4.963  -4.629  -4.244  1.00 19.86 ? 71   PHE A CG  1 
ATOM   72   C CD1 . PHE A 1 21  ? -4.493  -5.360  -3.153  1.00 16.62 ? 71   PHE A CD1 1 
ATOM   73   C CD2 . PHE A 1 21  ? -5.142  -3.252  -4.103  1.00 18.48 ? 71   PHE A CD2 1 
ATOM   74   C CE1 . PHE A 1 21  ? -4.210  -4.731  -1.940  1.00 16.40 ? 71   PHE A CE1 1 
ATOM   75   C CE2 . PHE A 1 21  ? -4.859  -2.613  -2.893  1.00 20.02 ? 71   PHE A CE2 1 
ATOM   76   C CZ  . PHE A 1 21  ? -4.394  -3.355  -1.809  1.00 17.82 ? 71   PHE A CZ  1 
ATOM   77   N N   . GLN A 1 22  ? -3.523  -3.772  -7.602  1.00 20.06 ? 72   GLN A N   1 
ATOM   78   C CA  . GLN A 1 22  ? -2.693  -2.639  -7.989  1.00 21.52 ? 72   GLN A CA  1 
ATOM   79   C C   . GLN A 1 22  ? -3.472  -1.337  -8.058  1.00 20.41 ? 72   GLN A C   1 
ATOM   80   O O   . GLN A 1 22  ? -4.693  -1.332  -8.220  1.00 21.13 ? 72   GLN A O   1 
ATOM   81   C CB  . GLN A 1 22  ? -2.061  -2.886  -9.359  1.00 21.77 ? 72   GLN A CB  1 
ATOM   82   C CG  . GLN A 1 22  ? -1.439  -4.247  -9.528  1.00 26.29 ? 72   GLN A CG  1 
ATOM   83   C CD  . GLN A 1 22  ? -0.680  -4.378  -10.835 1.00 30.55 ? 72   GLN A CD  1 
ATOM   84   O OE1 . GLN A 1 22  ? -1.143  -3.930  -11.892 1.00 30.45 ? 72   GLN A OE1 1 
ATOM   85   N NE2 . GLN A 1 22  ? 0.486   -5.007  -10.774 1.00 31.22 ? 72   GLN A NE2 1 
ATOM   86   N N   . PHE A 1 23  ? -2.737  -0.237  -7.959  1.00 20.75 ? 73   PHE A N   1 
ATOM   87   C CA  . PHE A 1 23  ? -3.304  1.106   -8.026  1.00 19.70 ? 73   PHE A CA  1 
ATOM   88   C C   . PHE A 1 23  ? -2.326  2.002   -8.770  1.00 20.21 ? 73   PHE A C   1 
ATOM   89   O O   . PHE A 1 23  ? -1.190  2.196   -8.321  1.00 18.72 ? 73   PHE A O   1 
ATOM   90   C CB  . PHE A 1 23  ? -3.522  1.669   -6.623  1.00 18.85 ? 73   PHE A CB  1 
ATOM   91   C CG  . PHE A 1 23  ? -4.128  3.047   -6.611  1.00 19.70 ? 73   PHE A CG  1 
ATOM   92   C CD1 . PHE A 1 23  ? -5.307  3.311   -7.312  1.00 18.86 ? 73   PHE A CD1 1 
ATOM   93   C CD2 . PHE A 1 23  ? -3.544  4.070   -5.872  1.00 19.76 ? 73   PHE A CD2 1 
ATOM   94   C CE1 . PHE A 1 23  ? -5.893  4.570   -7.273  1.00 19.46 ? 73   PHE A CE1 1 
ATOM   95   C CE2 . PHE A 1 23  ? -4.122  5.335   -5.825  1.00 21.49 ? 73   PHE A CE2 1 
ATOM   96   C CZ  . PHE A 1 23  ? -5.303  5.587   -6.528  1.00 21.38 ? 73   PHE A CZ  1 
ATOM   97   N N   . THR A 1 24  ? -2.758  2.541   -9.907  1.00 20.17 ? 74   THR A N   1 
ATOM   98   C CA  . THR A 1 24  ? -1.898  3.424   -10.686 1.00 20.16 ? 74   THR A CA  1 
ATOM   99   C C   . THR A 1 24  ? -2.195  4.882   -10.341 1.00 20.55 ? 74   THR A C   1 
ATOM   100  O O   . THR A 1 24  ? -3.321  5.352   -10.508 1.00 19.01 ? 74   THR A O   1 
ATOM   101  C CB  . THR A 1 24  ? -2.087  3.206   -12.206 1.00 20.36 ? 74   THR A CB  1 
ATOM   102  O OG1 . THR A 1 24  ? -1.727  1.862   -12.542 1.00 22.15 ? 74   THR A OG1 1 
ATOM   103  C CG2 . THR A 1 24  ? -1.191  4.148   -13.000 1.00 20.32 ? 74   THR A CG2 1 
ATOM   104  N N   . VAL A 1 25  ? -1.179  5.585   -9.848  1.00 20.17 ? 75   VAL A N   1 
ATOM   105  C CA  . VAL A 1 25  ? -1.319  6.989   -9.482  1.00 21.17 ? 75   VAL A CA  1 
ATOM   106  C C   . VAL A 1 25  ? -0.960  7.861   -10.685 1.00 23.09 ? 75   VAL A C   1 
ATOM   107  O O   . VAL A 1 25  ? 0.137   7.760   -11.231 1.00 22.02 ? 75   VAL A O   1 
ATOM   108  C CB  . VAL A 1 25  ? -0.394  7.339   -8.292  1.00 20.49 ? 75   VAL A CB  1 
ATOM   109  C CG1 . VAL A 1 25  ? -0.466  8.822   -7.987  1.00 17.79 ? 75   VAL A CG1 1 
ATOM   110  C CG2 . VAL A 1 25  ? -0.797  6.530   -7.071  1.00 21.01 ? 75   VAL A CG2 1 
ATOM   111  N N   . GLU A 1 26  ? -1.891  8.715   -11.092 1.00 24.59 ? 76   GLU A N   1 
ATOM   112  C CA  . GLU A 1 26  ? -1.678  9.587   -12.241 1.00 26.12 ? 76   GLU A CA  1 
ATOM   113  C C   . GLU A 1 26  ? -1.155  10.966  -11.843 1.00 24.83 ? 76   GLU A C   1 
ATOM   114  O O   . GLU A 1 26  ? -1.292  11.376  -10.692 1.00 23.63 ? 76   GLU A O   1 
ATOM   115  C CB  . GLU A 1 26  ? -2.982  9.700   -13.040 1.00 27.43 ? 76   GLU A CB  1 
ATOM   116  C CG  . GLU A 1 26  ? -3.421  8.356   -13.628 1.00 31.45 ? 76   GLU A CG  1 
ATOM   117  C CD  . GLU A 1 26  ? -4.793  8.400   -14.280 1.00 34.33 ? 76   GLU A CD  1 
ATOM   118  O OE1 . GLU A 1 26  ? -5.032  9.292   -15.122 1.00 34.05 ? 76   GLU A OE1 1 
ATOM   119  O OE2 . GLU A 1 26  ? -5.631  7.533   -13.954 1.00 36.12 ? 76   GLU A OE2 1 
ATOM   120  N N   . ARG A 1 27  ? -0.542  11.668  -12.797 1.00 24.34 ? 77   ARG A N   1 
ATOM   121  C CA  . ARG A 1 27  ? 0.019   12.990  -12.533 1.00 25.21 ? 77   ARG A CA  1 
ATOM   122  C C   . ARG A 1 27  ? 0.902   12.877  -11.300 1.00 22.88 ? 77   ARG A C   1 
ATOM   123  O O   . ARG A 1 27  ? 0.935   13.763  -10.453 1.00 23.26 ? 77   ARG A O   1 
ATOM   124  C CB  . ARG A 1 27  ? -1.102  14.003  -12.279 1.00 26.78 ? 77   ARG A CB  1 
ATOM   125  C CG  . ARG A 1 27  ? -2.000  14.236  -13.479 1.00 32.67 ? 77   ARG A CG  1 
ATOM   126  C CD  . ARG A 1 27  ? -3.185  15.126  -13.133 1.00 38.07 ? 77   ARG A CD  1 
ATOM   127  N NE  . ARG A 1 27  ? -4.060  15.334  -14.284 1.00 45.24 ? 77   ARG A NE  1 
ATOM   128  C CZ  . ARG A 1 27  ? -5.338  15.692  -14.202 1.00 48.01 ? 77   ARG A CZ  1 
ATOM   129  N NH1 . ARG A 1 27  ? -5.904  15.885  -13.016 1.00 50.56 ? 77   ARG A NH1 1 
ATOM   130  N NH2 . ARG A 1 27  ? -6.057  15.845  -15.308 1.00 49.66 ? 77   ARG A NH2 1 
ATOM   131  N N   . PHE A 1 28  ? 1.612   11.761  -11.216 1.00 21.81 ? 78   PHE A N   1 
ATOM   132  C CA  . PHE A 1 28  ? 2.487   11.466  -10.094 1.00 21.73 ? 78   PHE A CA  1 
ATOM   133  C C   . PHE A 1 28  ? 3.456   12.582  -9.716  1.00 20.89 ? 78   PHE A C   1 
ATOM   134  O O   . PHE A 1 28  ? 3.565   12.945  -8.547  1.00 20.12 ? 78   PHE A O   1 
ATOM   135  C CB  . PHE A 1 28  ? 3.284   10.197  -10.378 1.00 19.57 ? 78   PHE A CB  1 
ATOM   136  C CG  . PHE A 1 28  ? 3.959   9.639   -9.170  1.00 19.48 ? 78   PHE A CG  1 
ATOM   137  C CD1 . PHE A 1 28  ? 3.266   8.812   -8.299  1.00 18.32 ? 78   PHE A CD1 1 
ATOM   138  C CD2 . PHE A 1 28  ? 5.279   9.969   -8.880  1.00 17.51 ? 78   PHE A CD2 1 
ATOM   139  C CE1 . PHE A 1 28  ? 3.876   8.319   -7.153  1.00 18.85 ? 78   PHE A CE1 1 
ATOM   140  C CE2 . PHE A 1 28  ? 5.897   9.486   -7.741  1.00 18.72 ? 78   PHE A CE2 1 
ATOM   141  C CZ  . PHE A 1 28  ? 5.195   8.656   -6.871  1.00 19.28 ? 78   PHE A CZ  1 
ATOM   142  N N   . SER A 1 29  ? 4.171   13.115  -10.700 1.00 21.11 ? 79   SER A N   1 
ATOM   143  C CA  . SER A 1 29  ? 5.137   14.175  -10.433 1.00 23.19 ? 79   SER A CA  1 
ATOM   144  C C   . SER A 1 29  ? 4.513   15.358  -9.699  1.00 24.47 ? 79   SER A C   1 
ATOM   145  O O   . SER A 1 29  ? 5.216   16.128  -9.038  1.00 24.24 ? 79   SER A O   1 
ATOM   146  C CB  . SER A 1 29  ? 5.767   14.657  -11.742 1.00 22.91 ? 79   SER A CB  1 
ATOM   147  O OG  . SER A 1 29  ? 4.776   15.164  -12.619 1.00 26.86 ? 79   SER A OG  1 
ATOM   148  N N   . ARG A 1 30  ? 3.193   15.491  -9.805  1.00 24.73 ? 80   ARG A N   1 
ATOM   149  C CA  . ARG A 1 30  ? 2.471   16.587  -9.168  1.00 26.45 ? 80   ARG A CA  1 
ATOM   150  C C   . ARG A 1 30  ? 1.749   16.189  -7.880  1.00 26.84 ? 80   ARG A C   1 
ATOM   151  O O   . ARG A 1 30  ? 0.999   16.991  -7.319  1.00 25.94 ? 80   ARG A O   1 
ATOM   152  C CB  . ARG A 1 30  ? 1.466   17.183  -10.161 1.00 26.96 ? 80   ARG A CB  1 
ATOM   153  C CG  . ARG A 1 30  ? 2.130   17.819  -11.385 1.00 32.58 ? 80   ARG A CG  1 
ATOM   154  C CD  . ARG A 1 30  ? 1.319   17.613  -12.662 1.00 35.40 ? 80   ARG A CD  1 
ATOM   155  N NE  . ARG A 1 30  ? 0.006   18.250  -12.607 1.00 39.66 ? 80   ARG A NE  1 
ATOM   156  C CZ  . ARG A 1 30  ? -0.962  18.041  -13.497 1.00 41.49 ? 80   ARG A CZ  1 
ATOM   157  N NH1 . ARG A 1 30  ? -0.764  17.210  -14.514 1.00 42.01 ? 80   ARG A NH1 1 
ATOM   158  N NH2 . ARG A 1 30  ? -2.132  18.654  -13.363 1.00 39.46 ? 80   ARG A NH2 1 
ATOM   159  N N   . LEU A 1 31  ? 1.976   14.966  -7.408  1.00 26.51 ? 81   LEU A N   1 
ATOM   160  C CA  . LEU A 1 31  ? 1.325   14.493  -6.181  1.00 27.60 ? 81   LEU A CA  1 
ATOM   161  C C   . LEU A 1 31  ? 1.653   15.429  -5.007  1.00 28.71 ? 81   LEU A C   1 
ATOM   162  O O   . LEU A 1 31  ? 2.818   15.736  -4.766  1.00 28.82 ? 81   LEU A O   1 
ATOM   163  C CB  . LEU A 1 31  ? 1.786   13.066  -5.852  1.00 25.52 ? 81   LEU A CB  1 
ATOM   164  C CG  . LEU A 1 31  ? 0.953   12.319  -4.805  1.00 25.96 ? 81   LEU A CG  1 
ATOM   165  C CD1 . LEU A 1 31  ? -0.416  11.988  -5.390  1.00 24.72 ? 81   LEU A CD1 1 
ATOM   166  C CD2 . LEU A 1 31  ? 1.662   11.049  -4.384  1.00 25.57 ? 81   LEU A CD2 1 
ATOM   167  N N   . SER A 1 32  ? 0.631   15.878  -4.280  1.00 29.78 ? 82   SER A N   1 
ATOM   168  C CA  . SER A 1 32  ? 0.847   16.795  -3.157  1.00 31.98 ? 82   SER A CA  1 
ATOM   169  C C   . SER A 1 32  ? 0.123   16.399  -1.876  1.00 33.47 ? 82   SER A C   1 
ATOM   170  O O   . SER A 1 32  ? 0.459   16.882  -0.795  1.00 35.43 ? 82   SER A O   1 
ATOM   171  C CB  . SER A 1 32  ? 0.434   18.215  -3.549  1.00 30.95 ? 82   SER A CB  1 
ATOM   172  O OG  . SER A 1 32  ? -0.888  18.233  -4.064  1.00 34.10 ? 82   SER A OG  1 
ATOM   173  N N   . GLU A 1 33  ? -0.882  15.542  -2.001  1.00 34.42 ? 83   GLU A N   1 
ATOM   174  C CA  . GLU A 1 33  ? -1.638  15.065  -0.845  1.00 34.49 ? 83   GLU A CA  1 
ATOM   175  C C   . GLU A 1 33  ? -1.569  13.546  -0.937  1.00 32.91 ? 83   GLU A C   1 
ATOM   176  O O   . GLU A 1 33  ? -1.053  13.001  -1.916  1.00 31.90 ? 83   GLU A O   1 
ATOM   177  C CB  . GLU A 1 33  ? -3.105  15.507  -0.925  1.00 37.89 ? 83   GLU A CB  1 
ATOM   178  C CG  . GLU A 1 33  ? -3.328  16.979  -1.288  1.00 46.16 ? 83   GLU A CG  1 
ATOM   179  C CD  . GLU A 1 33  ? -3.043  17.949  -0.143  1.00 49.49 ? 83   GLU A CD  1 
ATOM   180  O OE1 . GLU A 1 33  ? -3.104  19.177  -0.379  1.00 50.25 ? 83   GLU A OE1 1 
ATOM   181  O OE2 . GLU A 1 33  ? -2.765  17.495  0.990   1.00 52.54 ? 83   GLU A OE2 1 
ATOM   182  N N   . SER A 1 34  ? -2.076  12.856  0.074   1.00 30.07 ? 84   SER A N   1 
ATOM   183  C CA  . SER A 1 34  ? -2.064  11.406  0.038   1.00 28.20 ? 84   SER A CA  1 
ATOM   184  C C   . SER A 1 34  ? -3.247  10.925  -0.798  1.00 26.12 ? 84   SER A C   1 
ATOM   185  O O   . SER A 1 34  ? -4.320  11.529  -0.774  1.00 25.06 ? 84   SER A O   1 
ATOM   186  C CB  . SER A 1 34  ? -2.153  10.837  1.452   1.00 28.55 ? 84   SER A CB  1 
ATOM   187  O OG  . SER A 1 34  ? -3.331  11.276  2.091   1.00 29.35 ? 84   SER A OG  1 
ATOM   188  N N   . VAL A 1 35  ? -3.033  9.845   -1.544  1.00 24.43 ? 85   VAL A N   1 
ATOM   189  C CA  . VAL A 1 35  ? -4.063  9.259   -2.395  1.00 21.83 ? 85   VAL A CA  1 
ATOM   190  C C   . VAL A 1 35  ? -4.362  7.842   -1.915  1.00 22.12 ? 85   VAL A C   1 
ATOM   191  O O   . VAL A 1 35  ? -3.469  7.137   -1.434  1.00 22.48 ? 85   VAL A O   1 
ATOM   192  C CB  . VAL A 1 35  ? -3.605  9.206   -3.873  1.00 21.14 ? 85   VAL A CB  1 
ATOM   193  C CG1 . VAL A 1 35  ? -3.412  10.618  -4.412  1.00 25.08 ? 85   VAL A CG1 1 
ATOM   194  C CG2 . VAL A 1 35  ? -2.297  8.444   -3.981  1.00 20.63 ? 85   VAL A CG2 1 
ATOM   195  N N   . LEU A 1 36  ? -5.614  7.428   -2.064  1.00 21.34 ? 86   LEU A N   1 
ATOM   196  C CA  . LEU A 1 36  ? -6.055  6.109   -1.636  1.00 21.14 ? 86   LEU A CA  1 
ATOM   197  C C   . LEU A 1 36  ? -6.661  5.350   -2.815  1.00 20.82 ? 86   LEU A C   1 
ATOM   198  O O   . LEU A 1 36  ? -7.373  5.929   -3.632  1.00 18.97 ? 86   LEU A O   1 
ATOM   199  C CB  . LEU A 1 36  ? -7.100  6.275   -0.528  1.00 24.96 ? 86   LEU A CB  1 
ATOM   200  C CG  . LEU A 1 36  ? -7.009  5.426   0.745   1.00 30.13 ? 86   LEU A CG  1 
ATOM   201  C CD1 . LEU A 1 36  ? -5.571  5.379   1.268   1.00 28.71 ? 86   LEU A CD1 1 
ATOM   202  C CD2 . LEU A 1 36  ? -7.949  6.026   1.798   1.00 29.15 ? 86   LEU A CD2 1 
ATOM   203  N N   . SER A 1 37  ? -6.373  4.057   -2.902  1.00 17.40 ? 87   SER A N   1 
ATOM   204  C CA  . SER A 1 37  ? -6.904  3.234   -3.977  1.00 18.45 ? 87   SER A CA  1 
ATOM   205  C C   . SER A 1 37  ? -8.261  2.702   -3.557  1.00 18.00 ? 87   SER A C   1 
ATOM   206  O O   . SER A 1 37  ? -8.631  2.787   -2.390  1.00 18.02 ? 87   SER A O   1 
ATOM   207  C CB  . SER A 1 37  ? -6.002  2.027   -4.227  1.00 18.46 ? 87   SER A CB  1 
ATOM   208  O OG  . SER A 1 37  ? -6.145  1.080   -3.175  1.00 16.99 ? 87   SER A OG  1 
ATOM   209  N N   . PRO A 1 38  ? -9.031  2.163   -4.513  1.00 16.79 ? 88   PRO A N   1 
ATOM   210  C CA  . PRO A 1 38  ? -10.339 1.620   -4.151  1.00 16.92 ? 88   PRO A CA  1 
ATOM   211  C C   . PRO A 1 38  ? -10.006 0.398   -3.298  1.00 18.92 ? 88   PRO A C   1 
ATOM   212  O O   . PRO A 1 38  ? -8.864  -0.060  -3.299  1.00 15.82 ? 88   PRO A O   1 
ATOM   213  C CB  . PRO A 1 38  ? -10.940 1.232   -5.501  1.00 15.33 ? 88   PRO A CB  1 
ATOM   214  C CG  . PRO A 1 38  ? -10.326 2.235   -6.445  1.00 16.28 ? 88   PRO A CG  1 
ATOM   215  C CD  . PRO A 1 38  ? -8.881  2.248   -5.978  1.00 17.39 ? 88   PRO A CD  1 
ATOM   216  N N   . PRO A 1 39  ? -10.990 -0.145  -2.567  1.00 20.76 ? 89   PRO A N   1 
ATOM   217  C CA  . PRO A 1 39  ? -10.732 -1.315  -1.722  1.00 19.63 ? 89   PRO A CA  1 
ATOM   218  C C   . PRO A 1 39  ? -10.607 -2.651  -2.452  1.00 20.93 ? 89   PRO A C   1 
ATOM   219  O O   . PRO A 1 39  ? -11.225 -2.875  -3.495  1.00 20.52 ? 89   PRO A O   1 
ATOM   220  C CB  . PRO A 1 39  ? -11.925 -1.311  -0.771  1.00 20.91 ? 89   PRO A CB  1 
ATOM   221  C CG  . PRO A 1 39  ? -13.040 -0.845  -1.676  1.00 20.60 ? 89   PRO A CG  1 
ATOM   222  C CD  . PRO A 1 39  ? -12.392 0.303   -2.439  1.00 19.99 ? 89   PRO A CD  1 
ATOM   223  N N   . CYS A 1 40  ? -9.779  -3.526  -1.890  1.00 20.41 ? 90   CYS A N   1 
ATOM   224  C CA  . CYS A 1 40  ? -9.595  -4.883  -2.393  1.00 19.58 ? 90   CYS A CA  1 
ATOM   225  C C   . CYS A 1 40  ? -9.956  -5.726  -1.179  1.00 20.15 ? 90   CYS A C   1 
ATOM   226  O O   . CYS A 1 40  ? -9.304  -5.628  -0.135  1.00 21.21 ? 90   CYS A O   1 
ATOM   227  C CB  . CYS A 1 40  ? -8.146  -5.154  -2.780  1.00 16.74 ? 90   CYS A CB  1 
ATOM   228  S SG  . CYS A 1 40  ? -7.840  -6.899  -3.155  1.00 20.56 ? 90   CYS A SG  1 
ATOM   229  N N   . PHE A 1 41  ? -10.994 -6.543  -1.297  1.00 20.04 ? 91   PHE A N   1 
ATOM   230  C CA  . PHE A 1 41  ? -11.414 -7.354  -0.164  1.00 19.69 ? 91   PHE A CA  1 
ATOM   231  C C   . PHE A 1 41  ? -10.641 -8.651  0.044   1.00 19.62 ? 91   PHE A C   1 
ATOM   232  O O   . PHE A 1 41  ? -10.455 -9.447  -0.872  1.00 18.43 ? 91   PHE A O   1 
ATOM   233  C CB  . PHE A 1 41  ? -12.918 -7.624  -0.253  1.00 17.92 ? 91   PHE A CB  1 
ATOM   234  C CG  . PHE A 1 41  ? -13.747 -6.369  -0.210  1.00 19.75 ? 91   PHE A CG  1 
ATOM   235  C CD1 . PHE A 1 41  ? -14.108 -5.716  -1.383  1.00 19.19 ? 91   PHE A CD1 1 
ATOM   236  C CD2 . PHE A 1 41  ? -14.109 -5.804  1.007   1.00 20.04 ? 91   PHE A CD2 1 
ATOM   237  C CE1 . PHE A 1 41  ? -14.814 -4.521  -1.343  1.00 20.77 ? 91   PHE A CE1 1 
ATOM   238  C CE2 . PHE A 1 41  ? -14.816 -4.600  1.061   1.00 19.01 ? 91   PHE A CE2 1 
ATOM   239  C CZ  . PHE A 1 41  ? -15.168 -3.958  -0.112  1.00 20.54 ? 91   PHE A CZ  1 
ATOM   240  N N   . VAL A 1 42  ? -10.170 -8.821  1.274   1.00 19.23 ? 92   VAL A N   1 
ATOM   241  C CA  . VAL A 1 42  ? -9.414  -9.993  1.699   1.00 18.84 ? 92   VAL A CA  1 
ATOM   242  C C   . VAL A 1 42  ? -9.944  -10.266 3.102   1.00 20.24 ? 92   VAL A C   1 
ATOM   243  O O   . VAL A 1 42  ? -10.091 -9.333  3.901   1.00 19.86 ? 92   VAL A O   1 
ATOM   244  C CB  . VAL A 1 42  ? -7.908  -9.689  1.757   1.00 18.87 ? 92   VAL A CB  1 
ATOM   245  C CG1 . VAL A 1 42  ? -7.139  -10.904 2.255   1.00 16.26 ? 92   VAL A CG1 1 
ATOM   246  C CG2 . VAL A 1 42  ? -7.420  -9.256  0.373   1.00 17.76 ? 92   VAL A CG2 1 
ATOM   247  N N   . ARG A 1 43  ? -10.252 -11.526 3.395   1.00 19.76 ? 93   ARG A N   1 
ATOM   248  C CA  . ARG A 1 43  ? -10.810 -11.879 4.693   1.00 20.00 ? 93   ARG A CA  1 
ATOM   249  C C   . ARG A 1 43  ? -11.998 -10.959 4.954   1.00 20.22 ? 93   ARG A C   1 
ATOM   250  O O   . ARG A 1 43  ? -12.249 -10.547 6.083   1.00 19.97 ? 93   ARG A O   1 
ATOM   251  C CB  . ARG A 1 43  ? -9.770  -11.703 5.791   1.00 20.50 ? 93   ARG A CB  1 
ATOM   252  C CG  . ARG A 1 43  ? -8.606  -12.661 5.697   1.00 22.17 ? 93   ARG A CG  1 
ATOM   253  C CD  . ARG A 1 43  ? -9.044  -14.099 5.897   1.00 21.72 ? 93   ARG A CD  1 
ATOM   254  N NE  . ARG A 1 43  ? -7.892  -14.974 6.090   1.00 25.91 ? 93   ARG A NE  1 
ATOM   255  C CZ  . ARG A 1 43  ? -7.969  -16.236 6.502   1.00 28.20 ? 93   ARG A CZ  1 
ATOM   256  N NH1 . ARG A 1 43  ? -9.151  -16.784 6.765   1.00 25.75 ? 93   ARG A NH1 1 
ATOM   257  N NH2 . ARG A 1 43  ? -6.860  -16.942 6.669   1.00 27.98 ? 93   ARG A NH2 1 
ATOM   258  N N   . ASN A 1 44  ? -12.704 -10.630 3.878   1.00 21.89 ? 94   ASN A N   1 
ATOM   259  C CA  . ASN A 1 44  ? -13.884 -9.769  3.896   1.00 21.89 ? 94   ASN A CA  1 
ATOM   260  C C   . ASN A 1 44  ? -13.671 -8.362  4.457   1.00 21.49 ? 94   ASN A C   1 
ATOM   261  O O   . ASN A 1 44  ? -14.627 -7.715  4.891   1.00 20.84 ? 94   ASN A O   1 
ATOM   262  C CB  . ASN A 1 44  ? -15.029 -10.443 4.657   1.00 24.25 ? 94   ASN A CB  1 
ATOM   263  C CG  . ASN A 1 44  ? -16.396 -9.915  4.238   1.00 26.52 ? 94   ASN A CG  1 
ATOM   264  O OD1 . ASN A 1 44  ? -17.350 -9.912  5.024   1.00 28.10 ? 94   ASN A OD1 1 
ATOM   265  N ND2 . ASN A 1 44  ? -16.499 -9.475  2.984   1.00 22.79 ? 94   ASN A ND2 1 
ATOM   266  N N   . LEU A 1 45  ? -12.426 -7.891  4.459   1.00 21.28 ? 95   LEU A N   1 
ATOM   267  C CA  . LEU A 1 45  ? -12.121 -6.543  4.939   1.00 21.23 ? 95   LEU A CA  1 
ATOM   268  C C   . LEU A 1 45  ? -11.567 -5.718  3.771   1.00 20.97 ? 95   LEU A C   1 
ATOM   269  O O   . LEU A 1 45  ? -10.920 -6.257  2.874   1.00 20.70 ? 95   LEU A O   1 
ATOM   270  C CB  . LEU A 1 45  ? -11.082 -6.575  6.068   1.00 21.12 ? 95   LEU A CB  1 
ATOM   271  C CG  . LEU A 1 45  ? -11.438 -7.206  7.422   1.00 23.05 ? 95   LEU A CG  1 
ATOM   272  C CD1 . LEU A 1 45  ? -10.240 -7.068  8.381   1.00 17.94 ? 95   LEU A CD1 1 
ATOM   273  C CD2 . LEU A 1 45  ? -12.659 -6.521  8.007   1.00 17.94 ? 95   LEU A CD2 1 
ATOM   274  N N   . PRO A 1 46  ? -11.824 -4.402  3.766   1.00 19.69 ? 96   PRO A N   1 
ATOM   275  C CA  . PRO A 1 46  ? -11.339 -3.524  2.697   1.00 20.44 ? 96   PRO A CA  1 
ATOM   276  C C   . PRO A 1 46  ? -9.888  -3.104  2.897   1.00 18.74 ? 96   PRO A C   1 
ATOM   277  O O   . PRO A 1 46  ? -9.566  -2.426  3.867   1.00 19.52 ? 96   PRO A O   1 
ATOM   278  C CB  . PRO A 1 46  ? -12.296 -2.336  2.773   1.00 21.19 ? 96   PRO A CB  1 
ATOM   279  C CG  . PRO A 1 46  ? -12.565 -2.241  4.255   1.00 20.00 ? 96   PRO A CG  1 
ATOM   280  C CD  . PRO A 1 46  ? -12.770 -3.690  4.646   1.00 19.84 ? 96   PRO A CD  1 
ATOM   281  N N   . TRP A 1 47  ? -9.015  -3.518  1.987   1.00 17.46 ? 97   TRP A N   1 
ATOM   282  C CA  . TRP A 1 47  ? -7.606  -3.153  2.073   1.00 16.56 ? 97   TRP A CA  1 
ATOM   283  C C   . TRP A 1 47  ? -7.325  -2.128  0.986   1.00 15.25 ? 97   TRP A C   1 
ATOM   284  O O   . TRP A 1 47  ? -7.854  -2.237  -0.116  1.00 16.86 ? 97   TRP A O   1 
ATOM   285  C CB  . TRP A 1 47  ? -6.718  -4.384  1.883   1.00 15.36 ? 97   TRP A CB  1 
ATOM   286  C CG  . TRP A 1 47  ? -6.985  -5.463  2.880   1.00 16.75 ? 97   TRP A CG  1 
ATOM   287  C CD1 . TRP A 1 47  ? -8.051  -6.311  2.903   1.00 19.45 ? 97   TRP A CD1 1 
ATOM   288  C CD2 . TRP A 1 47  ? -6.189  -5.787  4.029   1.00 16.73 ? 97   TRP A CD2 1 
ATOM   289  N NE1 . TRP A 1 47  ? -7.973  -7.146  3.995   1.00 19.19 ? 97   TRP A NE1 1 
ATOM   290  C CE2 . TRP A 1 47  ? -6.840  -6.847  4.703   1.00 18.12 ? 97   TRP A CE2 1 
ATOM   291  C CE3 . TRP A 1 47  ? -4.992  -5.286  4.552   1.00 14.19 ? 97   TRP A CE3 1 
ATOM   292  C CZ2 . TRP A 1 47  ? -6.330  -7.418  5.879   1.00 17.95 ? 97   TRP A CZ2 1 
ATOM   293  C CZ3 . TRP A 1 47  ? -4.481  -5.853  5.720   1.00 17.27 ? 97   TRP A CZ3 1 
ATOM   294  C CH2 . TRP A 1 47  ? -5.154  -6.912  6.369   1.00 16.84 ? 97   TRP A CH2 1 
ATOM   295  N N   . LYS A 1 48  ? -6.502  -1.129  1.289   1.00 15.60 ? 98   LYS A N   1 
ATOM   296  C CA  . LYS A 1 48  ? -6.206  -0.095  0.304   1.00 14.80 ? 98   LYS A CA  1 
ATOM   297  C C   . LYS A 1 48  ? -4.740  0.315   0.282   1.00 17.09 ? 98   LYS A C   1 
ATOM   298  O O   . LYS A 1 48  ? -4.046  0.255   1.302   1.00 16.35 ? 98   LYS A O   1 
ATOM   299  C CB  . LYS A 1 48  ? -7.028  1.166   0.586   1.00 13.80 ? 98   LYS A CB  1 
ATOM   300  C CG  . LYS A 1 48  ? -8.539  0.984   0.671   1.00 14.71 ? 98   LYS A CG  1 
ATOM   301  C CD  . LYS A 1 48  ? -9.201  2.305   1.086   1.00 13.69 ? 98   LYS A CD  1 
ATOM   302  C CE  . LYS A 1 48  ? -10.716 2.185   1.175   1.00 15.08 ? 98   LYS A CE  1 
ATOM   303  N NZ  . LYS A 1 48  ? -11.385 3.504   1.378   1.00 14.90 ? 98   LYS A NZ  1 
ATOM   304  N N   . ILE A 1 49  ? -4.284  0.742   -0.892  1.00 15.16 ? 99   ILE A N   1 
ATOM   305  C CA  . ILE A 1 49  ? -2.925  1.225   -1.048  1.00 15.69 ? 99   ILE A CA  1 
ATOM   306  C C   . ILE A 1 49  ? -2.961  2.726   -0.739  1.00 17.82 ? 99   ILE A C   1 
ATOM   307  O O   . ILE A 1 49  ? -3.879  3.437   -1.163  1.00 17.75 ? 99   ILE A O   1 
ATOM   308  C CB  . ILE A 1 49  ? -2.413  1.023   -2.497  1.00 15.70 ? 99   ILE A CB  1 
ATOM   309  C CG1 . ILE A 1 49  ? -2.028  -0.442  -2.721  1.00 16.17 ? 99   ILE A CG1 1 
ATOM   310  C CG2 . ILE A 1 49  ? -1.214  1.932   -2.758  1.00 13.43 ? 99   ILE A CG2 1 
ATOM   311  C CD1 . ILE A 1 49  ? -1.822  -0.804  -4.189  1.00 15.38 ? 99   ILE A CD1 1 
ATOM   312  N N   . MET A 1 50  ? -1.978  3.205   0.013   1.00 19.92 ? 100  MET A N   1 
ATOM   313  C CA  . MET A 1 50  ? -1.911  4.620   0.351   1.00 20.63 ? 100  MET A CA  1 
ATOM   314  C C   . MET A 1 50  ? -0.554  5.150   -0.087  1.00 20.94 ? 100  MET A C   1 
ATOM   315  O O   . MET A 1 50  ? 0.482   4.604   0.287   1.00 19.33 ? 100  MET A O   1 
ATOM   316  C CB  . MET A 1 50  ? -2.093  4.824   1.854   1.00 22.15 ? 100  MET A CB  1 
ATOM   317  C CG  . MET A 1 50  ? -2.201  6.293   2.263   1.00 26.42 ? 100  MET A CG  1 
ATOM   318  S SD  . MET A 1 50  ? -1.971  6.567   4.044   1.00 31.25 ? 100  MET A SD  1 
ATOM   319  C CE  . MET A 1 50  ? -3.597  6.121   4.673   1.00 29.26 ? 100  MET A CE  1 
ATOM   320  N N   . VAL A 1 51  ? -0.565  6.212   -0.886  1.00 22.43 ? 101  VAL A N   1 
ATOM   321  C CA  . VAL A 1 51  ? 0.667   6.811   -1.392  1.00 20.37 ? 101  VAL A CA  1 
ATOM   322  C C   . VAL A 1 51  ? 0.704   8.292   -1.045  1.00 22.22 ? 101  VAL A C   1 
ATOM   323  O O   . VAL A 1 51  ? -0.320  8.979   -1.098  1.00 20.94 ? 101  VAL A O   1 
ATOM   324  C CB  . VAL A 1 51  ? 0.767   6.663   -2.931  1.00 21.07 ? 101  VAL A CB  1 
ATOM   325  C CG1 . VAL A 1 51  ? 2.070   7.266   -3.436  1.00 18.77 ? 101  VAL A CG1 1 
ATOM   326  C CG2 . VAL A 1 51  ? 0.676   5.198   -3.318  1.00 20.07 ? 101  VAL A CG2 1 
ATOM   327  N N   . MET A 1 52  ? 1.887   8.787   -0.703  1.00 23.12 ? 102  MET A N   1 
ATOM   328  C CA  . MET A 1 52  ? 2.029   10.189  -0.339  1.00 26.78 ? 102  MET A CA  1 
ATOM   329  C C   . MET A 1 52  ? 3.475   10.665  -0.396  1.00 26.34 ? 102  MET A C   1 
ATOM   330  O O   . MET A 1 52  ? 4.397   9.910   -0.100  1.00 25.20 ? 102  MET A O   1 
ATOM   331  C CB  . MET A 1 52  ? 1.517   10.410  1.080   1.00 28.79 ? 102  MET A CB  1 
ATOM   332  C CG  . MET A 1 52  ? 2.325   9.637   2.112   1.00 31.26 ? 102  MET A CG  1 
ATOM   333  S SD  . MET A 1 52  ? 1.732   9.897   3.770   1.00 43.91 ? 102  MET A SD  1 
ATOM   334  C CE  . MET A 1 52  ? 0.350   8.741   3.787   1.00 37.95 ? 102  MET A CE  1 
ATOM   335  N N   . PRO A 1 53  ? 3.689   11.929  -0.781  1.00 26.54 ? 103  PRO A N   1 
ATOM   336  C CA  . PRO A 1 53  ? 5.060   12.436  -0.838  1.00 27.96 ? 103  PRO A CA  1 
ATOM   337  C C   . PRO A 1 53  ? 5.518   12.705  0.595   1.00 28.71 ? 103  PRO A C   1 
ATOM   338  O O   . PRO A 1 53  ? 4.739   13.194  1.413   1.00 26.05 ? 103  PRO A O   1 
ATOM   339  C CB  . PRO A 1 53  ? 4.921   13.715  -1.661  1.00 28.13 ? 103  PRO A CB  1 
ATOM   340  C CG  . PRO A 1 53  ? 3.554   14.199  -1.291  1.00 29.77 ? 103  PRO A CG  1 
ATOM   341  C CD  . PRO A 1 53  ? 2.729   12.926  -1.290  1.00 27.03 ? 103  PRO A CD  1 
ATOM   342  N N   . ARG A 1 54  ? 6.769   12.371  0.898   1.00 31.74 ? 104  ARG A N   1 
ATOM   343  C CA  . ARG A 1 54  ? 7.315   12.580  2.236   1.00 35.45 ? 104  ARG A CA  1 
ATOM   344  C C   . ARG A 1 54  ? 8.692   13.241  2.188   1.00 38.27 ? 104  ARG A C   1 
ATOM   345  O O   . ARG A 1 54  ? 9.335   13.289  1.136   1.00 37.82 ? 104  ARG A O   1 
ATOM   346  C CB  . ARG A 1 54  ? 7.406   11.243  2.979   1.00 35.76 ? 104  ARG A CB  1 
ATOM   347  C CG  . ARG A 1 54  ? 6.052   10.569  3.216   1.00 39.37 ? 104  ARG A CG  1 
ATOM   348  C CD  . ARG A 1 54  ? 5.200   11.366  4.197   1.00 42.13 ? 104  ARG A CD  1 
ATOM   349  N NE  . ARG A 1 54  ? 5.642   11.196  5.578   1.00 46.83 ? 104  ARG A NE  1 
ATOM   350  C CZ  . ARG A 1 54  ? 5.202   10.242  6.397   1.00 48.48 ? 104  ARG A CZ  1 
ATOM   351  N NH1 . ARG A 1 54  ? 4.298   9.365   5.977   1.00 48.66 ? 104  ARG A NH1 1 
ATOM   352  N NH2 . ARG A 1 54  ? 5.664   10.164  7.638   1.00 48.76 ? 104  ARG A NH2 1 
ATOM   353  N N   . PHE A 1 55  ? 9.134   13.752  3.334   1.00 41.72 ? 105  PHE A N   1 
ATOM   354  C CA  . PHE A 1 55  ? 10.436  14.415  3.444   1.00 44.16 ? 105  PHE A CA  1 
ATOM   355  C C   . PHE A 1 55  ? 11.166  13.966  4.705   1.00 45.54 ? 105  PHE A C   1 
ATOM   356  O O   . PHE A 1 55  ? 10.848  14.418  5.805   1.00 46.83 ? 105  PHE A O   1 
ATOM   357  C CB  . PHE A 1 55  ? 10.267  15.938  3.485   1.00 43.23 ? 105  PHE A CB  1 
ATOM   358  C CG  . PHE A 1 55  ? 9.531   16.501  2.304   1.00 42.64 ? 105  PHE A CG  1 
ATOM   359  C CD1 . PHE A 1 55  ? 8.144   16.419  2.230   1.00 42.62 ? 105  PHE A CD1 1 
ATOM   360  C CD2 . PHE A 1 55  ? 10.226  17.105  1.262   1.00 41.72 ? 105  PHE A CD2 1 
ATOM   361  C CE1 . PHE A 1 55  ? 7.458   16.933  1.135   1.00 44.00 ? 105  PHE A CE1 1 
ATOM   362  C CE2 . PHE A 1 55  ? 9.553   17.623  0.163   1.00 42.38 ? 105  PHE A CE2 1 
ATOM   363  C CZ  . PHE A 1 55  ? 8.164   17.539  0.098   1.00 43.79 ? 105  PHE A CZ  1 
ATOM   364  N N   . GLN A 1 62  ? 8.345   15.249  -3.756  1.00 43.29 ? 112  GLN A N   1 
ATOM   365  C CA  . GLN A 1 62  ? 9.715   15.627  -3.429  1.00 43.52 ? 112  GLN A CA  1 
ATOM   366  C C   . GLN A 1 62  ? 10.295  14.776  -2.300  1.00 41.79 ? 112  GLN A C   1 
ATOM   367  O O   . GLN A 1 62  ? 9.586   14.377  -1.380  1.00 43.92 ? 112  GLN A O   1 
ATOM   368  C CB  . GLN A 1 62  ? 9.768   17.106  -3.048  1.00 46.41 ? 112  GLN A CB  1 
ATOM   369  C CG  . GLN A 1 62  ? 9.382   18.046  -4.177  1.00 50.76 ? 112  GLN A CG  1 
ATOM   370  C CD  . GLN A 1 62  ? 9.330   19.497  -3.742  1.00 52.70 ? 112  GLN A CD  1 
ATOM   371  O OE1 . GLN A 1 62  ? 10.315  20.048  -3.248  1.00 53.47 ? 112  GLN A OE1 1 
ATOM   372  N NE2 . GLN A 1 62  ? 8.173   20.125  -3.927  1.00 54.11 ? 112  GLN A NE2 1 
ATOM   373  N N   . LYS A 1 63  ? 11.592  14.513  -2.388  1.00 39.27 ? 113  LYS A N   1 
ATOM   374  C CA  . LYS A 1 63  ? 12.328  13.709  -1.416  1.00 35.01 ? 113  LYS A CA  1 
ATOM   375  C C   . LYS A 1 63  ? 12.018  12.217  -1.493  1.00 32.22 ? 113  LYS A C   1 
ATOM   376  O O   . LYS A 1 63  ? 12.765  11.468  -2.119  1.00 32.65 ? 113  LYS A O   1 
ATOM   377  C CB  . LYS A 1 63  ? 12.097  14.205  0.008   1.00 36.76 ? 113  LYS A CB  1 
ATOM   378  C CG  . LYS A 1 63  ? 13.014  13.530  1.024   1.00 37.03 ? 113  LYS A CG  1 
ATOM   379  C CD  . LYS A 1 63  ? 14.133  14.451  1.472   1.00 41.66 ? 113  LYS A CD  1 
ATOM   380  C CE  . LYS A 1 63  ? 14.950  14.986  0.307   1.00 41.65 ? 113  LYS A CE  1 
ATOM   381  N NZ  . LYS A 1 63  ? 15.959  15.969  0.784   1.00 39.52 ? 113  LYS A NZ  1 
ATOM   382  N N   . SER A 1 64  ? 10.939  11.759  -0.866  1.00 28.92 ? 114  SER A N   1 
ATOM   383  C CA  . SER A 1 64  ? 10.649  10.329  -0.942  1.00 27.76 ? 114  SER A CA  1 
ATOM   384  C C   . SER A 1 64  ? 9.189   9.976   -1.148  1.00 26.18 ? 114  SER A C   1 
ATOM   385  O O   . SER A 1 64  ? 8.300   10.809  -0.983  1.00 26.12 ? 114  SER A O   1 
ATOM   386  C CB  . SER A 1 64  ? 11.181  9.600   0.302   1.00 26.98 ? 114  SER A CB  1 
ATOM   387  O OG  . SER A 1 64  ? 10.480  9.993   1.468   1.00 29.70 ? 114  SER A OG  1 
ATOM   388  N N   . VAL A 1 65  ? 8.962   8.720   -1.516  1.00 24.74 ? 115  VAL A N   1 
ATOM   389  C CA  . VAL A 1 65  ? 7.624   8.201   -1.751  1.00 25.46 ? 115  VAL A CA  1 
ATOM   390  C C   . VAL A 1 65  ? 7.087   7.449   -0.538  1.00 23.70 ? 115  VAL A C   1 
ATOM   391  O O   . VAL A 1 65  ? 7.705   6.499   -0.070  1.00 25.80 ? 115  VAL A O   1 
ATOM   392  C CB  . VAL A 1 65  ? 7.603   7.210   -2.941  1.00 26.18 ? 115  VAL A CB  1 
ATOM   393  C CG1 . VAL A 1 65  ? 6.181   6.725   -3.187  1.00 26.83 ? 115  VAL A CG1 1 
ATOM   394  C CG2 . VAL A 1 65  ? 8.168   7.867   -4.179  1.00 27.23 ? 115  VAL A CG2 1 
ATOM   395  N N   . GLY A 1 66  ? 5.938   7.880   -0.036  1.00 21.86 ? 116  GLY A N   1 
ATOM   396  C CA  . GLY A 1 66  ? 5.312   7.208   1.087   1.00 20.23 ? 116  GLY A CA  1 
ATOM   397  C C   . GLY A 1 66  ? 4.378   6.169   0.495   1.00 19.50 ? 116  GLY A C   1 
ATOM   398  O O   . GLY A 1 66  ? 3.519   6.491   -0.330  1.00 19.41 ? 116  GLY A O   1 
ATOM   399  N N   . PHE A 1 67  ? 4.546   4.922   0.921   1.00 17.90 ? 117  PHE A N   1 
ATOM   400  C CA  . PHE A 1 67  ? 3.764   3.797   0.416   1.00 17.37 ? 117  PHE A CA  1 
ATOM   401  C C   . PHE A 1 67  ? 3.280   2.986   1.620   1.00 19.14 ? 117  PHE A C   1 
ATOM   402  O O   . PHE A 1 67  ? 4.081   2.363   2.319   1.00 19.15 ? 117  PHE A O   1 
ATOM   403  C CB  . PHE A 1 67  ? 4.687   2.962   -0.487  1.00 17.23 ? 117  PHE A CB  1 
ATOM   404  C CG  . PHE A 1 67  ? 4.019   1.827   -1.221  1.00 16.38 ? 117  PHE A CG  1 
ATOM   405  C CD1 . PHE A 1 67  ? 2.664   1.552   -1.073  1.00 16.96 ? 117  PHE A CD1 1 
ATOM   406  C CD2 . PHE A 1 67  ? 4.783   1.008   -2.059  1.00 16.93 ? 117  PHE A CD2 1 
ATOM   407  C CE1 . PHE A 1 67  ? 2.078   0.471   -1.749  1.00 13.72 ? 117  PHE A CE1 1 
ATOM   408  C CE2 . PHE A 1 67  ? 4.211   -0.066  -2.736  1.00 14.03 ? 117  PHE A CE2 1 
ATOM   409  C CZ  . PHE A 1 67  ? 2.850   -0.334  -2.576  1.00 15.86 ? 117  PHE A CZ  1 
ATOM   410  N N   . PHE A 1 68  ? 1.973   3.001   1.864   1.00 19.27 ? 118  PHE A N   1 
ATOM   411  C CA  . PHE A 1 68  ? 1.398   2.274   2.990   1.00 18.54 ? 118  PHE A CA  1 
ATOM   412  C C   . PHE A 1 68  ? 0.241   1.370   2.607   1.00 18.77 ? 118  PHE A C   1 
ATOM   413  O O   . PHE A 1 68  ? -0.396  1.550   1.568   1.00 19.36 ? 118  PHE A O   1 
ATOM   414  C CB  . PHE A 1 68  ? 0.901   3.250   4.062   1.00 18.65 ? 118  PHE A CB  1 
ATOM   415  C CG  . PHE A 1 68  ? 1.964   4.158   4.594   1.00 19.39 ? 118  PHE A CG  1 
ATOM   416  C CD1 . PHE A 1 68  ? 2.357   5.287   3.877   1.00 16.36 ? 118  PHE A CD1 1 
ATOM   417  C CD2 . PHE A 1 68  ? 2.602   3.868   5.798   1.00 18.30 ? 118  PHE A CD2 1 
ATOM   418  C CE1 . PHE A 1 68  ? 3.366   6.109   4.350   1.00 15.24 ? 118  PHE A CE1 1 
ATOM   419  C CE2 . PHE A 1 68  ? 3.617   4.684   6.281   1.00 17.51 ? 118  PHE A CE2 1 
ATOM   420  C CZ  . PHE A 1 68  ? 4.002   5.806   5.558   1.00 18.26 ? 118  PHE A CZ  1 
ATOM   421  N N   . LEU A 1 69  ? -0.023  0.390   3.465   1.00 17.84 ? 119  LEU A N   1 
ATOM   422  C CA  . LEU A 1 69  ? -1.130  -0.537  3.266   1.00 16.58 ? 119  LEU A CA  1 
ATOM   423  C C   . LEU A 1 69  ? -2.103  -0.224  4.391   1.00 17.02 ? 119  LEU A C   1 
ATOM   424  O O   . LEU A 1 69  ? -1.712  -0.183  5.556   1.00 16.37 ? 119  LEU A O   1 
ATOM   425  C CB  . LEU A 1 69  ? -0.657  -1.986  3.368   1.00 15.21 ? 119  LEU A CB  1 
ATOM   426  C CG  . LEU A 1 69  ? -1.745  -3.072  3.326   1.00 17.29 ? 119  LEU A CG  1 
ATOM   427  C CD1 . LEU A 1 69  ? -2.566  -2.961  2.036   1.00 12.85 ? 119  LEU A CD1 1 
ATOM   428  C CD2 . LEU A 1 69  ? -1.090  -4.449  3.427   1.00 14.39 ? 119  LEU A CD2 1 
ATOM   429  N N   . GLN A 1 70  ? -3.361  0.013   4.035   1.00 16.77 ? 120  GLN A N   1 
ATOM   430  C CA  . GLN A 1 70  ? -4.388  0.346   5.010   1.00 18.14 ? 120  GLN A CA  1 
ATOM   431  C C   . GLN A 1 70  ? -5.469  -0.730  5.097   1.00 17.77 ? 120  GLN A C   1 
ATOM   432  O O   . GLN A 1 70  ? -5.835  -1.342  4.099   1.00 19.46 ? 120  GLN A O   1 
ATOM   433  C CB  . GLN A 1 70  ? -5.011  1.699   4.655   1.00 17.58 ? 120  GLN A CB  1 
ATOM   434  C CG  . GLN A 1 70  ? -6.259  2.043   5.445   1.00 19.62 ? 120  GLN A CG  1 
ATOM   435  C CD  . GLN A 1 70  ? -6.970  3.274   4.898   1.00 21.11 ? 120  GLN A CD  1 
ATOM   436  O OE1 . GLN A 1 70  ? -6.626  4.416   5.228   1.00 21.06 ? 120  GLN A OE1 1 
ATOM   437  N NE2 . GLN A 1 70  ? -7.960  3.046   4.044   1.00 19.18 ? 120  GLN A NE2 1 
ATOM   438  N N   . CYS A 1 71  ? -5.980  -0.955  6.300   1.00 19.25 ? 121  CYS A N   1 
ATOM   439  C CA  . CYS A 1 71  ? -7.007  -1.968  6.508   1.00 18.83 ? 121  CYS A CA  1 
ATOM   440  C C   . CYS A 1 71  ? -8.214  -1.494  7.319   1.00 20.10 ? 121  CYS A C   1 
ATOM   441  O O   . CYS A 1 71  ? -8.066  -0.960  8.420   1.00 18.81 ? 121  CYS A O   1 
ATOM   442  C CB  . CYS A 1 71  ? -6.393  -3.182  7.208   1.00 15.82 ? 121  CYS A CB  1 
ATOM   443  S SG  . CYS A 1 71  ? -7.578  -4.516  7.613   1.00 18.79 ? 121  CYS A SG  1 
ATOM   444  N N   . ASN A 1 72  ? -9.408  -1.667  6.757   1.00 21.71 ? 122  ASN A N   1 
ATOM   445  C CA  . ASN A 1 72  ? -10.643 -1.340  7.469   1.00 22.37 ? 122  ASN A CA  1 
ATOM   446  C C   . ASN A 1 72  ? -10.633 0.036   8.131   1.00 22.97 ? 122  ASN A C   1 
ATOM   447  O O   . ASN A 1 72  ? -11.133 0.188   9.247   1.00 23.84 ? 122  ASN A O   1 
ATOM   448  C CB  . ASN A 1 72  ? -10.848 -2.400  8.556   1.00 21.09 ? 122  ASN A CB  1 
ATOM   449  C CG  . ASN A 1 72  ? -12.302 -2.626  8.896   1.00 21.33 ? 122  ASN A CG  1 
ATOM   450  O OD1 . ASN A 1 72  ? -12.622 -3.096  9.990   1.00 22.31 ? 122  ASN A OD1 1 
ATOM   451  N ND2 . ASN A 1 72  ? -13.188 -2.321  7.960   1.00 18.28 ? 122  ASN A ND2 1 
ATOM   452  N N   . ALA A 1 73  ? -10.078 1.035   7.460   1.00 23.12 ? 123  ALA A N   1 
ATOM   453  C CA  . ALA A 1 73  ? -9.990  2.368   8.048   1.00 23.83 ? 123  ALA A CA  1 
ATOM   454  C C   . ALA A 1 73  ? -11.316 3.088   8.238   1.00 25.74 ? 123  ALA A C   1 
ATOM   455  O O   . ALA A 1 73  ? -11.487 3.835   9.208   1.00 26.49 ? 123  ALA A O   1 
ATOM   456  C CB  . ALA A 1 73  ? -9.043  3.236   7.225   1.00 22.64 ? 123  ALA A CB  1 
ATOM   457  N N   . GLU A 1 74  ? -12.253 2.867   7.323   1.00 27.26 ? 124  GLU A N   1 
ATOM   458  C CA  . GLU A 1 74  ? -13.556 3.521   7.390   1.00 28.98 ? 124  GLU A CA  1 
ATOM   459  C C   . GLU A 1 74  ? -14.418 3.083   8.574   1.00 28.24 ? 124  GLU A C   1 
ATOM   460  O O   . GLU A 1 74  ? -15.137 3.900   9.152   1.00 28.41 ? 124  GLU A O   1 
ATOM   461  C CB  . GLU A 1 74  ? -14.336 3.275   6.097   1.00 32.09 ? 124  GLU A CB  1 
ATOM   462  C CG  . GLU A 1 74  ? -14.698 4.532   5.327   1.00 37.52 ? 124  GLU A CG  1 
ATOM   463  C CD  . GLU A 1 74  ? -13.537 5.079   4.513   1.00 41.77 ? 124  GLU A CD  1 
ATOM   464  O OE1 . GLU A 1 74  ? -12.519 5.470   5.131   1.00 43.69 ? 124  GLU A OE1 1 
ATOM   465  O OE2 . GLU A 1 74  ? -13.643 5.113   3.260   1.00 39.27 ? 124  GLU A OE2 1 
ATOM   466  N N   . SER A 1 75  ? -14.347 1.804   8.934   1.00 26.21 ? 125  SER A N   1 
ATOM   467  C CA  . SER A 1 75  ? -15.154 1.285   10.039  1.00 27.60 ? 125  SER A CA  1 
ATOM   468  C C   . SER A 1 75  ? -14.999 2.055   11.347  1.00 27.40 ? 125  SER A C   1 
ATOM   469  O O   . SER A 1 75  ? -13.895 2.435   11.744  1.00 26.36 ? 125  SER A O   1 
ATOM   470  C CB  . SER A 1 75  ? -14.845 -0.191  10.290  1.00 27.93 ? 125  SER A CB  1 
ATOM   471  O OG  . SER A 1 75  ? -15.667 -0.695  11.332  1.00 29.33 ? 125  SER A OG  1 
ATOM   472  N N   . ASP A 1 76  ? -16.122 2.287   12.011  1.00 28.39 ? 126  ASP A N   1 
ATOM   473  C CA  . ASP A 1 76  ? -16.125 3.001   13.278  1.00 30.84 ? 126  ASP A CA  1 
ATOM   474  C C   . ASP A 1 76  ? -15.966 2.015   14.438  1.00 29.71 ? 126  ASP A C   1 
ATOM   475  O O   . ASP A 1 76  ? -16.023 2.393   15.605  1.00 30.40 ? 126  ASP A O   1 
ATOM   476  C CB  . ASP A 1 76  ? -17.422 3.792   13.417  1.00 34.95 ? 126  ASP A CB  1 
ATOM   477  C CG  . ASP A 1 76  ? -18.647 2.929   13.213  1.00 40.28 ? 126  ASP A CG  1 
ATOM   478  O OD1 . ASP A 1 76  ? -18.656 2.117   12.257  1.00 43.95 ? 126  ASP A OD1 1 
ATOM   479  O OD2 . ASP A 1 76  ? -19.606 3.068   14.001  1.00 43.96 ? 126  ASP A OD2 1 
ATOM   480  N N   . SER A 1 77  ? -15.765 0.744   14.107  1.00 26.28 ? 127  SER A N   1 
ATOM   481  C CA  . SER A 1 77  ? -15.573 -0.282  15.120  1.00 25.71 ? 127  SER A CA  1 
ATOM   482  C C   . SER A 1 77  ? -14.182 -0.148  15.733  1.00 24.64 ? 127  SER A C   1 
ATOM   483  O O   . SER A 1 77  ? -13.239 0.254   15.057  1.00 23.81 ? 127  SER A O   1 
ATOM   484  C CB  . SER A 1 77  ? -15.706 -1.667  14.496  1.00 24.81 ? 127  SER A CB  1 
ATOM   485  O OG  . SER A 1 77  ? -15.196 -2.649  15.378  1.00 25.12 ? 127  SER A OG  1 
ATOM   486  N N   . THR A 1 78  ? -14.054 -0.488  17.009  1.00 22.87 ? 128  THR A N   1 
ATOM   487  C CA  . THR A 1 78  ? -12.764 -0.404  17.686  1.00 23.58 ? 128  THR A CA  1 
ATOM   488  C C   . THR A 1 78  ? -12.454 -1.761  18.291  1.00 23.48 ? 128  THR A C   1 
ATOM   489  O O   . THR A 1 78  ? -11.579 -1.889  19.143  1.00 25.59 ? 128  THR A O   1 
ATOM   490  C CB  . THR A 1 78  ? -12.783 0.629   18.827  1.00 23.98 ? 128  THR A CB  1 
ATOM   491  O OG1 . THR A 1 78  ? -13.692 0.191   19.842  1.00 24.84 ? 128  THR A OG1 1 
ATOM   492  C CG2 . THR A 1 78  ? -13.226 1.993   18.315  1.00 23.43 ? 128  THR A CG2 1 
ATOM   493  N N   . SER A 1 79  ? -13.169 -2.778  17.829  1.00 22.63 ? 129  SER A N   1 
ATOM   494  C CA  . SER A 1 79  ? -12.997 -4.122  18.349  1.00 20.56 ? 129  SER A CA  1 
ATOM   495  C C   . SER A 1 79  ? -12.270 -5.067  17.400  1.00 18.36 ? 129  SER A C   1 
ATOM   496  O O   . SER A 1 79  ? -11.840 -6.146  17.808  1.00 17.42 ? 129  SER A O   1 
ATOM   497  C CB  . SER A 1 79  ? -14.369 -4.714  18.673  1.00 21.06 ? 129  SER A CB  1 
ATOM   498  O OG  . SER A 1 79  ? -15.070 -5.009  17.475  1.00 21.12 ? 129  SER A OG  1 
ATOM   499  N N   . TRP A 1 80  ? -12.129 -4.666  16.141  1.00 16.03 ? 130  TRP A N   1 
ATOM   500  C CA  . TRP A 1 80  ? -11.491 -5.527  15.150  1.00 15.65 ? 130  TRP A CA  1 
ATOM   501  C C   . TRP A 1 80  ? -9.961  -5.561  15.162  1.00 14.97 ? 130  TRP A C   1 
ATOM   502  O O   . TRP A 1 80  ? -9.292  -4.653  15.646  1.00 17.13 ? 130  TRP A O   1 
ATOM   503  C CB  . TRP A 1 80  ? -11.955 -5.138  13.739  1.00 15.13 ? 130  TRP A CB  1 
ATOM   504  C CG  . TRP A 1 80  ? -11.393 -3.827  13.282  1.00 15.09 ? 130  TRP A CG  1 
ATOM   505  C CD1 . TRP A 1 80  ? -11.847 -2.577  13.604  1.00 19.22 ? 130  TRP A CD1 1 
ATOM   506  C CD2 . TRP A 1 80  ? -10.220 -3.632  12.483  1.00 15.26 ? 130  TRP A CD2 1 
ATOM   507  N NE1 . TRP A 1 80  ? -11.025 -1.616  13.058  1.00 16.70 ? 130  TRP A NE1 1 
ATOM   508  C CE2 . TRP A 1 80  ? -10.020 -2.236  12.365  1.00 14.94 ? 130  TRP A CE2 1 
ATOM   509  C CE3 . TRP A 1 80  ? -9.316  -4.502  11.856  1.00 14.51 ? 130  TRP A CE3 1 
ATOM   510  C CZ2 . TRP A 1 80  ? -8.951  -1.689  11.645  1.00 14.53 ? 130  TRP A CZ2 1 
ATOM   511  C CZ3 . TRP A 1 80  ? -8.250  -3.953  11.139  1.00 15.30 ? 130  TRP A CZ3 1 
ATOM   512  C CH2 . TRP A 1 80  ? -8.079  -2.561  11.041  1.00 10.73 ? 130  TRP A CH2 1 
ATOM   513  N N   . SER A 1 81  ? -9.421  -6.638  14.615  1.00 15.06 ? 131  SER A N   1 
ATOM   514  C CA  . SER A 1 81  ? -7.986  -6.799  14.497  1.00 18.85 ? 131  SER A CA  1 
ATOM   515  C C   . SER A 1 81  ? -7.743  -7.885  13.463  1.00 18.81 ? 131  SER A C   1 
ATOM   516  O O   . SER A 1 81  ? -8.496  -8.854  13.357  1.00 18.79 ? 131  SER A O   1 
ATOM   517  C CB  . SER A 1 81  ? -7.348  -7.186  15.836  1.00 18.73 ? 131  SER A CB  1 
ATOM   518  O OG  . SER A 1 81  ? -7.701  -8.503  16.197  1.00 22.02 ? 131  SER A OG  1 
ATOM   519  N N   . CYS A 1 82  ? -6.693  -7.704  12.683  1.00 19.14 ? 132  CYS A N   1 
ATOM   520  C CA  . CYS A 1 82  ? -6.358  -8.664  11.657  1.00 18.37 ? 132  CYS A CA  1 
ATOM   521  C C   . CYS A 1 82  ? -4.867  -8.598  11.418  1.00 18.36 ? 132  CYS A C   1 
ATOM   522  O O   . CYS A 1 82  ? -4.329  -7.535  11.105  1.00 19.33 ? 132  CYS A O   1 
ATOM   523  C CB  . CYS A 1 82  ? -7.109  -8.335  10.367  1.00 16.23 ? 132  CYS A CB  1 
ATOM   524  S SG  . CYS A 1 82  ? -6.688  -9.422  9.004   1.00 19.30 ? 132  CYS A SG  1 
ATOM   525  N N   . HIS A 1 83  ? -4.193  -9.728  11.585  1.00 19.52 ? 133  HIS A N   1 
ATOM   526  C CA  . HIS A 1 83  ? -2.759  -9.769  11.362  1.00 20.09 ? 133  HIS A CA  1 
ATOM   527  C C   . HIS A 1 83  ? -2.506  -10.176 9.920   1.00 19.05 ? 133  HIS A C   1 
ATOM   528  O O   . HIS A 1 83  ? -3.122  -11.109 9.420   1.00 18.55 ? 133  HIS A O   1 
ATOM   529  C CB  . HIS A 1 83  ? -2.079  -10.762 12.309  1.00 20.93 ? 133  HIS A CB  1 
ATOM   530  C CG  . HIS A 1 83  ? -0.586  -10.683 12.267  1.00 22.16 ? 133  HIS A CG  1 
ATOM   531  N ND1 . HIS A 1 83  ? 0.152   -11.137 11.195  1.00 24.68 ? 133  HIS A ND1 1 
ATOM   532  C CD2 . HIS A 1 83  ? 0.302   -10.143 13.135  1.00 23.36 ? 133  HIS A CD2 1 
ATOM   533  C CE1 . HIS A 1 83  ? 1.431   -10.878 11.403  1.00 26.28 ? 133  HIS A CE1 1 
ATOM   534  N NE2 . HIS A 1 83  ? 1.549   -10.276 12.572  1.00 27.03 ? 133  HIS A NE2 1 
ATOM   535  N N   . ALA A 1 84  ? -1.602  -9.472  9.252   1.00 19.57 ? 134  ALA A N   1 
ATOM   536  C CA  . ALA A 1 84  ? -1.300  -9.782  7.862   1.00 19.91 ? 134  ALA A CA  1 
ATOM   537  C C   . ALA A 1 84  ? 0.143   -9.489  7.500   1.00 20.66 ? 134  ALA A C   1 
ATOM   538  O O   . ALA A 1 84  ? 0.802   -8.673  8.135   1.00 22.14 ? 134  ALA A O   1 
ATOM   539  C CB  . ALA A 1 84  ? -2.228  -8.988  6.936   1.00 14.67 ? 134  ALA A CB  1 
ATOM   540  N N   . GLN A 1 85  ? 0.627   -10.176 6.474   1.00 21.02 ? 135  GLN A N   1 
ATOM   541  C CA  . GLN A 1 85  ? 1.971   -9.959  5.966   1.00 22.58 ? 135  GLN A CA  1 
ATOM   542  C C   . GLN A 1 85  ? 1.729   -9.521  4.532   1.00 19.92 ? 135  GLN A C   1 
ATOM   543  O O   . GLN A 1 85  ? 0.696   -9.862  3.939   1.00 19.38 ? 135  GLN A O   1 
ATOM   544  C CB  . GLN A 1 85  ? 2.793   -11.250 6.005   1.00 25.92 ? 135  GLN A CB  1 
ATOM   545  C CG  . GLN A 1 85  ? 2.893   -11.852 7.400   1.00 33.55 ? 135  GLN A CG  1 
ATOM   546  C CD  . GLN A 1 85  ? 3.961   -12.920 7.505   1.00 37.72 ? 135  GLN A CD  1 
ATOM   547  O OE1 . GLN A 1 85  ? 4.027   -13.837 6.682   1.00 39.14 ? 135  GLN A OE1 1 
ATOM   548  N NE2 . GLN A 1 85  ? 4.805   -12.811 8.530   1.00 40.36 ? 135  GLN A NE2 1 
ATOM   549  N N   . ALA A 1 86  ? 2.654   -8.759  3.968   1.00 16.50 ? 136  ALA A N   1 
ATOM   550  C CA  . ALA A 1 86  ? 2.449   -8.298  2.609   1.00 17.52 ? 136  ALA A CA  1 
ATOM   551  C C   . ALA A 1 86  ? 3.703   -7.815  1.921   1.00 15.80 ? 136  ALA A C   1 
ATOM   552  O O   . ALA A 1 86  ? 4.694   -7.463  2.561   1.00 16.99 ? 136  ALA A O   1 
ATOM   553  C CB  . ALA A 1 86  ? 1.390   -7.180  2.598   1.00 14.53 ? 136  ALA A CB  1 
ATOM   554  N N   . VAL A 1 87  ? 3.651   -7.811  0.597   1.00 16.14 ? 137  VAL A N   1 
ATOM   555  C CA  . VAL A 1 87  ? 4.757   -7.325  -0.197  1.00 18.29 ? 137  VAL A CA  1 
ATOM   556  C C   . VAL A 1 87  ? 4.267   -6.061  -0.886  1.00 19.38 ? 137  VAL A C   1 
ATOM   557  O O   . VAL A 1 87  ? 3.280   -6.084  -1.622  1.00 20.07 ? 137  VAL A O   1 
ATOM   558  C CB  . VAL A 1 87  ? 5.193   -8.341  -1.271  1.00 20.37 ? 137  VAL A CB  1 
ATOM   559  C CG1 . VAL A 1 87  ? 6.346   -7.754  -2.093  1.00 18.94 ? 137  VAL A CG1 1 
ATOM   560  C CG2 . VAL A 1 87  ? 5.615   -9.654  -0.611  1.00 19.67 ? 137  VAL A CG2 1 
ATOM   561  N N   . LEU A 1 88  ? 4.937   -4.952  -0.602  1.00 20.34 ? 138  LEU A N   1 
ATOM   562  C CA  . LEU A 1 88  ? 4.598   -3.670  -1.198  1.00 20.14 ? 138  LEU A CA  1 
ATOM   563  C C   . LEU A 1 88  ? 5.573   -3.450  -2.344  1.00 20.88 ? 138  LEU A C   1 
ATOM   564  O O   . LEU A 1 88  ? 6.790   -3.430  -2.149  1.00 21.14 ? 138  LEU A O   1 
ATOM   565  C CB  . LEU A 1 88  ? 4.714   -2.561  -0.154  1.00 19.16 ? 138  LEU A CB  1 
ATOM   566  C CG  . LEU A 1 88  ? 3.527   -2.413  0.810   1.00 19.85 ? 138  LEU A CG  1 
ATOM   567  C CD1 . LEU A 1 88  ? 3.147   -3.757  1.429   1.00 19.94 ? 138  LEU A CD1 1 
ATOM   568  C CD2 . LEU A 1 88  ? 3.893   -1.402  1.888   1.00 16.97 ? 138  LEU A CD2 1 
ATOM   569  N N   . LYS A 1 89  ? 5.043   -3.286  -3.547  1.00 20.41 ? 139  LYS A N   1 
ATOM   570  C CA  . LYS A 1 89  ? 5.914   -3.128  -4.696  1.00 20.55 ? 139  LYS A CA  1 
ATOM   571  C C   . LYS A 1 89  ? 5.581   -1.992  -5.653  1.00 19.11 ? 139  LYS A C   1 
ATOM   572  O O   . LYS A 1 89  ? 4.420   -1.709  -5.938  1.00 19.14 ? 139  LYS A O   1 
ATOM   573  C CB  . LYS A 1 89  ? 5.957   -4.464  -5.457  1.00 22.20 ? 139  LYS A CB  1 
ATOM   574  C CG  . LYS A 1 89  ? 6.620   -4.413  -6.825  1.00 23.95 ? 139  LYS A CG  1 
ATOM   575  C CD  . LYS A 1 89  ? 6.997   -5.804  -7.325  1.00 27.40 ? 139  LYS A CD  1 
ATOM   576  C CE  . LYS A 1 89  ? 5.823   -6.760  -7.315  1.00 31.97 ? 139  LYS A CE  1 
ATOM   577  N NZ  . LYS A 1 89  ? 6.224   -8.126  -7.761  1.00 36.28 ? 139  LYS A NZ  1 
ATOM   578  N N   . ILE A 1 90  ? 6.618   -1.317  -6.126  1.00 18.89 ? 140  ILE A N   1 
ATOM   579  C CA  . ILE A 1 90  ? 6.414   -0.259  -7.095  1.00 20.69 ? 140  ILE A CA  1 
ATOM   580  C C   . ILE A 1 90  ? 6.856   -0.894  -8.407  1.00 21.92 ? 140  ILE A C   1 
ATOM   581  O O   . ILE A 1 90  ? 8.027   -1.202  -8.606  1.00 23.52 ? 140  ILE A O   1 
ATOM   582  C CB  . ILE A 1 90  ? 7.233   0.995   -6.763  1.00 19.83 ? 140  ILE A CB  1 
ATOM   583  C CG1 . ILE A 1 90  ? 6.638   1.665   -5.519  1.00 19.51 ? 140  ILE A CG1 1 
ATOM   584  C CG2 . ILE A 1 90  ? 7.192   1.965   -7.929  1.00 18.41 ? 140  ILE A CG2 1 
ATOM   585  C CD1 . ILE A 1 90  ? 7.316   2.939   -5.111  1.00 18.92 ? 140  ILE A CD1 1 
ATOM   586  N N   . ILE A 1 91  ? 5.886   -1.131  -9.279  1.00 23.10 ? 141  ILE A N   1 
ATOM   587  C CA  . ILE A 1 91  ? 6.133   -1.770  -10.559 1.00 22.61 ? 141  ILE A CA  1 
ATOM   588  C C   . ILE A 1 91  ? 7.072   -1.020  -11.491 1.00 22.69 ? 141  ILE A C   1 
ATOM   589  O O   . ILE A 1 91  ? 6.978   0.194   -11.651 1.00 20.98 ? 141  ILE A O   1 
ATOM   590  C CB  . ILE A 1 91  ? 4.809   -2.009  -11.314 1.00 23.35 ? 141  ILE A CB  1 
ATOM   591  C CG1 . ILE A 1 91  ? 3.913   -2.968  -10.516 1.00 23.94 ? 141  ILE A CG1 1 
ATOM   592  C CG2 . ILE A 1 91  ? 5.095   -2.564  -12.712 1.00 23.37 ? 141  ILE A CG2 1 
ATOM   593  C CD1 . ILE A 1 91  ? 4.531   -4.336  -10.252 1.00 24.06 ? 141  ILE A CD1 1 
ATOM   594  N N   . ASN A 1 92  ? 7.996   -1.754  -12.093 1.00 22.67 ? 142  ASN A N   1 
ATOM   595  C CA  . ASN A 1 92  ? 8.901   -1.161  -13.063 1.00 24.24 ? 142  ASN A CA  1 
ATOM   596  C C   . ASN A 1 92  ? 8.322   -1.696  -14.363 1.00 24.20 ? 142  ASN A C   1 
ATOM   597  O O   . ASN A 1 92  ? 8.409   -2.888  -14.638 1.00 24.76 ? 142  ASN A O   1 
ATOM   598  C CB  . ASN A 1 92  ? 10.332  -1.654  -12.853 1.00 22.29 ? 142  ASN A CB  1 
ATOM   599  C CG  . ASN A 1 92  ? 11.321  -0.949  -13.755 1.00 22.81 ? 142  ASN A CG  1 
ATOM   600  O OD1 . ASN A 1 92  ? 11.347  -1.179  -14.962 1.00 21.42 ? 142  ASN A OD1 1 
ATOM   601  N ND2 . ASN A 1 92  ? 12.131  -0.072  -13.173 1.00 20.13 ? 142  ASN A ND2 1 
ATOM   602  N N   . TYR A 1 93  ? 7.714   -0.817  -15.150 1.00 27.24 ? 143  TYR A N   1 
ATOM   603  C CA  . TYR A 1 93  ? 7.070   -1.230  -16.395 1.00 30.65 ? 143  TYR A CA  1 
ATOM   604  C C   . TYR A 1 93  ? 8.002   -1.754  -17.487 1.00 31.32 ? 143  TYR A C   1 
ATOM   605  O O   . TYR A 1 93  ? 7.570   -2.498  -18.364 1.00 32.85 ? 143  TYR A O   1 
ATOM   606  C CB  . TYR A 1 93  ? 6.190   -0.081  -16.932 1.00 32.96 ? 143  TYR A CB  1 
ATOM   607  C CG  . TYR A 1 93  ? 6.900   0.941   -17.797 1.00 38.52 ? 143  TYR A CG  1 
ATOM   608  C CD1 . TYR A 1 93  ? 7.037   0.744   -19.172 1.00 40.41 ? 143  TYR A CD1 1 
ATOM   609  C CD2 . TYR A 1 93  ? 7.436   2.104   -17.244 1.00 40.28 ? 143  TYR A CD2 1 
ATOM   610  C CE1 . TYR A 1 93  ? 7.690   1.680   -19.978 1.00 42.21 ? 143  TYR A CE1 1 
ATOM   611  C CE2 . TYR A 1 93  ? 8.092   3.048   -18.040 1.00 42.68 ? 143  TYR A CE2 1 
ATOM   612  C CZ  . TYR A 1 93  ? 8.215   2.826   -19.407 1.00 43.30 ? 143  TYR A CZ  1 
ATOM   613  O OH  . TYR A 1 93  ? 8.865   3.747   -20.199 1.00 44.38 ? 143  TYR A OH  1 
ATOM   614  N N   . ARG A 1 94  ? 9.276   -1.384  -17.433 1.00 32.89 ? 144  ARG A N   1 
ATOM   615  C CA  . ARG A 1 94  ? 10.234  -1.835  -18.440 1.00 34.48 ? 144  ARG A CA  1 
ATOM   616  C C   . ARG A 1 94  ? 10.817  -3.216  -18.174 1.00 35.52 ? 144  ARG A C   1 
ATOM   617  O O   . ARG A 1 94  ? 11.190  -3.921  -19.110 1.00 36.81 ? 144  ARG A O   1 
ATOM   618  C CB  . ARG A 1 94  ? 11.393  -0.844  -18.563 1.00 34.26 ? 144  ARG A CB  1 
ATOM   619  C CG  . ARG A 1 94  ? 11.026  0.502   -19.148 1.00 35.07 ? 144  ARG A CG  1 
ATOM   620  C CD  . ARG A 1 94  ? 12.259  1.378   -19.239 1.00 34.04 ? 144  ARG A CD  1 
ATOM   621  N NE  . ARG A 1 94  ? 11.956  2.694   -19.781 1.00 35.38 ? 144  ARG A NE  1 
ATOM   622  C CZ  . ARG A 1 94  ? 12.847  3.671   -19.888 1.00 36.71 ? 144  ARG A CZ  1 
ATOM   623  N NH1 . ARG A 1 94  ? 14.097  3.473   -19.489 1.00 36.12 ? 144  ARG A NH1 1 
ATOM   624  N NH2 . ARG A 1 94  ? 12.492  4.844   -20.391 1.00 38.96 ? 144  ARG A NH2 1 
ATOM   625  N N   . ASP A 1 95  ? 10.903  -3.596  -16.901 1.00 35.56 ? 145  ASP A N   1 
ATOM   626  C CA  . ASP A 1 95  ? 11.471  -4.886  -16.515 1.00 36.65 ? 145  ASP A CA  1 
ATOM   627  C C   . ASP A 1 95  ? 11.037  -5.214  -15.086 1.00 37.31 ? 145  ASP A C   1 
ATOM   628  O O   . ASP A 1 95  ? 11.575  -4.655  -14.133 1.00 36.90 ? 145  ASP A O   1 
ATOM   629  C CB  . ASP A 1 95  ? 12.996  -4.798  -16.596 1.00 36.50 ? 145  ASP A CB  1 
ATOM   630  C CG  . ASP A 1 95  ? 13.692  -6.055  -16.111 1.00 38.43 ? 145  ASP A CG  1 
ATOM   631  O OD1 . ASP A 1 95  ? 14.942  -6.053  -16.102 1.00 40.35 ? 145  ASP A OD1 1 
ATOM   632  O OD2 . ASP A 1 95  ? 13.009  -7.036  -15.742 1.00 35.37 ? 145  ASP A OD2 1 
ATOM   633  N N   . ASP A 1 96  ? 10.079  -6.125  -14.935 1.00 38.14 ? 146  ASP A N   1 
ATOM   634  C CA  . ASP A 1 96  ? 9.579   -6.465  -13.605 1.00 40.45 ? 146  ASP A CA  1 
ATOM   635  C C   . ASP A 1 96  ? 10.619  -6.933  -12.587 1.00 40.71 ? 146  ASP A C   1 
ATOM   636  O O   . ASP A 1 96  ? 10.350  -6.922  -11.385 1.00 41.78 ? 146  ASP A O   1 
ATOM   637  C CB  . ASP A 1 96  ? 8.452   -7.495  -13.695 1.00 42.42 ? 146  ASP A CB  1 
ATOM   638  C CG  . ASP A 1 96  ? 7.686   -7.632  -12.382 1.00 45.14 ? 146  ASP A CG  1 
ATOM   639  O OD1 . ASP A 1 96  ? 8.129   -8.400  -11.502 1.00 46.64 ? 146  ASP A OD1 1 
ATOM   640  O OD2 . ASP A 1 96  ? 6.648   -6.951  -12.220 1.00 44.83 ? 146  ASP A OD2 1 
ATOM   641  N N   . GLU A 1 97  ? 11.797  -7.344  -13.045 1.00 40.16 ? 147  GLU A N   1 
ATOM   642  C CA  . GLU A 1 97  ? 12.824  -7.776  -12.105 1.00 39.98 ? 147  GLU A CA  1 
ATOM   643  C C   . GLU A 1 97  ? 13.436  -6.550  -11.439 1.00 38.14 ? 147  GLU A C   1 
ATOM   644  O O   . GLU A 1 97  ? 14.127  -6.654  -10.422 1.00 36.39 ? 147  GLU A O   1 
ATOM   645  C CB  . GLU A 1 97  ? 13.913  -8.591  -12.812 1.00 42.29 ? 147  GLU A CB  1 
ATOM   646  C CG  . GLU A 1 97  ? 13.468  -9.982  -13.231 1.00 47.70 ? 147  GLU A CG  1 
ATOM   647  C CD  . GLU A 1 97  ? 14.630  -10.869 -13.662 1.00 52.04 ? 147  GLU A CD  1 
ATOM   648  O OE1 . GLU A 1 97  ? 15.348  -10.499 -14.617 1.00 52.86 ? 147  GLU A OE1 1 
ATOM   649  O OE2 . GLU A 1 97  ? 14.825  -11.940 -13.044 1.00 54.43 ? 147  GLU A OE2 1 
ATOM   650  N N   . LYS A 1 98  ? 13.173  -5.385  -12.024 1.00 36.45 ? 148  LYS A N   1 
ATOM   651  C CA  . LYS A 1 98  ? 13.680  -4.124  -11.498 1.00 34.66 ? 148  LYS A CA  1 
ATOM   652  C C   . LYS A 1 98  ? 12.655  -3.468  -10.581 1.00 30.98 ? 148  LYS A C   1 
ATOM   653  O O   . LYS A 1 98  ? 12.903  -2.404  -10.019 1.00 30.03 ? 148  LYS A O   1 
ATOM   654  C CB  . LYS A 1 98  ? 14.037  -3.171  -12.642 1.00 37.05 ? 148  LYS A CB  1 
ATOM   655  C CG  . LYS A 1 98  ? 15.205  -3.643  -13.501 1.00 40.99 ? 148  LYS A CG  1 
ATOM   656  C CD  . LYS A 1 98  ? 16.494  -3.724  -12.691 1.00 41.90 ? 148  LYS A CD  1 
ATOM   657  C CE  . LYS A 1 98  ? 17.694  -4.045  -13.577 1.00 43.27 ? 148  LYS A CE  1 
ATOM   658  N NZ  . LYS A 1 98  ? 17.900  -3.004  -14.628 1.00 42.70 ? 148  LYS A NZ  1 
ATOM   659  N N   . SER A 1 99  ? 11.496  -4.096  -10.444 1.00 28.50 ? 149  SER A N   1 
ATOM   660  C CA  . SER A 1 99  ? 10.466  -3.567  -9.561  1.00 28.12 ? 149  SER A CA  1 
ATOM   661  C C   . SER A 1 99  ? 11.041  -3.599  -8.153  1.00 28.40 ? 149  SER A C   1 
ATOM   662  O O   . SER A 1 99  ? 11.748  -4.538  -7.790  1.00 28.05 ? 149  SER A O   1 
ATOM   663  C CB  . SER A 1 99  ? 9.208   -4.429  -9.633  1.00 26.62 ? 149  SER A CB  1 
ATOM   664  O OG  . SER A 1 99  ? 8.634   -4.346  -10.921 1.00 26.33 ? 149  SER A OG  1 
ATOM   665  N N   . PHE A 1 100 ? 10.753  -2.569  -7.366  1.00 27.30 ? 150  PHE A N   1 
ATOM   666  C CA  . PHE A 1 100 ? 11.270  -2.501  -6.013  1.00 28.17 ? 150  PHE A CA  1 
ATOM   667  C C   . PHE A 1 100 ? 10.190  -2.810  -4.991  1.00 28.05 ? 150  PHE A C   1 
ATOM   668  O O   . PHE A 1 100 ? 9.101   -2.230  -5.025  1.00 27.56 ? 150  PHE A O   1 
ATOM   669  C CB  . PHE A 1 100 ? 11.860  -1.119  -5.731  1.00 30.74 ? 150  PHE A CB  1 
ATOM   670  C CG  . PHE A 1 100 ? 12.490  -1.004  -4.373  1.00 34.68 ? 150  PHE A CG  1 
ATOM   671  C CD1 . PHE A 1 100 ? 13.533  -1.857  -4.004  1.00 37.58 ? 150  PHE A CD1 1 
ATOM   672  C CD2 . PHE A 1 100 ? 12.035  -0.065  -3.456  1.00 35.00 ? 150  PHE A CD2 1 
ATOM   673  C CE1 . PHE A 1 100 ? 14.113  -1.775  -2.735  1.00 38.63 ? 150  PHE A CE1 1 
ATOM   674  C CE2 . PHE A 1 100 ? 12.604  0.029   -2.185  1.00 38.59 ? 150  PHE A CE2 1 
ATOM   675  C CZ  . PHE A 1 100 ? 13.644  -0.827  -1.821  1.00 38.73 ? 150  PHE A CZ  1 
ATOM   676  N N   . SER A 1 101 ? 10.500  -3.715  -4.071  1.00 25.68 ? 151  SER A N   1 
ATOM   677  C CA  . SER A 1 101 ? 9.529   -4.088  -3.059  1.00 27.80 ? 151  SER A CA  1 
ATOM   678  C C   . SER A 1 101 ? 10.112  -4.279  -1.663  1.00 27.52 ? 151  SER A C   1 
ATOM   679  O O   . SER A 1 101 ? 11.298  -4.552  -1.489  1.00 28.59 ? 151  SER A O   1 
ATOM   680  C CB  . SER A 1 101 ? 8.806   -5.364  -3.482  1.00 28.44 ? 151  SER A CB  1 
ATOM   681  O OG  . SER A 1 101 ? 9.701   -6.457  -3.518  1.00 27.70 ? 151  SER A OG  1 
ATOM   682  N N   . ARG A 1 102 ? 9.251   -4.114  -0.670  1.00 26.37 ? 152  ARG A N   1 
ATOM   683  C CA  . ARG A 1 102 ? 9.618   -4.280  0.725   1.00 26.56 ? 152  ARG A CA  1 
ATOM   684  C C   . ARG A 1 102 ? 8.492   -5.106  1.333   1.00 27.33 ? 152  ARG A C   1 
ATOM   685  O O   . ARG A 1 102 ? 7.347   -5.057  0.869   1.00 25.86 ? 152  ARG A O   1 
ATOM   686  C CB  . ARG A 1 102 ? 9.713   -2.924  1.438   1.00 25.87 ? 152  ARG A CB  1 
ATOM   687  C CG  . ARG A 1 102 ? 10.819  -1.999  0.939   1.00 24.95 ? 152  ARG A CG  1 
ATOM   688  C CD  . ARG A 1 102 ? 10.792  -0.673  1.702   1.00 28.15 ? 152  ARG A CD  1 
ATOM   689  N NE  . ARG A 1 102 ? 11.708  0.330   1.150   1.00 31.28 ? 152  ARG A NE  1 
ATOM   690  C CZ  . ARG A 1 102 ? 13.034  0.288   1.265   1.00 32.26 ? 152  ARG A CZ  1 
ATOM   691  N NH1 . ARG A 1 102 ? 13.618  -0.708  1.919   1.00 30.19 ? 152  ARG A NH1 1 
ATOM   692  N NH2 . ARG A 1 102 ? 13.780  1.244   0.722   1.00 30.40 ? 152  ARG A NH2 1 
ATOM   693  N N   . ARG A 1 103 ? 8.817   -5.865  2.366   1.00 27.89 ? 153  ARG A N   1 
ATOM   694  C CA  . ARG A 1 103 ? 7.835   -6.712  3.018   1.00 28.63 ? 153  ARG A CA  1 
ATOM   695  C C   . ARG A 1 103 ? 7.456   -6.149  4.376   1.00 26.94 ? 153  ARG A C   1 
ATOM   696  O O   . ARG A 1 103 ? 8.248   -5.464  5.023   1.00 26.19 ? 153  ARG A O   1 
ATOM   697  C CB  . ARG A 1 103 ? 8.411   -8.121  3.178   1.00 33.97 ? 153  ARG A CB  1 
ATOM   698  C CG  . ARG A 1 103 ? 9.792   -8.118  3.812   1.00 42.16 ? 153  ARG A CG  1 
ATOM   699  C CD  . ARG A 1 103 ? 10.543  -9.431  3.606   1.00 48.57 ? 153  ARG A CD  1 
ATOM   700  N NE  . ARG A 1 103 ? 11.925  -9.326  4.079   1.00 53.63 ? 153  ARG A NE  1 
ATOM   701  C CZ  . ARG A 1 103 ? 12.833  -8.499  3.564   1.00 55.92 ? 153  ARG A CZ  1 
ATOM   702  N NH1 . ARG A 1 103 ? 12.514  -7.702  2.550   1.00 56.28 ? 153  ARG A NH1 1 
ATOM   703  N NH2 . ARG A 1 103 ? 14.059  -8.458  4.070   1.00 57.25 ? 153  ARG A NH2 1 
ATOM   704  N N   . ILE A 1 104 ? 6.229   -6.424  4.797   1.00 24.22 ? 154  ILE A N   1 
ATOM   705  C CA  . ILE A 1 104 ? 5.766   -5.973  6.096   1.00 22.76 ? 154  ILE A CA  1 
ATOM   706  C C   . ILE A 1 104 ? 4.973   -7.079  6.761   1.00 22.79 ? 154  ILE A C   1 
ATOM   707  O O   . ILE A 1 104 ? 4.488   -8.004  6.103   1.00 20.99 ? 154  ILE A O   1 
ATOM   708  C CB  . ILE A 1 104 ? 4.860   -4.723  6.001   1.00 22.39 ? 154  ILE A CB  1 
ATOM   709  C CG1 . ILE A 1 104 ? 3.654   -5.018  5.108   1.00 22.13 ? 154  ILE A CG1 1 
ATOM   710  C CG2 . ILE A 1 104 ? 5.655   -3.536  5.496   1.00 23.56 ? 154  ILE A CG2 1 
ATOM   711  C CD1 . ILE A 1 104 ? 2.660   -3.881  5.040   1.00 20.83 ? 154  ILE A CD1 1 
ATOM   712  N N   . SER A 1 105 ? 4.863   -6.973  8.078   1.00 22.73 ? 155  SER A N   1 
ATOM   713  C CA  . SER A 1 105 ? 4.121   -7.916  8.901   1.00 23.24 ? 155  SER A CA  1 
ATOM   714  C C   . SER A 1 105 ? 3.561   -6.997  9.973   1.00 22.19 ? 155  SER A C   1 
ATOM   715  O O   . SER A 1 105 ? 4.319   -6.272  10.618  1.00 19.69 ? 155  SER A O   1 
ATOM   716  C CB  . SER A 1 105 ? 5.068   -8.951  9.510   1.00 23.85 ? 155  SER A CB  1 
ATOM   717  O OG  . SER A 1 105 ? 4.357   -9.863  10.326  1.00 27.07 ? 155  SER A OG  1 
ATOM   718  N N   . HIS A 1 106 ? 2.242   -7.014  10.167  1.00 21.97 ? 156  HIS A N   1 
ATOM   719  C CA  . HIS A 1 106 ? 1.631   -6.099  11.128  1.00 20.57 ? 156  HIS A CA  1 
ATOM   720  C C   . HIS A 1 106 ? 0.241   -6.506  11.609  1.00 21.50 ? 156  HIS A C   1 
ATOM   721  O O   . HIS A 1 106 ? -0.539  -7.137  10.881  1.00 21.86 ? 156  HIS A O   1 
ATOM   722  C CB  . HIS A 1 106 ? 1.570   -4.705  10.482  1.00 19.20 ? 156  HIS A CB  1 
ATOM   723  C CG  . HIS A 1 106 ? 0.816   -3.685  11.278  1.00 20.15 ? 156  HIS A CG  1 
ATOM   724  N ND1 . HIS A 1 106 ? 1.266   -3.196  12.484  1.00 19.10 ? 156  HIS A ND1 1 
ATOM   725  C CD2 . HIS A 1 106 ? -0.351  -3.047  11.025  1.00 19.75 ? 156  HIS A CD2 1 
ATOM   726  C CE1 . HIS A 1 106 ? 0.411   -2.300  12.941  1.00 19.19 ? 156  HIS A CE1 1 
ATOM   727  N NE2 . HIS A 1 106 ? -0.579  -2.189  12.074  1.00 22.09 ? 156  HIS A NE2 1 
ATOM   728  N N   . LEU A 1 107 ? -0.064  -6.140  12.848  1.00 20.94 ? 157  LEU A N   1 
ATOM   729  C CA  . LEU A 1 107 ? -1.366  -6.438  13.423  1.00 20.44 ? 157  LEU A CA  1 
ATOM   730  C C   . LEU A 1 107 ? -2.206  -5.182  13.223  1.00 21.01 ? 157  LEU A C   1 
ATOM   731  O O   . LEU A 1 107 ? -2.071  -4.205  13.965  1.00 20.71 ? 157  LEU A O   1 
ATOM   732  C CB  . LEU A 1 107 ? -1.232  -6.766  14.918  1.00 18.65 ? 157  LEU A CB  1 
ATOM   733  C CG  . LEU A 1 107 ? -2.484  -7.166  15.713  1.00 23.10 ? 157  LEU A CG  1 
ATOM   734  C CD1 . LEU A 1 107 ? -3.361  -5.947  15.984  1.00 23.95 ? 157  LEU A CD1 1 
ATOM   735  C CD2 . LEU A 1 107 ? -3.265  -8.231  14.945  1.00 19.81 ? 157  LEU A CD2 1 
ATOM   736  N N   . PHE A 1 108 ? -3.056  -5.198  12.200  1.00 20.33 ? 158  PHE A N   1 
ATOM   737  C CA  . PHE A 1 108 ? -3.914  -4.052  11.927  1.00 17.68 ? 158  PHE A CA  1 
ATOM   738  C C   . PHE A 1 108 ? -5.102  -4.002  12.881  1.00 17.83 ? 158  PHE A C   1 
ATOM   739  O O   . PHE A 1 108 ? -5.725  -5.028  13.170  1.00 16.01 ? 158  PHE A O   1 
ATOM   740  C CB  . PHE A 1 108 ? -4.465  -4.097  10.491  1.00 15.84 ? 158  PHE A CB  1 
ATOM   741  C CG  . PHE A 1 108 ? -3.408  -4.017  9.424   1.00 14.13 ? 158  PHE A CG  1 
ATOM   742  C CD1 . PHE A 1 108 ? -2.617  -5.115  9.128   1.00 12.99 ? 158  PHE A CD1 1 
ATOM   743  C CD2 . PHE A 1 108 ? -3.191  -2.828  8.738   1.00 14.17 ? 158  PHE A CD2 1 
ATOM   744  C CE1 . PHE A 1 108 ? -1.615  -5.037  8.168   1.00 16.31 ? 158  PHE A CE1 1 
ATOM   745  C CE2 . PHE A 1 108 ? -2.192  -2.735  7.770   1.00 17.74 ? 158  PHE A CE2 1 
ATOM   746  C CZ  . PHE A 1 108 ? -1.398  -3.846  7.486   1.00 16.24 ? 158  PHE A CZ  1 
ATOM   747  N N   . PHE A 1 109 ? -5.387  -2.804  13.383  1.00 18.48 ? 159  PHE A N   1 
ATOM   748  C CA  . PHE A 1 109 ? -6.544  -2.563  14.234  1.00 17.94 ? 159  PHE A CA  1 
ATOM   749  C C   . PHE A 1 109 ? -6.827  -1.066  14.141  1.00 19.38 ? 159  PHE A C   1 
ATOM   750  O O   . PHE A 1 109 ? -6.051  -0.340  13.515  1.00 17.90 ? 159  PHE A O   1 
ATOM   751  C CB  . PHE A 1 109 ? -6.339  -3.068  15.675  1.00 18.65 ? 159  PHE A CB  1 
ATOM   752  C CG  . PHE A 1 109 ? -5.364  -2.275  16.504  1.00 18.07 ? 159  PHE A CG  1 
ATOM   753  C CD1 . PHE A 1 109 ? -3.999  -2.320  16.245  1.00 16.79 ? 159  PHE A CD1 1 
ATOM   754  C CD2 . PHE A 1 109 ? -5.813  -1.569  17.616  1.00 18.21 ? 159  PHE A CD2 1 
ATOM   755  C CE1 . PHE A 1 109 ? -3.091  -1.677  17.089  1.00 18.68 ? 159  PHE A CE1 1 
ATOM   756  C CE2 . PHE A 1 109 ? -4.912  -0.918  18.474  1.00 18.69 ? 159  PHE A CE2 1 
ATOM   757  C CZ  . PHE A 1 109 ? -3.553  -0.974  18.211  1.00 15.95 ? 159  PHE A CZ  1 
ATOM   758  N N   . HIS A 1 110 ? -7.923  -0.597  14.734  1.00 20.18 ? 160  HIS A N   1 
ATOM   759  C CA  . HIS A 1 110 ? -8.292  0.809   14.597  1.00 22.63 ? 160  HIS A CA  1 
ATOM   760  C C   . HIS A 1 110 ? -7.248  1.868   14.922  1.00 21.98 ? 160  HIS A C   1 
ATOM   761  O O   . HIS A 1 110 ? -7.201  2.887   14.247  1.00 23.71 ? 160  HIS A O   1 
ATOM   762  C CB  . HIS A 1 110 ? -9.604  1.113   15.342  1.00 24.83 ? 160  HIS A CB  1 
ATOM   763  C CG  . HIS A 1 110 ? -9.457  1.258   16.824  1.00 30.62 ? 160  HIS A CG  1 
ATOM   764  N ND1 . HIS A 1 110 ? -9.069  0.220   17.643  1.00 33.51 ? 160  HIS A ND1 1 
ATOM   765  C CD2 . HIS A 1 110 ? -9.698  2.312   17.643  1.00 31.99 ? 160  HIS A CD2 1 
ATOM   766  C CE1 . HIS A 1 110 ? -9.080  0.624   18.902  1.00 31.81 ? 160  HIS A CE1 1 
ATOM   767  N NE2 . HIS A 1 110 ? -9.459  1.889   18.929  1.00 32.54 ? 160  HIS A NE2 1 
ATOM   768  N N   . LYS A 1 111 ? -6.408  1.640   15.924  1.00 23.32 ? 161  LYS A N   1 
ATOM   769  C CA  . LYS A 1 111 ? -5.382  2.617   16.275  1.00 23.81 ? 161  LYS A CA  1 
ATOM   770  C C   . LYS A 1 111 ? -4.126  2.539   15.400  1.00 24.04 ? 161  LYS A C   1 
ATOM   771  O O   . LYS A 1 111 ? -3.304  3.453   15.400  1.00 22.84 ? 161  LYS A O   1 
ATOM   772  C CB  . LYS A 1 111 ? -5.008  2.483   17.756  1.00 28.09 ? 161  LYS A CB  1 
ATOM   773  C CG  . LYS A 1 111 ? -6.066  3.061   18.698  1.00 33.27 ? 161  LYS A CG  1 
ATOM   774  C CD  . LYS A 1 111 ? -5.652  2.958   20.155  1.00 36.39 ? 161  LYS A CD  1 
ATOM   775  C CE  . LYS A 1 111 ? -6.731  3.521   21.078  1.00 40.09 ? 161  LYS A CE  1 
ATOM   776  N NZ  . LYS A 1 111 ? -6.348  3.442   22.522  1.00 41.04 ? 161  LYS A NZ  1 
ATOM   777  N N   . GLU A 1 112 ? -3.977  1.443   14.663  1.00 23.03 ? 162  GLU A N   1 
ATOM   778  C CA  . GLU A 1 112 ? -2.845  1.265   13.761  1.00 22.90 ? 162  GLU A CA  1 
ATOM   779  C C   . GLU A 1 112 ? -3.423  0.618   12.514  1.00 21.72 ? 162  GLU A C   1 
ATOM   780  O O   . GLU A 1 112 ? -3.096  -0.531  12.187  1.00 20.68 ? 162  GLU A O   1 
ATOM   781  C CB  . GLU A 1 112 ? -1.778  0.351   14.393  1.00 24.86 ? 162  GLU A CB  1 
ATOM   782  C CG  . GLU A 1 112 ? -1.140  0.922   15.660  1.00 28.78 ? 162  GLU A CG  1 
ATOM   783  C CD  . GLU A 1 112 ? 0.051   0.110   16.169  1.00 31.19 ? 162  GLU A CD  1 
ATOM   784  O OE1 . GLU A 1 112 ? 0.642   0.511   17.192  1.00 34.44 ? 162  GLU A OE1 1 
ATOM   785  O OE2 . GLU A 1 112 ? 0.407   -0.920  15.559  1.00 32.05 ? 162  GLU A OE2 1 
ATOM   786  N N   . ASN A 1 113 ? -4.276  1.358   11.807  1.00 19.52 ? 163  ASN A N   1 
ATOM   787  C CA  . ASN A 1 113 ? -4.928  0.797   10.631  1.00 18.36 ? 163  ASN A CA  1 
ATOM   788  C C   . ASN A 1 113 ? -4.156  0.774   9.315   1.00 18.96 ? 163  ASN A C   1 
ATOM   789  O O   . ASN A 1 113 ? -4.684  0.308   8.303   1.00 17.46 ? 163  ASN A O   1 
ATOM   790  C CB  . ASN A 1 113 ? -6.306  1.439   10.417  1.00 14.40 ? 163  ASN A CB  1 
ATOM   791  C CG  . ASN A 1 113 ? -6.229  2.883   10.005  1.00 13.39 ? 163  ASN A CG  1 
ATOM   792  O OD1 . ASN A 1 113 ? -5.239  3.326   9.426   1.00 14.29 ? 163  ASN A OD1 1 
ATOM   793  N ND2 . ASN A 1 113 ? -7.294  3.629   10.283  1.00 11.19 ? 163  ASN A ND2 1 
ATOM   794  N N   . ASP A 1 114 ? -2.925  1.281   9.320   1.00 20.20 ? 164  ASP A N   1 
ATOM   795  C CA  . ASP A 1 114 ? -2.087  1.241   8.123   1.00 21.90 ? 164  ASP A CA  1 
ATOM   796  C C   . ASP A 1 114 ? -0.637  0.981   8.520   1.00 21.98 ? 164  ASP A C   1 
ATOM   797  O O   . ASP A 1 114 ? -0.233  1.236   9.656   1.00 22.23 ? 164  ASP A O   1 
ATOM   798  C CB  . ASP A 1 114 ? -2.204  2.527   7.270   1.00 23.64 ? 164  ASP A CB  1 
ATOM   799  C CG  . ASP A 1 114 ? -1.526  3.742   7.900   1.00 26.06 ? 164  ASP A CG  1 
ATOM   800  O OD1 . ASP A 1 114 ? -0.439  3.601   8.488   1.00 27.37 ? 164  ASP A OD1 1 
ATOM   801  O OD2 . ASP A 1 114 ? -2.072  4.859   7.779   1.00 28.31 ? 164  ASP A OD2 1 
ATOM   802  N N   . TRP A 1 115 ? 0.145   0.463   7.581   1.00 22.26 ? 165  TRP A N   1 
ATOM   803  C CA  . TRP A 1 115 ? 1.533   0.145   7.864   1.00 20.44 ? 165  TRP A CA  1 
ATOM   804  C C   . TRP A 1 115 ? 2.334   0.208   6.579   1.00 19.93 ? 165  TRP A C   1 
ATOM   805  O O   . TRP A 1 115 ? 1.851   -0.200  5.523   1.00 20.01 ? 165  TRP A O   1 
ATOM   806  C CB  . TRP A 1 115 ? 1.609   -1.257  8.469   1.00 18.54 ? 165  TRP A CB  1 
ATOM   807  C CG  . TRP A 1 115 ? 2.804   -1.505  9.340   1.00 17.17 ? 165  TRP A CG  1 
ATOM   808  C CD1 . TRP A 1 115 ? 3.818   -2.393  9.105   1.00 16.72 ? 165  TRP A CD1 1 
ATOM   809  C CD2 . TRP A 1 115 ? 3.057   -0.939  10.634  1.00 15.12 ? 165  TRP A CD2 1 
ATOM   810  N NE1 . TRP A 1 115 ? 4.677   -2.421  10.179  1.00 17.49 ? 165  TRP A NE1 1 
ATOM   811  C CE2 . TRP A 1 115 ? 4.235   -1.541  11.130  1.00 17.07 ? 165  TRP A CE2 1 
ATOM   812  C CE3 . TRP A 1 115 ? 2.400   0.013   11.424  1.00 16.12 ? 165  TRP A CE3 1 
ATOM   813  C CZ2 . TRP A 1 115 ? 4.771   -1.220  12.386  1.00 19.21 ? 165  TRP A CZ2 1 
ATOM   814  C CZ3 . TRP A 1 115 ? 2.930   0.333   12.672  1.00 18.40 ? 165  TRP A CZ3 1 
ATOM   815  C CH2 . TRP A 1 115 ? 4.106   -0.285  13.141  1.00 18.76 ? 165  TRP A CH2 1 
ATOM   816  N N   . GLY A 1 116 ? 3.557   0.720   6.674   1.00 19.32 ? 166  GLY A N   1 
ATOM   817  C CA  . GLY A 1 116 ? 4.402   0.830   5.500   1.00 19.94 ? 166  GLY A CA  1 
ATOM   818  C C   . GLY A 1 116 ? 5.635   1.686   5.720   1.00 20.92 ? 166  GLY A C   1 
ATOM   819  O O   . GLY A 1 116 ? 6.109   1.831   6.852   1.00 20.96 ? 166  GLY A O   1 
ATOM   820  N N   . PHE A 1 117 ? 6.144   2.279   4.642   1.00 20.17 ? 167  PHE A N   1 
ATOM   821  C CA  . PHE A 1 117 ? 7.344   3.102   4.735   1.00 21.74 ? 167  PHE A CA  1 
ATOM   822  C C   . PHE A 1 117 ? 7.164   4.533   4.243   1.00 22.76 ? 167  PHE A C   1 
ATOM   823  O O   . PHE A 1 117 ? 6.798   4.767   3.087   1.00 23.91 ? 167  PHE A O   1 
ATOM   824  C CB  . PHE A 1 117 ? 8.487   2.443   3.956   1.00 21.56 ? 167  PHE A CB  1 
ATOM   825  C CG  . PHE A 1 117 ? 8.681   0.983   4.278   1.00 21.14 ? 167  PHE A CG  1 
ATOM   826  C CD1 . PHE A 1 117 ? 7.829   0.023   3.748   1.00 21.24 ? 167  PHE A CD1 1 
ATOM   827  C CD2 . PHE A 1 117 ? 9.712   0.574   5.119   1.00 21.28 ? 167  PHE A CD2 1 
ATOM   828  C CE1 . PHE A 1 117 ? 8.002   -1.332  4.047   1.00 22.99 ? 167  PHE A CE1 1 
ATOM   829  C CE2 . PHE A 1 117 ? 9.894   -0.774  5.427   1.00 22.24 ? 167  PHE A CE2 1 
ATOM   830  C CZ  . PHE A 1 117 ? 9.038   -1.729  4.889   1.00 22.44 ? 167  PHE A CZ  1 
ATOM   831  N N   . SER A 1 118 ? 7.419   5.489   5.128   1.00 21.51 ? 168  SER A N   1 
ATOM   832  C CA  . SER A 1 118 ? 7.306   6.891   4.768   1.00 23.87 ? 168  SER A CA  1 
ATOM   833  C C   . SER A 1 118 ? 8.389   7.188   3.735   1.00 22.79 ? 168  SER A C   1 
ATOM   834  O O   . SER A 1 118 ? 8.249   8.090   2.916   1.00 21.99 ? 168  SER A O   1 
ATOM   835  C CB  . SER A 1 118 ? 7.491   7.774   6.003   1.00 24.89 ? 168  SER A CB  1 
ATOM   836  O OG  . SER A 1 118 ? 8.716   7.476   6.652   1.00 30.61 ? 168  SER A OG  1 
ATOM   837  N N   . ASN A 1 119 ? 9.471   6.416   3.784   1.00 22.72 ? 169  ASN A N   1 
ATOM   838  C CA  . ASN A 1 119 ? 10.569  6.576   2.838   1.00 24.33 ? 169  ASN A CA  1 
ATOM   839  C C   . ASN A 1 119 ? 10.794  5.249   2.116   1.00 23.50 ? 169  ASN A C   1 
ATOM   840  O O   . ASN A 1 119 ? 11.825  4.593   2.275   1.00 24.75 ? 169  ASN A O   1 
ATOM   841  C CB  . ASN A 1 119 ? 11.845  7.020   3.564   1.00 26.60 ? 169  ASN A CB  1 
ATOM   842  C CG  . ASN A 1 119 ? 11.676  8.366   4.272   1.00 32.33 ? 169  ASN A CG  1 
ATOM   843  O OD1 . ASN A 1 119 ? 11.128  8.439   5.373   1.00 34.99 ? 169  ASN A OD1 1 
ATOM   844  N ND2 . ASN A 1 119 ? 12.135  9.438   3.631   1.00 33.12 ? 169  ASN A ND2 1 
ATOM   845  N N   . PHE A 1 120 ? 9.807   4.862   1.317   1.00 20.89 ? 170  PHE A N   1 
ATOM   846  C CA  . PHE A 1 120 ? 9.851   3.612   0.573   1.00 21.07 ? 170  PHE A CA  1 
ATOM   847  C C   . PHE A 1 120 ? 10.876  3.637   -0.559  1.00 21.70 ? 170  PHE A C   1 
ATOM   848  O O   . PHE A 1 120 ? 11.572  2.649   -0.792  1.00 22.00 ? 170  PHE A O   1 
ATOM   849  C CB  . PHE A 1 120 ? 8.451   3.297   0.021   1.00 19.24 ? 170  PHE A CB  1 
ATOM   850  C CG  . PHE A 1 120 ? 8.360   1.992   -0.707  1.00 18.29 ? 170  PHE A CG  1 
ATOM   851  C CD1 . PHE A 1 120 ? 8.728   1.898   -2.047  1.00 17.61 ? 170  PHE A CD1 1 
ATOM   852  C CD2 . PHE A 1 120 ? 7.900   0.849   -0.054  1.00 18.78 ? 170  PHE A CD2 1 
ATOM   853  C CE1 . PHE A 1 120 ? 8.637   0.684   -2.730  1.00 17.13 ? 170  PHE A CE1 1 
ATOM   854  C CE2 . PHE A 1 120 ? 7.807   -0.372  -0.732  1.00 19.08 ? 170  PHE A CE2 1 
ATOM   855  C CZ  . PHE A 1 120 ? 8.174   -0.453  -2.070  1.00 16.90 ? 170  PHE A CZ  1 
ATOM   856  N N   . MET A 1 121 ? 10.945  4.768   -1.259  1.00 21.79 ? 171  MET A N   1 
ATOM   857  C CA  . MET A 1 121 ? 11.876  4.974   -2.371  1.00 23.44 ? 171  MET A CA  1 
ATOM   858  C C   . MET A 1 121 ? 12.186  6.459   -2.479  1.00 21.71 ? 171  MET A C   1 
ATOM   859  O O   . MET A 1 121 ? 11.383  7.295   -2.066  1.00 22.75 ? 171  MET A O   1 
ATOM   860  C CB  . MET A 1 121 ? 11.260  4.551   -3.710  1.00 25.30 ? 171  MET A CB  1 
ATOM   861  C CG  . MET A 1 121 ? 11.505  3.136   -4.151  1.00 31.36 ? 171  MET A CG  1 
ATOM   862  S SD  . MET A 1 121 ? 10.966  2.920   -5.882  1.00 36.17 ? 171  MET A SD  1 
ATOM   863  C CE  . MET A 1 121 ? 12.474  3.391   -6.762  1.00 32.95 ? 171  MET A CE  1 
ATOM   864  N N   . ALA A 1 122 ? 13.342  6.784   -3.046  1.00 19.27 ? 172  ALA A N   1 
ATOM   865  C CA  . ALA A 1 122 ? 13.710  8.175   -3.243  1.00 19.34 ? 172  ALA A CA  1 
ATOM   866  C C   . ALA A 1 122 ? 12.782  8.724   -4.333  1.00 19.35 ? 172  ALA A C   1 
ATOM   867  O O   . ALA A 1 122 ? 12.552  8.068   -5.351  1.00 17.81 ? 172  ALA A O   1 
ATOM   868  C CB  . ALA A 1 122 ? 15.168  8.277   -3.685  1.00 18.59 ? 172  ALA A CB  1 
ATOM   869  N N   . TRP A 1 123 ? 12.239  9.914   -4.111  1.00 19.61 ? 173  TRP A N   1 
ATOM   870  C CA  . TRP A 1 123 ? 11.343  10.525  -5.078  1.00 21.77 ? 173  TRP A CA  1 
ATOM   871  C C   . TRP A 1 123 ? 12.053  10.739  -6.420  1.00 23.18 ? 173  TRP A C   1 
ATOM   872  O O   . TRP A 1 123 ? 11.478  10.492  -7.488  1.00 23.16 ? 173  TRP A O   1 
ATOM   873  C CB  . TRP A 1 123 ? 10.812  11.854  -4.527  1.00 20.57 ? 173  TRP A CB  1 
ATOM   874  C CG  . TRP A 1 123 ? 9.761   12.506  -5.388  1.00 21.64 ? 173  TRP A CG  1 
ATOM   875  C CD1 . TRP A 1 123 ? 9.965   13.391  -6.414  1.00 20.56 ? 173  TRP A CD1 1 
ATOM   876  C CD2 . TRP A 1 123 ? 8.343   12.301  -5.313  1.00 20.06 ? 173  TRP A CD2 1 
ATOM   877  N NE1 . TRP A 1 123 ? 8.761   13.745  -6.979  1.00 20.46 ? 173  TRP A NE1 1 
ATOM   878  C CE2 . TRP A 1 123 ? 7.750   13.090  -6.324  1.00 20.43 ? 173  TRP A CE2 1 
ATOM   879  C CE3 . TRP A 1 123 ? 7.515   11.526  -4.489  1.00 20.98 ? 173  TRP A CE3 1 
ATOM   880  C CZ2 . TRP A 1 123 ? 6.369   13.124  -6.535  1.00 19.97 ? 173  TRP A CZ2 1 
ATOM   881  C CZ3 . TRP A 1 123 ? 6.138   11.563  -4.701  1.00 21.98 ? 173  TRP A CZ3 1 
ATOM   882  C CH2 . TRP A 1 123 ? 5.583   12.356  -5.716  1.00 18.62 ? 173  TRP A CH2 1 
ATOM   883  N N   . SER A 1 124 ? 13.307  11.181  -6.361  1.00 22.37 ? 174  SER A N   1 
ATOM   884  C CA  . SER A 1 124 ? 14.085  11.429  -7.572  1.00 24.24 ? 174  SER A CA  1 
ATOM   885  C C   . SER A 1 124 ? 14.279  10.153  -8.387  1.00 23.71 ? 174  SER A C   1 
ATOM   886  O O   . SER A 1 124 ? 14.371  10.198  -9.612  1.00 25.24 ? 174  SER A O   1 
ATOM   887  C CB  . SER A 1 124 ? 15.456  12.025  -7.217  1.00 23.68 ? 174  SER A CB  1 
ATOM   888  O OG  . SER A 1 124 ? 16.278  11.071  -6.568  1.00 27.15 ? 174  SER A OG  1 
ATOM   889  N N   . GLU A 1 125 ? 14.341  9.009   -7.717  1.00 23.54 ? 175  GLU A N   1 
ATOM   890  C CA  . GLU A 1 125 ? 14.510  7.756   -8.439  1.00 23.31 ? 175  GLU A CA  1 
ATOM   891  C C   . GLU A 1 125 ? 13.208  7.325   -9.119  1.00 23.13 ? 175  GLU A C   1 
ATOM   892  O O   . GLU A 1 125 ? 13.195  7.019   -10.311 1.00 23.54 ? 175  GLU A O   1 
ATOM   893  C CB  . GLU A 1 125 ? 14.992  6.651   -7.496  1.00 24.19 ? 175  GLU A CB  1 
ATOM   894  C CG  . GLU A 1 125 ? 15.204  5.310   -8.188  1.00 26.33 ? 175  GLU A CG  1 
ATOM   895  C CD  . GLU A 1 125 ? 15.619  4.207   -7.223  1.00 30.49 ? 175  GLU A CD  1 
ATOM   896  O OE1 . GLU A 1 125 ? 15.736  3.039   -7.660  1.00 29.21 ? 175  GLU A OE1 1 
ATOM   897  O OE2 . GLU A 1 125 ? 15.831  4.508   -6.028  1.00 32.51 ? 175  GLU A OE2 1 
ATOM   898  N N   . VAL A 1 126 ? 12.110  7.308   -8.373  1.00 22.09 ? 176  VAL A N   1 
ATOM   899  C CA  . VAL A 1 126 ? 10.839  6.889   -8.953  1.00 22.96 ? 176  VAL A CA  1 
ATOM   900  C C   . VAL A 1 126 ? 10.383  7.763   -10.129 1.00 21.37 ? 176  VAL A C   1 
ATOM   901  O O   . VAL A 1 126 ? 9.810   7.257   -11.086 1.00 19.81 ? 176  VAL A O   1 
ATOM   902  C CB  . VAL A 1 126 ? 9.706   6.869   -7.896  1.00 23.87 ? 176  VAL A CB  1 
ATOM   903  C CG1 . VAL A 1 126 ? 8.451   6.258   -8.495  1.00 25.36 ? 176  VAL A CG1 1 
ATOM   904  C CG2 . VAL A 1 126 ? 10.136  6.064   -6.680  1.00 29.80 ? 176  VAL A CG2 1 
ATOM   905  N N   . THR A 1 127 ? 10.637  9.067   -10.065 1.00 20.88 ? 177  THR A N   1 
ATOM   906  C CA  . THR A 1 127 ? 10.206  9.961   -11.139 1.00 22.08 ? 177  THR A CA  1 
ATOM   907  C C   . THR A 1 127 ? 11.243  10.139  -12.249 1.00 24.01 ? 177  THR A C   1 
ATOM   908  O O   . THR A 1 127 ? 11.058  10.941  -13.160 1.00 22.62 ? 177  THR A O   1 
ATOM   909  C CB  . THR A 1 127 ? 9.823   11.356  -10.589 1.00 21.71 ? 177  THR A CB  1 
ATOM   910  O OG1 . THR A 1 127 ? 10.959  11.951  -9.950  1.00 20.31 ? 177  THR A OG1 1 
ATOM   911  C CG2 . THR A 1 127 ? 8.682   11.236  -9.584  1.00 19.00 ? 177  THR A CG2 1 
ATOM   912  N N   . ASP A 1 128 ? 12.335  9.389   -12.165 1.00 25.55 ? 178  ASP A N   1 
ATOM   913  C CA  . ASP A 1 128 ? 13.382  9.467   -13.171 1.00 27.40 ? 178  ASP A CA  1 
ATOM   914  C C   . ASP A 1 128 ? 12.882  8.712   -14.402 1.00 28.16 ? 178  ASP A C   1 
ATOM   915  O O   . ASP A 1 128 ? 12.835  7.484   -14.405 1.00 26.22 ? 178  ASP A O   1 
ATOM   916  C CB  . ASP A 1 128 ? 14.664  8.819   -12.643 1.00 28.07 ? 178  ASP A CB  1 
ATOM   917  C CG  . ASP A 1 128 ? 15.857  9.064   -13.553 1.00 28.29 ? 178  ASP A CG  1 
ATOM   918  O OD1 . ASP A 1 128 ? 15.664  9.083   -14.785 1.00 26.98 ? 178  ASP A OD1 1 
ATOM   919  O OD2 . ASP A 1 128 ? 16.985  9.228   -13.034 1.00 29.31 ? 178  ASP A OD2 1 
ATOM   920  N N   . PRO A 1 129 ? 12.522  9.441   -15.471 1.00 29.68 ? 179  PRO A N   1 
ATOM   921  C CA  . PRO A 1 129 ? 12.014  8.848   -16.716 1.00 31.37 ? 179  PRO A CA  1 
ATOM   922  C C   . PRO A 1 129 ? 12.888  7.774   -17.355 1.00 32.82 ? 179  PRO A C   1 
ATOM   923  O O   . PRO A 1 129 ? 12.435  7.045   -18.235 1.00 34.41 ? 179  PRO A O   1 
ATOM   924  C CB  . PRO A 1 129 ? 11.833  10.061  -17.626 1.00 30.47 ? 179  PRO A CB  1 
ATOM   925  C CG  . PRO A 1 129 ? 12.919  10.975  -17.168 1.00 31.70 ? 179  PRO A CG  1 
ATOM   926  C CD  . PRO A 1 129 ? 12.807  10.874  -15.663 1.00 30.06 ? 179  PRO A CD  1 
ATOM   927  N N   . GLU A 1 130 ? 14.134  7.665   -16.910 1.00 33.18 ? 180  GLU A N   1 
ATOM   928  C CA  . GLU A 1 130 ? 15.041  6.678   -17.473 1.00 34.24 ? 180  GLU A CA  1 
ATOM   929  C C   . GLU A 1 130 ? 15.134  5.397   -16.639 1.00 34.06 ? 180  GLU A C   1 
ATOM   930  O O   . GLU A 1 130 ? 15.809  4.441   -17.040 1.00 33.76 ? 180  GLU A O   1 
ATOM   931  C CB  . GLU A 1 130 ? 16.439  7.285   -17.624 1.00 36.69 ? 180  GLU A CB  1 
ATOM   932  C CG  . GLU A 1 130 ? 16.492  8.581   -18.442 1.00 42.74 ? 180  GLU A CG  1 
ATOM   933  C CD  . GLU A 1 130 ? 16.026  8.404   -19.881 1.00 45.50 ? 180  GLU A CD  1 
ATOM   934  O OE1 . GLU A 1 130 ? 16.518  7.478   -20.562 1.00 48.02 ? 180  GLU A OE1 1 
ATOM   935  O OE2 . GLU A 1 130 ? 15.174  9.199   -20.337 1.00 47.10 ? 180  GLU A OE2 1 
ATOM   936  N N   . LYS A 1 131 ? 14.450  5.372   -15.495 1.00 31.17 ? 181  LYS A N   1 
ATOM   937  C CA  . LYS A 1 131 ? 14.491  4.214   -14.602 1.00 29.79 ? 181  LYS A CA  1 
ATOM   938  C C   . LYS A 1 131 ? 13.443  3.135   -14.879 1.00 28.27 ? 181  LYS A C   1 
ATOM   939  O O   . LYS A 1 131 ? 13.633  1.975   -14.509 1.00 25.20 ? 181  LYS A O   1 
ATOM   940  C CB  . LYS A 1 131 ? 14.370  4.676   -13.149 1.00 30.79 ? 181  LYS A CB  1 
ATOM   941  C CG  . LYS A 1 131 ? 15.458  5.640   -12.721 1.00 32.46 ? 181  LYS A CG  1 
ATOM   942  C CD  . LYS A 1 131 ? 16.828  4.984   -12.745 1.00 34.71 ? 181  LYS A CD  1 
ATOM   943  C CE  . LYS A 1 131 ? 17.907  5.966   -12.311 1.00 33.89 ? 181  LYS A CE  1 
ATOM   944  N NZ  . LYS A 1 131 ? 19.250  5.337   -12.249 1.00 34.19 ? 181  LYS A NZ  1 
ATOM   945  N N   . GLY A 1 132 ? 12.333  3.517   -15.506 1.00 26.75 ? 182  GLY A N   1 
ATOM   946  C CA  . GLY A 1 132 ? 11.307  2.543   -15.833 1.00 25.34 ? 182  GLY A CA  1 
ATOM   947  C C   . GLY A 1 132 ? 10.138  2.412   -14.876 1.00 25.52 ? 182  GLY A C   1 
ATOM   948  O O   . GLY A 1 132 ? 9.293   1.530   -15.050 1.00 28.01 ? 182  GLY A O   1 
ATOM   949  N N   . PHE A 1 133 ? 10.080  3.271   -13.863 1.00 24.62 ? 183  PHE A N   1 
ATOM   950  C CA  . PHE A 1 133 ? 8.981   3.217   -12.906 1.00 24.69 ? 183  PHE A CA  1 
ATOM   951  C C   . PHE A 1 133 ? 7.862   4.169   -13.291 1.00 25.14 ? 183  PHE A C   1 
ATOM   952  O O   . PHE A 1 133 ? 6.707   3.969   -12.907 1.00 26.75 ? 183  PHE A O   1 
ATOM   953  C CB  . PHE A 1 133 ? 9.458   3.573   -11.497 1.00 23.84 ? 183  PHE A CB  1 
ATOM   954  C CG  . PHE A 1 133 ? 10.501  2.642   -10.954 1.00 25.19 ? 183  PHE A CG  1 
ATOM   955  C CD1 . PHE A 1 133 ? 11.844  3.005   -10.954 1.00 23.58 ? 183  PHE A CD1 1 
ATOM   956  C CD2 . PHE A 1 133 ? 10.138  1.404   -10.425 1.00 23.62 ? 183  PHE A CD2 1 
ATOM   957  C CE1 . PHE A 1 133 ? 12.814  2.149   -10.430 1.00 24.62 ? 183  PHE A CE1 1 
ATOM   958  C CE2 . PHE A 1 133 ? 11.095  0.546   -9.901  1.00 24.36 ? 183  PHE A CE2 1 
ATOM   959  C CZ  . PHE A 1 133 ? 12.438  0.919   -9.901  1.00 25.35 ? 183  PHE A CZ  1 
ATOM   960  N N   . ILE A 1 134 ? 8.199   5.202   -14.055 1.00 23.31 ? 184  ILE A N   1 
ATOM   961  C CA  . ILE A 1 134 ? 7.199   6.184   -14.448 1.00 22.76 ? 184  ILE A CA  1 
ATOM   962  C C   . ILE A 1 134 ? 6.999   6.280   -15.959 1.00 23.09 ? 184  ILE A C   1 
ATOM   963  O O   . ILE A 1 134 ? 7.949   6.228   -16.733 1.00 23.43 ? 184  ILE A O   1 
ATOM   964  C CB  . ILE A 1 134 ? 7.568   7.580   -13.879 1.00 20.23 ? 184  ILE A CB  1 
ATOM   965  C CG1 . ILE A 1 134 ? 6.359   8.512   -13.927 1.00 19.60 ? 184  ILE A CG1 1 
ATOM   966  C CG2 . ILE A 1 134 ? 8.724   8.181   -14.668 1.00 20.45 ? 184  ILE A CG2 1 
ATOM   967  C CD1 . ILE A 1 134 ? 6.550   9.785   -13.101 1.00 19.09 ? 184  ILE A CD1 1 
ATOM   968  N N   . ASP A 1 135 ? 5.745   6.416   -16.366 1.00 23.81 ? 185  ASP A N   1 
ATOM   969  C CA  . ASP A 1 135 ? 5.410   6.535   -17.773 1.00 25.63 ? 185  ASP A CA  1 
ATOM   970  C C   . ASP A 1 135 ? 4.186   7.425   -17.894 1.00 25.74 ? 185  ASP A C   1 
ATOM   971  O O   . ASP A 1 135 ? 3.150   7.155   -17.285 1.00 26.25 ? 185  ASP A O   1 
ATOM   972  C CB  . ASP A 1 135 ? 5.124   5.158   -18.375 1.00 27.49 ? 185  ASP A CB  1 
ATOM   973  C CG  . ASP A 1 135 ? 4.832   5.226   -19.865 1.00 30.30 ? 185  ASP A CG  1 
ATOM   974  O OD1 . ASP A 1 135 ? 5.612   5.871   -20.598 1.00 31.25 ? 185  ASP A OD1 1 
ATOM   975  O OD2 . ASP A 1 135 ? 3.827   4.634   -20.305 1.00 32.08 ? 185  ASP A OD2 1 
ATOM   976  N N   . ASP A 1 136 ? 4.313   8.493   -18.673 1.00 26.32 ? 186  ASP A N   1 
ATOM   977  C CA  . ASP A 1 136 ? 3.220   9.438   -18.858 1.00 25.51 ? 186  ASP A CA  1 
ATOM   978  C C   . ASP A 1 136 ? 2.780   9.958   -17.489 1.00 24.08 ? 186  ASP A C   1 
ATOM   979  O O   . ASP A 1 136 ? 1.595   10.191  -17.244 1.00 23.23 ? 186  ASP A O   1 
ATOM   980  C CB  . ASP A 1 136 ? 2.042   8.760   -19.558 1.00 28.52 ? 186  ASP A CB  1 
ATOM   981  C CG  . ASP A 1 136 ? 1.017   9.758   -20.068 1.00 32.80 ? 186  ASP A CG  1 
ATOM   982  O OD1 . ASP A 1 136 ? -0.132  9.347   -20.343 1.00 36.07 ? 186  ASP A OD1 1 
ATOM   983  O OD2 . ASP A 1 136 ? 1.364   10.951  -20.202 1.00 34.29 ? 186  ASP A OD2 1 
ATOM   984  N N   . ASP A 1 137 ? 3.757   10.126  -16.602 1.00 23.63 ? 187  ASP A N   1 
ATOM   985  C CA  . ASP A 1 137 ? 3.532   10.614  -15.242 1.00 23.12 ? 187  ASP A CA  1 
ATOM   986  C C   . ASP A 1 137 ? 2.617   9.695   -14.422 1.00 22.68 ? 187  ASP A C   1 
ATOM   987  O O   . ASP A 1 137 ? 1.867   10.160  -13.557 1.00 22.26 ? 187  ASP A O   1 
ATOM   988  C CB  . ASP A 1 137 ? 2.953   12.034  -15.274 1.00 23.18 ? 187  ASP A CB  1 
ATOM   989  C CG  . ASP A 1 137 ? 3.391   12.871  -14.076 1.00 26.47 ? 187  ASP A CG  1 
ATOM   990  O OD1 . ASP A 1 137 ? 2.899   14.011  -13.924 1.00 24.89 ? 187  ASP A OD1 1 
ATOM   991  O OD2 . ASP A 1 137 ? 4.233   12.392  -13.287 1.00 25.70 ? 187  ASP A OD2 1 
ATOM   992  N N   . LYS A 1 138 ? 2.681   8.396   -14.705 1.00 19.93 ? 188  LYS A N   1 
ATOM   993  C CA  . LYS A 1 138 ? 1.889   7.397   -13.986 1.00 22.48 ? 188  LYS A CA  1 
ATOM   994  C C   . LYS A 1 138 ? 2.813   6.365   -13.344 1.00 21.24 ? 188  LYS A C   1 
ATOM   995  O O   . LYS A 1 138 ? 3.761   5.899   -13.978 1.00 19.92 ? 188  LYS A O   1 
ATOM   996  C CB  . LYS A 1 138 ? 0.929   6.662   -14.929 1.00 21.13 ? 188  LYS A CB  1 
ATOM   997  C CG  . LYS A 1 138 ? -0.102  7.540   -15.604 1.00 25.16 ? 188  LYS A CG  1 
ATOM   998  C CD  . LYS A 1 138 ? -1.029  6.713   -16.481 1.00 25.55 ? 188  LYS A CD  1 
ATOM   999  C CE  . LYS A 1 138 ? -2.083  7.591   -17.141 1.00 28.68 ? 188  LYS A CE  1 
ATOM   1000 N NZ  . LYS A 1 138 ? -3.016  6.810   -18.010 1.00 29.33 ? 188  LYS A NZ  1 
ATOM   1001 N N   . VAL A 1 139 ? 2.528   6.008   -12.093 1.00 20.78 ? 189  VAL A N   1 
ATOM   1002 C CA  . VAL A 1 139 ? 3.323   5.017   -11.366 1.00 20.96 ? 189  VAL A CA  1 
ATOM   1003 C C   . VAL A 1 139 ? 2.387   3.963   -10.777 1.00 22.14 ? 189  VAL A C   1 
ATOM   1004 O O   . VAL A 1 139 ? 1.393   4.293   -10.116 1.00 22.22 ? 189  VAL A O   1 
ATOM   1005 C CB  . VAL A 1 139 ? 4.141   5.670   -10.224 1.00 20.54 ? 189  VAL A CB  1 
ATOM   1006 C CG1 . VAL A 1 139 ? 4.883   4.603   -9.426  1.00 19.19 ? 189  VAL A CG1 1 
ATOM   1007 C CG2 . VAL A 1 139 ? 5.134   6.671   -10.809 1.00 19.57 ? 189  VAL A CG2 1 
ATOM   1008 N N   . THR A 1 140 ? 2.702   2.695   -11.020 1.00 20.77 ? 190  THR A N   1 
ATOM   1009 C CA  . THR A 1 140 ? 1.861   1.616   -10.530 1.00 19.74 ? 190  THR A CA  1 
ATOM   1010 C C   . THR A 1 140 ? 2.401   0.950   -9.275  1.00 20.72 ? 190  THR A C   1 
ATOM   1011 O O   . THR A 1 140 ? 3.556   0.516   -9.210  1.00 20.76 ? 190  THR A O   1 
ATOM   1012 C CB  . THR A 1 140 ? 1.633   0.566   -11.628 1.00 20.28 ? 190  THR A CB  1 
ATOM   1013 O OG1 . THR A 1 140 ? 1.045   1.205   -12.767 1.00 21.36 ? 190  THR A OG1 1 
ATOM   1014 C CG2 . THR A 1 140 ? 0.691   -0.529  -11.143 1.00 20.90 ? 190  THR A CG2 1 
ATOM   1015 N N   . PHE A 1 141 ? 1.533   0.901   -8.272  1.00 20.53 ? 191  PHE A N   1 
ATOM   1016 C CA  . PHE A 1 141 ? 1.833   0.317   -6.978  1.00 19.44 ? 191  PHE A CA  1 
ATOM   1017 C C   . PHE A 1 141 ? 1.090   -0.999  -6.874  1.00 20.71 ? 191  PHE A C   1 
ATOM   1018 O O   . PHE A 1 141 ? -0.023  -1.142  -7.398  1.00 18.73 ? 191  PHE A O   1 
ATOM   1019 C CB  . PHE A 1 141 ? 1.380   1.261   -5.864  1.00 17.90 ? 191  PHE A CB  1 
ATOM   1020 C CG  . PHE A 1 141 ? 2.140   2.552   -5.825  1.00 20.77 ? 191  PHE A CG  1 
ATOM   1021 C CD1 . PHE A 1 141 ? 3.141   2.756   -4.878  1.00 19.44 ? 191  PHE A CD1 1 
ATOM   1022 C CD2 . PHE A 1 141 ? 1.883   3.557   -6.756  1.00 20.04 ? 191  PHE A CD2 1 
ATOM   1023 C CE1 . PHE A 1 141 ? 3.874   3.938   -4.858  1.00 18.68 ? 191  PHE A CE1 1 
ATOM   1024 C CE2 . PHE A 1 141 ? 2.616   4.747   -6.743  1.00 21.46 ? 191  PHE A CE2 1 
ATOM   1025 C CZ  . PHE A 1 141 ? 3.614   4.935   -5.790  1.00 19.73 ? 191  PHE A CZ  1 
ATOM   1026 N N   . GLU A 1 142 ? 1.713   -1.956  -6.199  1.00 19.88 ? 192  GLU A N   1 
ATOM   1027 C CA  . GLU A 1 142 ? 1.123   -3.265  -6.024  1.00 20.97 ? 192  GLU A CA  1 
ATOM   1028 C C   . GLU A 1 142 ? 1.290   -3.788  -4.609  1.00 21.03 ? 192  GLU A C   1 
ATOM   1029 O O   . GLU A 1 142 ? 2.314   -3.573  -3.953  1.00 21.72 ? 192  GLU A O   1 
ATOM   1030 C CB  . GLU A 1 142 ? 1.746   -4.266  -6.999  1.00 21.39 ? 192  GLU A CB  1 
ATOM   1031 C CG  . GLU A 1 142 ? 1.376   -5.726  -6.712  1.00 21.86 ? 192  GLU A CG  1 
ATOM   1032 C CD  . GLU A 1 142 ? 1.970   -6.691  -7.716  1.00 21.39 ? 192  GLU A CD  1 
ATOM   1033 O OE1 . GLU A 1 142 ? 1.536   -6.669  -8.882  1.00 25.22 ? 192  GLU A OE1 1 
ATOM   1034 O OE2 . GLU A 1 142 ? 2.877   -7.467  -7.345  1.00 21.80 ? 192  GLU A OE2 1 
ATOM   1035 N N   . VAL A 1 143 ? 0.268   -4.486  -4.147  1.00 19.46 ? 193  VAL A N   1 
ATOM   1036 C CA  . VAL A 1 143 ? 0.310   -5.082  -2.834  1.00 19.87 ? 193  VAL A CA  1 
ATOM   1037 C C   . VAL A 1 143 ? -0.118  -6.536  -2.895  1.00 20.00 ? 193  VAL A C   1 
ATOM   1038 O O   . VAL A 1 143 ? -1.132  -6.872  -3.502  1.00 20.85 ? 193  VAL A O   1 
ATOM   1039 C CB  . VAL A 1 143 ? -0.619  -4.361  -1.847  1.00 19.05 ? 193  VAL A CB  1 
ATOM   1040 C CG1 . VAL A 1 143 ? -0.815  -5.219  -0.613  1.00 17.91 ? 193  VAL A CG1 1 
ATOM   1041 C CG2 . VAL A 1 143 ? -0.019  -3.020  -1.455  1.00 18.99 ? 193  VAL A CG2 1 
ATOM   1042 N N   . PHE A 1 144 ? 0.690   -7.398  -2.295  1.00 20.72 ? 194  PHE A N   1 
ATOM   1043 C CA  . PHE A 1 144 ? 0.359   -8.805  -2.198  1.00 20.08 ? 194  PHE A CA  1 
ATOM   1044 C C   . PHE A 1 144 ? 0.197   -8.964  -0.698  1.00 21.15 ? 194  PHE A C   1 
ATOM   1045 O O   . PHE A 1 144 ? 1.163   -8.842  0.057   1.00 20.21 ? 194  PHE A O   1 
ATOM   1046 C CB  . PHE A 1 144 ? 1.491   -9.699  -2.705  1.00 20.81 ? 194  PHE A CB  1 
ATOM   1047 C CG  . PHE A 1 144 ? 1.274   -11.168 -2.414  1.00 20.57 ? 194  PHE A CG  1 
ATOM   1048 C CD1 . PHE A 1 144 ? 0.078   -11.791 -2.762  1.00 19.22 ? 194  PHE A CD1 1 
ATOM   1049 C CD2 . PHE A 1 144 ? 2.261   -11.926 -1.789  1.00 22.24 ? 194  PHE A CD2 1 
ATOM   1050 C CE1 . PHE A 1 144 ? -0.132  -13.146 -2.495  1.00 21.11 ? 194  PHE A CE1 1 
ATOM   1051 C CE2 . PHE A 1 144 ? 2.060   -13.291 -1.516  1.00 20.62 ? 194  PHE A CE2 1 
ATOM   1052 C CZ  . PHE A 1 144 ? 0.864   -13.897 -1.870  1.00 19.92 ? 194  PHE A CZ  1 
ATOM   1053 N N   . VAL A 1 145 ? -1.033  -9.191  -0.261  1.00 21.91 ? 195  VAL A N   1 
ATOM   1054 C CA  . VAL A 1 145 ? -1.301  -9.333  1.158   1.00 21.98 ? 195  VAL A CA  1 
ATOM   1055 C C   . VAL A 1 145 ? -1.831  -10.711 1.508   1.00 21.53 ? 195  VAL A C   1 
ATOM   1056 O O   . VAL A 1 145 ? -2.668  -11.265 0.801   1.00 22.51 ? 195  VAL A O   1 
ATOM   1057 C CB  . VAL A 1 145 ? -2.318  -8.260  1.641   1.00 21.49 ? 195  VAL A CB  1 
ATOM   1058 C CG1 . VAL A 1 145 ? -3.603  -8.353  0.829   1.00 23.78 ? 195  VAL A CG1 1 
ATOM   1059 C CG2 . VAL A 1 145 ? -2.617  -8.447  3.123   1.00 21.15 ? 195  VAL A CG2 1 
ATOM   1060 N N   . GLN A 1 146 ? -1.315  -11.253 2.601   1.00 22.43 ? 196  GLN A N   1 
ATOM   1061 C CA  . GLN A 1 146 ? -1.720  -12.556 3.111   1.00 22.94 ? 196  GLN A CA  1 
ATOM   1062 C C   . GLN A 1 146 ? -2.172  -12.264 4.533   1.00 21.87 ? 196  GLN A C   1 
ATOM   1063 O O   . GLN A 1 146 ? -1.354  -11.942 5.390   1.00 22.81 ? 196  GLN A O   1 
ATOM   1064 C CB  . GLN A 1 146 ? -0.527  -13.516 3.134   1.00 24.17 ? 196  GLN A CB  1 
ATOM   1065 C CG  . GLN A 1 146 ? 0.305   -13.492 1.859   1.00 28.71 ? 196  GLN A CG  1 
ATOM   1066 C CD  . GLN A 1 146 ? 1.369   -14.578 1.829   1.00 30.23 ? 196  GLN A CD  1 
ATOM   1067 O OE1 . GLN A 1 146 ? 1.071   -15.743 1.568   1.00 29.00 ? 196  GLN A OE1 1 
ATOM   1068 N NE2 . GLN A 1 146 ? 2.614   -14.201 2.107   1.00 31.69 ? 196  GLN A NE2 1 
ATOM   1069 N N   . ALA A 1 147 ? -3.473  -12.366 4.781   1.00 21.03 ? 197  ALA A N   1 
ATOM   1070 C CA  . ALA A 1 147 ? -4.009  -12.072 6.105   1.00 19.21 ? 197  ALA A CA  1 
ATOM   1071 C C   . ALA A 1 147 ? -4.630  -13.269 6.799   1.00 18.12 ? 197  ALA A C   1 
ATOM   1072 O O   . ALA A 1 147 ? -5.235  -14.124 6.158   1.00 15.44 ? 197  ALA A O   1 
ATOM   1073 C CB  . ALA A 1 147 ? -5.040  -10.961 5.994   1.00 17.78 ? 197  ALA A CB  1 
ATOM   1074 N N   . ASP A 1 148 ? -4.485  -13.319 8.121   1.00 19.71 ? 198  ASP A N   1 
ATOM   1075 C CA  . ASP A 1 148 ? -5.071  -14.399 8.901   1.00 21.89 ? 198  ASP A CA  1 
ATOM   1076 C C   . ASP A 1 148 ? -6.544  -14.066 9.120   1.00 23.72 ? 198  ASP A C   1 
ATOM   1077 O O   . ASP A 1 148 ? -7.008  -12.991 8.719   1.00 23.24 ? 198  ASP A O   1 
ATOM   1078 C CB  . ASP A 1 148 ? -4.373  -14.530 10.256  1.00 24.75 ? 198  ASP A CB  1 
ATOM   1079 C CG  . ASP A 1 148 ? -2.883  -14.799 10.125  1.00 27.64 ? 198  ASP A CG  1 
ATOM   1080 O OD1 . ASP A 1 148 ? -2.455  -15.291 9.059   1.00 31.74 ? 198  ASP A OD1 1 
ATOM   1081 O OD2 . ASP A 1 148 ? -2.142  -14.531 11.092  1.00 29.08 ? 198  ASP A OD2 1 
ATOM   1082 N N   . ALA A 1 149 ? -7.285  -14.980 9.741   1.00 22.53 ? 199  ALA A N   1 
ATOM   1083 C CA  . ALA A 1 149 ? -8.692  -14.725 10.013  1.00 22.76 ? 199  ALA A CA  1 
ATOM   1084 C C   . ALA A 1 149 ? -8.751  -13.562 10.997  1.00 22.20 ? 199  ALA A C   1 
ATOM   1085 O O   . ALA A 1 149 ? -7.951  -13.490 11.927  1.00 21.00 ? 199  ALA A O   1 
ATOM   1086 C CB  . ALA A 1 149 ? -9.352  -15.958 10.617  1.00 22.64 ? 199  ALA A CB  1 
ATOM   1087 N N   . PRO A 1 150 ? -9.685  -12.624 10.788  1.00 21.69 ? 200  PRO A N   1 
ATOM   1088 C CA  . PRO A 1 150 ? -9.831  -11.461 11.671  1.00 21.47 ? 200  PRO A CA  1 
ATOM   1089 C C   . PRO A 1 150 ? -10.521 -11.792 12.991  1.00 22.56 ? 200  PRO A C   1 
ATOM   1090 O O   . PRO A 1 150 ? -11.150 -12.842 13.135  1.00 23.17 ? 200  PRO A O   1 
ATOM   1091 C CB  . PRO A 1 150 ? -10.676 -10.491 10.842  1.00 19.58 ? 200  PRO A CB  1 
ATOM   1092 C CG  . PRO A 1 150 ? -10.465 -10.933 9.425   1.00 22.23 ? 200  PRO A CG  1 
ATOM   1093 C CD  . PRO A 1 150 ? -10.449 -12.432 9.545   1.00 21.61 ? 200  PRO A CD  1 
ATOM   1094 N N   . HIS A 1 151 ? -10.393 -10.884 13.952  1.00 22.01 ? 201  HIS A N   1 
ATOM   1095 C CA  . HIS A 1 151 ? -11.038 -11.036 15.248  1.00 22.13 ? 201  HIS A CA  1 
ATOM   1096 C C   . HIS A 1 151 ? -11.886 -9.791  15.454  1.00 22.31 ? 201  HIS A C   1 
ATOM   1097 O O   . HIS A 1 151 ? -11.583 -8.728  14.904  1.00 21.18 ? 201  HIS A O   1 
ATOM   1098 C CB  . HIS A 1 151 ? -10.004 -11.149 16.378  1.00 21.63 ? 201  HIS A CB  1 
ATOM   1099 C CG  . HIS A 1 151 ? -9.424  -12.523 16.544  1.00 21.60 ? 201  HIS A CG  1 
ATOM   1100 N ND1 . HIS A 1 151 ? -8.133  -12.839 16.173  1.00 23.36 ? 201  HIS A ND1 1 
ATOM   1101 C CD2 . HIS A 1 151 ? -9.956  -13.661 17.049  1.00 21.25 ? 201  HIS A CD2 1 
ATOM   1102 C CE1 . HIS A 1 151 ? -7.896  -14.111 16.446  1.00 21.09 ? 201  HIS A CE1 1 
ATOM   1103 N NE2 . HIS A 1 151 ? -8.985  -14.632 16.978  1.00 21.57 ? 201  HIS A NE2 1 
ATOM   1104 N N   . GLY A 1 152 ? -12.956 -9.930  16.230  1.00 23.94 ? 202  GLY A N   1 
ATOM   1105 C CA  . GLY A 1 152 ? -13.828 -8.805  16.517  1.00 25.93 ? 202  GLY A CA  1 
ATOM   1106 C C   . GLY A 1 152 ? -14.572 -8.197  15.338  1.00 29.25 ? 202  GLY A C   1 
ATOM   1107 O O   . GLY A 1 152 ? -14.947 -7.030  15.395  1.00 27.56 ? 202  GLY A O   1 
ATOM   1108 N N   . VAL A 1 153 ? -14.781 -8.971  14.276  1.00 31.58 ? 203  VAL A N   1 
ATOM   1109 C CA  . VAL A 1 153 ? -15.503 -8.482  13.103  1.00 37.64 ? 203  VAL A CA  1 
ATOM   1110 C C   . VAL A 1 153 ? -16.767 -9.317  12.927  1.00 41.78 ? 203  VAL A C   1 
ATOM   1111 O O   . VAL A 1 153 ? -17.868 -8.879  13.262  1.00 42.74 ? 203  VAL A O   1 
ATOM   1112 C CB  . VAL A 1 153 ? -14.660 -8.603  11.816  1.00 36.82 ? 203  VAL A CB  1 
ATOM   1113 C CG1 . VAL A 1 153 ? -15.404 -7.970  10.649  1.00 36.09 ? 203  VAL A CG1 1 
ATOM   1114 C CG2 . VAL A 1 153 ? -13.309 -7.943  12.009  1.00 36.29 ? 203  VAL A CG2 1 
ATOM   1115 N N   . ALA A 1 154 ? -16.598 -10.521 12.389  1.00 46.92 ? 204  ALA A N   1 
ATOM   1116 C CA  . ALA A 1 154 ? -17.710 -11.444 12.186  1.00 51.39 ? 204  ALA A CA  1 
ATOM   1117 C C   . ALA A 1 154 ? -17.704 -12.393 13.380  1.00 53.16 ? 204  ALA A C   1 
ATOM   1118 O O   . ALA A 1 154 ? -16.905 -13.327 13.433  1.00 55.32 ? 204  ALA A O   1 
ATOM   1119 C CB  . ALA A 1 154 ? -17.518 -12.225 10.886  1.00 51.48 ? 204  ALA A CB  1 
ATOM   1120 N N   . TRP A 1 155 ? -18.594 -12.148 14.337  1.00 54.34 ? 205  TRP A N   1 
ATOM   1121 C CA  . TRP A 1 155 ? -18.666 -12.965 15.545  1.00 55.25 ? 205  TRP A CA  1 
ATOM   1122 C C   . TRP A 1 155 ? -19.489 -14.239 15.350  1.00 56.31 ? 205  TRP A C   1 
ATOM   1123 O O   . TRP A 1 155 ? -18.893 -15.336 15.410  1.00 56.57 ? 205  TRP A O   1 
ATOM   1124 C CB  . TRP A 1 155 ? -19.260 -12.144 16.698  1.00 54.37 ? 205  TRP A CB  1 
ATOM   1125 C CG  . TRP A 1 155 ? -18.828 -10.696 16.727  1.00 54.50 ? 205  TRP A CG  1 
ATOM   1126 C CD1 . TRP A 1 155 ? -19.235 -9.701  15.879  1.00 54.11 ? 205  TRP A CD1 1 
ATOM   1127 C CD2 . TRP A 1 155 ? -17.926 -10.083 17.659  1.00 53.92 ? 205  TRP A CD2 1 
ATOM   1128 N NE1 . TRP A 1 155 ? -18.648 -8.508  16.229  1.00 54.51 ? 205  TRP A NE1 1 
ATOM   1129 C CE2 . TRP A 1 155 ? -17.840 -8.712  17.317  1.00 53.62 ? 205  TRP A CE2 1 
ATOM   1130 C CE3 . TRP A 1 155 ? -17.185 -10.556 18.751  1.00 52.30 ? 205  TRP A CE3 1 
ATOM   1131 C CZ2 . TRP A 1 155 ? -17.042 -7.809  18.030  1.00 52.56 ? 205  TRP A CZ2 1 
ATOM   1132 C CZ3 . TRP A 1 155 ? -16.391 -9.658  19.460  1.00 52.20 ? 205  TRP A CZ3 1 
ATOM   1133 C CH2 . TRP A 1 155 ? -16.328 -8.299  19.094  1.00 51.97 ? 205  TRP A CH2 1 
ATOM   1134 O OXT . TRP A 1 155 ? -20.717 -14.129 15.143  1.00 57.54 ? 205  TRP A OXT 1 
ATOM   1135 N N   . GLU B 2 1   ? 12.759  1.742   9.500   1.00 49.88 ? 358  GLU B N   1 
ATOM   1136 C CA  . GLU B 2 1   ? 11.848  0.567   9.634   1.00 48.47 ? 358  GLU B CA  1 
ATOM   1137 C C   . GLU B 2 1   ? 10.406  0.978   9.343   1.00 44.90 ? 358  GLU B C   1 
ATOM   1138 O O   . GLU B 2 1   ? 10.065  2.161   9.392   1.00 45.02 ? 358  GLU B O   1 
ATOM   1139 C CB  . GLU B 2 1   ? 11.936  -0.014  11.051  1.00 52.00 ? 358  GLU B CB  1 
ATOM   1140 C CG  . GLU B 2 1   ? 13.351  -0.343  11.521  1.00 56.00 ? 358  GLU B CG  1 
ATOM   1141 C CD  . GLU B 2 1   ? 14.208  0.897   11.714  1.00 58.41 ? 358  GLU B CD  1 
ATOM   1142 O OE1 . GLU B 2 1   ? 13.788  1.796   12.478  1.00 59.40 ? 358  GLU B OE1 1 
ATOM   1143 O OE2 . GLU B 2 1   ? 15.297  0.972   11.106  1.00 59.45 ? 358  GLU B OE2 1 
ATOM   1144 N N   . PRO B 2 2   ? 9.540   0.000   9.040   1.00 42.03 ? 359  PRO B N   1 
ATOM   1145 C CA  . PRO B 2 2   ? 8.130   0.275   8.742   1.00 39.21 ? 359  PRO B CA  1 
ATOM   1146 C C   . PRO B 2 2   ? 7.388   0.900   9.919   1.00 35.92 ? 359  PRO B C   1 
ATOM   1147 O O   . PRO B 2 2   ? 7.853   0.848   11.054  1.00 37.04 ? 359  PRO B O   1 
ATOM   1148 C CB  . PRO B 2 2   ? 7.584   -1.104  8.378   1.00 38.88 ? 359  PRO B CB  1 
ATOM   1149 C CG  . PRO B 2 2   ? 8.406   -2.018  9.228   1.00 39.81 ? 359  PRO B CG  1 
ATOM   1150 C CD  . PRO B 2 2   ? 9.797   -1.451  9.043   1.00 41.55 ? 359  PRO B CD  1 
ATOM   1151 N N   . GLY B 2 3   ? 6.232   1.490   9.634   1.00 32.20 ? 360  GLY B N   1 
ATOM   1152 C CA  . GLY B 2 3   ? 5.440   2.116   10.673  1.00 26.97 ? 360  GLY B CA  1 
ATOM   1153 C C   . GLY B 2 3   ? 4.158   2.677   10.094  1.00 25.98 ? 360  GLY B C   1 
ATOM   1154 O O   . GLY B 2 3   ? 3.865   2.471   8.909   1.00 23.45 ? 360  GLY B O   1 
ATOM   1155 N N   . GLY B 2 4   ? 3.388   3.373   10.927  1.00 24.70 ? 361  GLY B N   1 
ATOM   1156 C CA  . GLY B 2 4   ? 2.144   3.969   10.470  1.00 24.90 ? 361  GLY B CA  1 
ATOM   1157 C C   . GLY B 2 4   ? 2.413   5.252   9.705   1.00 26.32 ? 361  GLY B C   1 
ATOM   1158 O O   . GLY B 2 4   ? 3.489   5.837   9.832   1.00 25.16 ? 361  GLY B O   1 
ATOM   1159 N N   . SER B 2 5   ? 1.439   5.697   8.918   1.00 27.60 ? 362  SER B N   1 
ATOM   1160 C CA  . SER B 2 5   ? 1.596   6.912   8.124   1.00 31.63 ? 362  SER B CA  1 
ATOM   1161 C C   . SER B 2 5   ? 1.599   8.229   8.905   1.00 35.65 ? 362  SER B C   1 
ATOM   1162 O O   . SER B 2 5   ? 2.256   9.184   8.492   1.00 37.77 ? 362  SER B O   1 
ATOM   1163 C CB  . SER B 2 5   ? 0.514   6.979   7.036   1.00 29.14 ? 362  SER B CB  1 
ATOM   1164 O OG  . SER B 2 5   ? -0.783  7.071   7.597   1.00 25.13 ? 362  SER B OG  1 
ATOM   1165 N N   . ARG B 2 6   ? 0.878   8.290   10.022  1.00 40.10 ? 363  ARG B N   1 
ATOM   1166 C CA  . ARG B 2 6   ? 0.820   9.524   10.813  1.00 45.15 ? 363  ARG B CA  1 
ATOM   1167 C C   . ARG B 2 6   ? 1.998   9.679   11.772  1.00 46.43 ? 363  ARG B C   1 
ATOM   1168 O O   . ARG B 2 6   ? 1.777   9.582   12.998  1.00 47.78 ? 363  ARG B O   1 
ATOM   1169 C CB  . ARG B 2 6   ? -0.489  9.593   11.608  1.00 48.51 ? 363  ARG B CB  1 
ATOM   1170 C CG  . ARG B 2 6   ? -1.744  9.480   10.761  1.00 53.09 ? 363  ARG B CG  1 
ATOM   1171 C CD  . ARG B 2 6   ? -2.993  9.591   11.617  1.00 56.16 ? 363  ARG B CD  1 
ATOM   1172 N NE  . ARG B 2 6   ? -4.186  9.136   10.906  1.00 60.73 ? 363  ARG B NE  1 
ATOM   1173 C CZ  . ARG B 2 6   ? -5.424  9.224   11.387  1.00 63.15 ? 363  ARG B CZ  1 
ATOM   1174 N NH1 . ARG B 2 6   ? -5.637  9.756   12.585  1.00 63.92 ? 363  ARG B NH1 1 
ATOM   1175 N NH2 . ARG B 2 6   ? -6.452  8.779   10.672  1.00 63.96 ? 363  ARG B NH2 1 
ATOM   1176 O OXT . ARG B 2 6   ? 3.131   9.899   11.290  1.00 47.46 ? 363  ARG B OXT 1 
HETATM 1177 O O   . HOH C 3 .   ? -16.519 -1.465  18.439  1.00 23.35 ? 1001 HOH A O   1 
HETATM 1178 O O   . HOH C 3 .   ? -4.780  4.025   12.554  1.00 26.49 ? 1002 HOH A O   1 
HETATM 1179 O O   . HOH C 3 .   ? -9.811  -2.140  16.295  1.00 18.45 ? 1003 HOH A O   1 
HETATM 1180 O O   . HOH C 3 .   ? -5.865  -12.014 12.591  1.00 14.63 ? 1004 HOH A O   1 
HETATM 1181 O O   . HOH C 3 .   ? -11.017 4.223   -1.354  1.00 17.69 ? 1005 HOH A O   1 
HETATM 1182 O O   . HOH C 3 .   ? 11.581  -5.369  3.329   1.00 46.49 ? 1006 HOH A O   1 
HETATM 1183 O O   . HOH C 3 .   ? -9.617  5.666   -5.150  1.00 13.97 ? 1007 HOH A O   1 
HETATM 1184 O O   . HOH C 3 .   ? 11.093  5.882   -13.091 1.00 24.27 ? 1008 HOH A O   1 
HETATM 1185 O O   . HOH C 3 .   ? -5.561  1.639   -10.844 1.00 23.36 ? 1009 HOH A O   1 
HETATM 1186 O O   . HOH C 3 .   ? -11.964 -7.224  -4.045  1.00 23.15 ? 1010 HOH A O   1 
HETATM 1187 O O   . HOH C 3 .   ? -6.878  -15.421 13.582  1.00 22.55 ? 1011 HOH A O   1 
HETATM 1188 O O   . HOH C 3 .   ? 10.669  4.447   5.762   1.00 38.77 ? 1012 HOH A O   1 
HETATM 1189 O O   . HOH C 3 .   ? -15.316 -3.688  11.381  1.00 20.91 ? 1013 HOH A O   1 
HETATM 1190 O O   . HOH C 3 .   ? -11.939 1.201   4.937   1.00 21.62 ? 1014 HOH A O   1 
HETATM 1191 O O   . HOH C 3 .   ? -11.283 1.117   11.754  1.00 17.07 ? 1015 HOH A O   1 
HETATM 1192 O O   . HOH C 3 .   ? -0.059  -13.107 9.176   1.00 35.86 ? 1016 HOH A O   1 
HETATM 1193 O O   . HOH C 3 .   ? -11.368 -16.888 -4.762  1.00 43.79 ? 1017 HOH A O   1 
HETATM 1194 O O   . HOH C 3 .   ? 3.586   -3.758  13.924  1.00 27.39 ? 1018 HOH A O   1 
HETATM 1195 O O   . HOH C 3 .   ? -4.719  5.105   7.546   1.00 25.35 ? 1019 HOH A O   1 
HETATM 1196 O O   . HOH C 3 .   ? -18.768 -1.272  11.120  1.00 51.13 ? 1020 HOH A O   1 
HETATM 1197 O O   . HOH C 3 .   ? 5.040   1.853   -12.066 1.00 26.74 ? 1021 HOH A O   1 
HETATM 1198 O O   . HOH C 3 .   ? -10.372 4.230   3.762   1.00 19.93 ? 1022 HOH A O   1 
HETATM 1199 O O   . HOH C 3 .   ? -13.624 0.047   7.014   1.00 20.95 ? 1023 HOH A O   1 
HETATM 1200 O O   . HOH C 3 .   ? -6.719  -0.174  -7.056  1.00 27.62 ? 1024 HOH A O   1 
HETATM 1201 O O   . HOH C 3 .   ? 6.601   -5.075  9.171   1.00 24.75 ? 1025 HOH A O   1 
HETATM 1202 O O   . HOH C 3 .   ? 16.729  -7.765  -14.903 1.00 35.41 ? 1026 HOH A O   1 
HETATM 1203 O O   . HOH C 3 .   ? 2.072   -6.099  15.181  1.00 30.37 ? 1027 HOH A O   1 
HETATM 1204 O O   . HOH C 3 .   ? -0.941  15.064  -8.604  1.00 36.21 ? 1028 HOH A O   1 
HETATM 1205 O O   . HOH C 3 .   ? -8.310  6.339   9.968   1.00 34.75 ? 1029 HOH A O   1 
HETATM 1206 O O   . HOH C 3 .   ? -3.291  -17.454 2.298   1.00 33.29 ? 1030 HOH A O   1 
HETATM 1207 O O   . HOH C 3 .   ? -2.462  20.180  -2.876  1.00 37.34 ? 1031 HOH A O   1 
HETATM 1208 O O   . HOH C 3 .   ? -6.466  -10.445 15.189  1.00 25.55 ? 1032 HOH A O   1 
HETATM 1209 O O   . HOH C 3 .   ? -0.551  11.313  -15.550 1.00 30.75 ? 1033 HOH A O   1 
HETATM 1210 O O   . HOH C 3 .   ? -8.235  -2.108  -5.376  1.00 31.96 ? 1034 HOH A O   1 
HETATM 1211 O O   . HOH C 3 .   ? -11.835 6.565   1.469   1.00 26.27 ? 1035 HOH A O   1 
HETATM 1212 O O   . HOH C 3 .   ? 10.637  5.549   -16.980 1.00 27.86 ? 1036 HOH A O   1 
HETATM 1213 O O   . HOH C 3 .   ? -9.034  0.569   4.580   1.00 24.08 ? 1037 HOH A O   1 
HETATM 1214 O O   . HOH C 3 .   ? -5.933  -4.622  -9.032  1.00 38.89 ? 1038 HOH A O   1 
HETATM 1215 O O   . HOH C 3 .   ? 3.929   -11.648 1.976   1.00 37.13 ? 1039 HOH A O   1 
HETATM 1216 O O   . HOH C 3 .   ? 5.260   12.746  -19.256 1.00 52.34 ? 1040 HOH A O   1 
HETATM 1217 O O   . HOH C 3 .   ? 1.363   15.562  -15.380 1.00 40.21 ? 1041 HOH A O   1 
HETATM 1218 O O   . HOH C 3 .   ? -15.759 -4.873  14.263  1.00 24.52 ? 1042 HOH A O   1 
HETATM 1219 O O   . HOH C 3 .   ? 2.645   2.791   -14.788 1.00 44.45 ? 1043 HOH A O   1 
HETATM 1220 O O   . HOH C 3 .   ? 14.264  12.389  -3.968  1.00 27.03 ? 1044 HOH A O   1 
HETATM 1221 O O   . HOH C 3 .   ? -5.217  5.306   -12.659 1.00 26.72 ? 1045 HOH A O   1 
HETATM 1222 O O   . HOH C 3 .   ? -2.144  15.183  -4.829  1.00 42.88 ? 1046 HOH A O   1 
HETATM 1223 O O   . HOH C 3 .   ? -0.430  -3.595  16.214  1.00 21.18 ? 1047 HOH A O   1 
HETATM 1224 O O   . HOH C 3 .   ? -3.864  -0.503  -12.253 1.00 40.18 ? 1048 HOH A O   1 
HETATM 1225 O O   . HOH C 3 .   ? 15.561  4.947   -3.411  1.00 35.20 ? 1049 HOH A O   1 
HETATM 1226 O O   . HOH C 3 .   ? -0.883  2.776   11.808  1.00 30.22 ? 1050 HOH A O   1 
HETATM 1227 O O   . HOH C 3 .   ? -20.506 -8.465  12.497  1.00 52.68 ? 1051 HOH A O   1 
HETATM 1228 O O   . HOH C 3 .   ? -13.890 -11.709 13.258  1.00 43.81 ? 1052 HOH A O   1 
HETATM 1229 O O   . HOH C 3 .   ? -5.543  -11.753 -6.454  1.00 28.69 ? 1053 HOH A O   1 
HETATM 1230 O O   . HOH C 3 .   ? -11.390 -15.887 13.945  1.00 38.12 ? 1054 HOH A O   1 
HETATM 1231 O O   . HOH C 3 .   ? -3.025  -15.658 4.943   1.00 38.03 ? 1055 HOH A O   1 
HETATM 1232 O O   . HOH C 3 .   ? -12.535 3.131   14.186  1.00 44.56 ? 1056 HOH A O   1 
HETATM 1233 O O   . HOH C 3 .   ? 8.003   4.337   7.633   1.00 50.22 ? 1057 HOH A O   1 
HETATM 1234 O O   . HOH C 3 .   ? -2.597  15.645  -17.455 1.00 50.11 ? 1058 HOH A O   1 
HETATM 1235 O O   . HOH C 3 .   ? 3.397   5.851   -22.913 1.00 55.04 ? 1059 HOH A O   1 
HETATM 1236 O O   . HOH C 3 .   ? 5.019   16.582  -6.201  1.00 39.73 ? 1060 HOH A O   1 
HETATM 1237 O O   . HOH C 3 .   ? 8.037   15.805  -8.894  1.00 35.06 ? 1061 HOH A O   1 
HETATM 1238 O O   . HOH C 3 .   ? 3.852   -8.115  -11.149 1.00 33.97 ? 1062 HOH A O   1 
HETATM 1239 O O   . HOH C 3 .   ? 4.580   -8.609  13.466  1.00 69.50 ? 1063 HOH A O   1 
HETATM 1240 O O   . HOH C 3 .   ? 3.396   -7.173  -4.609  1.00 35.27 ? 1064 HOH A O   1 
HETATM 1241 O O   . HOH C 3 .   ? -3.492  20.941  1.811   1.00 55.11 ? 1065 HOH A O   1 
HETATM 1242 O O   . HOH C 3 .   ? 15.745  -3.730  -17.336 1.00 30.27 ? 1067 HOH A O   1 
HETATM 1243 O O   . HOH C 3 .   ? 6.784   12.770  -14.842 1.00 36.15 ? 1068 HOH A O   1 
HETATM 1244 O O   . HOH C 3 .   ? -18.311 -12.310 -1.155  1.00 45.29 ? 1069 HOH A O   1 
HETATM 1245 O O   . HOH C 3 .   ? -0.353  19.768  0.857   1.00 51.79 ? 1070 HOH A O   1 
HETATM 1246 O O   . HOH C 3 .   ? 13.678  -4.185  -20.499 1.00 44.35 ? 1071 HOH A O   1 
HETATM 1247 O O   . HOH C 3 .   ? -0.890  -19.745 -0.189  1.00 51.35 ? 1073 HOH A O   1 
HETATM 1248 O O   . HOH C 3 .   ? -13.876 1.839   2.700   1.00 28.25 ? 1074 HOH A O   1 
HETATM 1249 O O   . HOH C 3 .   ? -13.278 -12.399 -5.371  1.00 75.91 ? 1076 HOH A O   1 
HETATM 1250 O O   . HOH C 3 .   ? 0.466   -18.063 -2.712  1.00 59.49 ? 1077 HOH A O   1 
HETATM 1251 O O   . HOH C 3 .   ? -7.223  5.655   14.068  1.00 54.08 ? 1078 HOH A O   1 
HETATM 1252 O O   . HOH C 3 .   ? -0.934  6.434   -19.973 1.00 52.08 ? 1079 HOH A O   1 
HETATM 1253 O O   . HOH C 3 .   ? 6.683   10.569  -17.100 1.00 33.22 ? 1080 HOH A O   1 
HETATM 1254 O O   . HOH C 3 .   ? 6.706   -4.881  -15.527 1.00 43.73 ? 1081 HOH A O   1 
HETATM 1255 O O   . HOH C 3 .   ? -11.347 5.376   11.518  1.00 59.20 ? 1082 HOH A O   1 
HETATM 1256 O O   . HOH C 3 .   ? 12.248  -11.485 6.162   1.00 65.33 ? 1083 HOH A O   1 
HETATM 1257 O O   . HOH C 3 .   ? 14.369  -9.321  -16.724 1.00 28.78 ? 1084 HOH A O   1 
HETATM 1258 O O   . HOH C 3 .   ? -6.637  -15.372 -3.704  1.00 34.16 ? 1085 HOH A O   1 
HETATM 1259 O O   . HOH C 3 .   ? 2.818   -2.284  16.677  1.00 51.51 ? 1086 HOH A O   1 
HETATM 1260 O O   . HOH C 3 .   ? -8.199  10.686  -15.587 1.00 58.39 ? 1087 HOH A O   1 
HETATM 1261 O O   . HOH C 3 .   ? -2.478  -13.257 -5.632  1.00 39.78 ? 1088 HOH A O   1 
HETATM 1262 O O   . HOH C 3 .   ? -8.140  -9.513  -7.075  1.00 48.79 ? 1093 HOH A O   1 
HETATM 1263 O O   . HOH C 3 .   ? 10.777  -7.669  -7.859  1.00 48.77 ? 1098 HOH A O   1 
HETATM 1264 O O   . HOH C 3 .   ? 18.195  10.724  -4.115  1.00 60.31 ? 1104 HOH A O   1 
HETATM 1265 O O   . HOH C 3 .   ? -5.816  -17.226 10.461  1.00 32.26 ? 1105 HOH A O   1 
HETATM 1266 O O   . HOH C 3 .   ? -5.802  13.102  1.197   1.00 47.82 ? 1107 HOH A O   1 
HETATM 1267 O O   . HOH C 3 .   ? 7.439   7.609   -21.668 1.00 62.04 ? 1108 HOH A O   1 
HETATM 1268 O O   . HOH C 3 .   ? 0.467   -2.848  -14.077 1.00 45.54 ? 1109 HOH A O   1 
HETATM 1269 O O   . HOH C 3 .   ? -17.389 -10.171 8.375   1.00 48.55 ? 1116 HOH A O   1 
HETATM 1270 O O   . HOH C 3 .   ? 14.387  -5.372  -7.118  1.00 68.73 ? 1118 HOH A O   1 
HETATM 1271 O O   . HOH C 3 .   ? 5.397   16.889  -14.749 1.00 54.90 ? 1120 HOH A O   1 
HETATM 1272 O O   . HOH C 3 .   ? 18.480  9.158   -8.181  1.00 59.24 ? 1124 HOH A O   1 
HETATM 1273 O O   . HOH C 3 .   ? 14.490  12.608  -11.282 1.00 40.92 ? 1125 HOH A O   1 
HETATM 1274 O O   . HOH C 3 .   ? -3.411  10.957  -16.635 1.00 49.09 ? 1135 HOH A O   1 
HETATM 1275 O O   . HOH C 3 .   ? -14.294 -9.609  -4.377  1.00 41.44 ? 1136 HOH A O   1 
HETATM 1276 O O   . HOH D 3 .   ? 2.169   10.369  15.629  1.00 63.25 ? 1072 HOH B O   1 
HETATM 1277 O O   . HOH D 3 .   ? 6.253   5.426   10.028  1.00 60.42 ? 1139 HOH B O   1 
# 
loop_
_pdbx_poly_seq_scheme.asym_id 
_pdbx_poly_seq_scheme.entity_id 
_pdbx_poly_seq_scheme.seq_id 
_pdbx_poly_seq_scheme.mon_id 
_pdbx_poly_seq_scheme.ndb_seq_num 
_pdbx_poly_seq_scheme.pdb_seq_num 
_pdbx_poly_seq_scheme.auth_seq_num 
_pdbx_poly_seq_scheme.pdb_mon_id 
_pdbx_poly_seq_scheme.auth_mon_id 
_pdbx_poly_seq_scheme.pdb_strand_id 
_pdbx_poly_seq_scheme.pdb_ins_code 
_pdbx_poly_seq_scheme.hetero 
A 1 1   GLY 1   51  ?   ?   ?   A . n 
A 1 2   SER 2   52  ?   ?   ?   A . n 
A 1 3   HIS 3   53  ?   ?   ?   A . n 
A 1 4   THR 4   54  ?   ?   ?   A . n 
A 1 5   ALA 5   55  ?   ?   ?   A . n 
A 1 6   GLU 6   56  ?   ?   ?   A . n 
A 1 7   GLU 7   57  ?   ?   ?   A . n 
A 1 8   ASP 8   58  ?   ?   ?   A . n 
A 1 9   MET 9   59  ?   ?   ?   A . n 
A 1 10  GLU 10  60  ?   ?   ?   A . n 
A 1 11  ASP 11  61  ?   ?   ?   A . n 
A 1 12  ASP 12  62  ?   ?   ?   A . n 
A 1 13  THR 13  63  63  THR THR A . n 
A 1 14  SER 14  64  64  SER SER A . n 
A 1 15  TRP 15  65  65  TRP TRP A . n 
A 1 16  ARG 16  66  66  ARG ARG A . n 
A 1 17  SER 17  67  67  SER SER A . n 
A 1 18  GLU 18  68  68  GLU GLU A . n 
A 1 19  ALA 19  69  69  ALA ALA A . n 
A 1 20  THR 20  70  70  THR THR A . n 
A 1 21  PHE 21  71  71  PHE PHE A . n 
A 1 22  GLN 22  72  72  GLN GLN A . n 
A 1 23  PHE 23  73  73  PHE PHE A . n 
A 1 24  THR 24  74  74  THR THR A . n 
A 1 25  VAL 25  75  75  VAL VAL A . n 
A 1 26  GLU 26  76  76  GLU GLU A . n 
A 1 27  ARG 27  77  77  ARG ARG A . n 
A 1 28  PHE 28  78  78  PHE PHE A . n 
A 1 29  SER 29  79  79  SER SER A . n 
A 1 30  ARG 30  80  80  ARG ARG A . n 
A 1 31  LEU 31  81  81  LEU LEU A . n 
A 1 32  SER 32  82  82  SER SER A . n 
A 1 33  GLU 33  83  83  GLU GLU A . n 
A 1 34  SER 34  84  84  SER SER A . n 
A 1 35  VAL 35  85  85  VAL VAL A . n 
A 1 36  LEU 36  86  86  LEU LEU A . n 
A 1 37  SER 37  87  87  SER SER A . n 
A 1 38  PRO 38  88  88  PRO PRO A . n 
A 1 39  PRO 39  89  89  PRO PRO A . n 
A 1 40  CYS 40  90  90  CYS CYS A . n 
A 1 41  PHE 41  91  91  PHE PHE A . n 
A 1 42  VAL 42  92  92  VAL VAL A . n 
A 1 43  ARG 43  93  93  ARG ARG A . n 
A 1 44  ASN 44  94  94  ASN ASN A . n 
A 1 45  LEU 45  95  95  LEU LEU A . n 
A 1 46  PRO 46  96  96  PRO PRO A . n 
A 1 47  TRP 47  97  97  TRP TRP A . n 
A 1 48  LYS 48  98  98  LYS LYS A . n 
A 1 49  ILE 49  99  99  ILE ILE A . n 
A 1 50  MET 50  100 100 MET MET A . n 
A 1 51  VAL 51  101 101 VAL VAL A . n 
A 1 52  MET 52  102 102 MET MET A . n 
A 1 53  PRO 53  103 103 PRO PRO A . n 
A 1 54  ARG 54  104 104 ARG ARG A . n 
A 1 55  PHE 55  105 105 PHE PHE A . n 
A 1 56  TYR 56  106 ?   ?   ?   A . n 
A 1 57  PRO 57  107 ?   ?   ?   A . n 
A 1 58  ASP 58  108 ?   ?   ?   A . n 
A 1 59  ARG 59  109 ?   ?   ?   A . n 
A 1 60  PRO 60  110 ?   ?   ?   A . n 
A 1 61  HIS 61  111 ?   ?   ?   A . n 
A 1 62  GLN 62  112 112 GLN GLN A . n 
A 1 63  LYS 63  113 113 LYS LYS A . n 
A 1 64  SER 64  114 114 SER SER A . n 
A 1 65  VAL 65  115 115 VAL VAL A . n 
A 1 66  GLY 66  116 116 GLY GLY A . n 
A 1 67  PHE 67  117 117 PHE PHE A . n 
A 1 68  PHE 68  118 118 PHE PHE A . n 
A 1 69  LEU 69  119 119 LEU LEU A . n 
A 1 70  GLN 70  120 120 GLN GLN A . n 
A 1 71  CYS 71  121 121 CYS CYS A . n 
A 1 72  ASN 72  122 122 ASN ASN A . n 
A 1 73  ALA 73  123 123 ALA ALA A . n 
A 1 74  GLU 74  124 124 GLU GLU A . n 
A 1 75  SER 75  125 125 SER SER A . n 
A 1 76  ASP 76  126 126 ASP ASP A . n 
A 1 77  SER 77  127 127 SER SER A . n 
A 1 78  THR 78  128 128 THR THR A . n 
A 1 79  SER 79  129 129 SER SER A . n 
A 1 80  TRP 80  130 130 TRP TRP A . n 
A 1 81  SER 81  131 131 SER SER A . n 
A 1 82  CYS 82  132 132 CYS CYS A . n 
A 1 83  HIS 83  133 133 HIS HIS A . n 
A 1 84  ALA 84  134 134 ALA ALA A . n 
A 1 85  GLN 85  135 135 GLN GLN A . n 
A 1 86  ALA 86  136 136 ALA ALA A . n 
A 1 87  VAL 87  137 137 VAL VAL A . n 
A 1 88  LEU 88  138 138 LEU LEU A . n 
A 1 89  LYS 89  139 139 LYS LYS A . n 
A 1 90  ILE 90  140 140 ILE ILE A . n 
A 1 91  ILE 91  141 141 ILE ILE A . n 
A 1 92  ASN 92  142 142 ASN ASN A . n 
A 1 93  TYR 93  143 143 TYR TYR A . n 
A 1 94  ARG 94  144 144 ARG ARG A . n 
A 1 95  ASP 95  145 145 ASP ASP A . n 
A 1 96  ASP 96  146 146 ASP ASP A . n 
A 1 97  GLU 97  147 147 GLU GLU A . n 
A 1 98  LYS 98  148 148 LYS LYS A . n 
A 1 99  SER 99  149 149 SER SER A . n 
A 1 100 PHE 100 150 150 PHE PHE A . n 
A 1 101 SER 101 151 151 SER SER A . n 
A 1 102 ARG 102 152 152 ARG ARG A . n 
A 1 103 ARG 103 153 153 ARG ARG A . n 
A 1 104 ILE 104 154 154 ILE ILE A . n 
A 1 105 SER 105 155 155 SER SER A . n 
A 1 106 HIS 106 156 156 HIS HIS A . n 
A 1 107 LEU 107 157 157 LEU LEU A . n 
A 1 108 PHE 108 158 158 PHE PHE A . n 
A 1 109 PHE 109 159 159 PHE PHE A . n 
A 1 110 HIS 110 160 160 HIS HIS A . n 
A 1 111 LYS 111 161 161 LYS LYS A . n 
A 1 112 GLU 112 162 162 GLU GLU A . n 
A 1 113 ASN 113 163 163 ASN ASN A . n 
A 1 114 ASP 114 164 164 ASP ASP A . n 
A 1 115 TRP 115 165 165 TRP TRP A . n 
A 1 116 GLY 116 166 166 GLY GLY A . n 
A 1 117 PHE 117 167 167 PHE PHE A . n 
A 1 118 SER 118 168 168 SER SER A . n 
A 1 119 ASN 119 169 169 ASN ASN A . n 
A 1 120 PHE 120 170 170 PHE PHE A . n 
A 1 121 MET 121 171 171 MET MET A . n 
A 1 122 ALA 122 172 172 ALA ALA A . n 
A 1 123 TRP 123 173 173 TRP TRP A . n 
A 1 124 SER 124 174 174 SER SER A . n 
A 1 125 GLU 125 175 175 GLU GLU A . n 
A 1 126 VAL 126 176 176 VAL VAL A . n 
A 1 127 THR 127 177 177 THR THR A . n 
A 1 128 ASP 128 178 178 ASP ASP A . n 
A 1 129 PRO 129 179 179 PRO PRO A . n 
A 1 130 GLU 130 180 180 GLU GLU A . n 
A 1 131 LYS 131 181 181 LYS LYS A . n 
A 1 132 GLY 132 182 182 GLY GLY A . n 
A 1 133 PHE 133 183 183 PHE PHE A . n 
A 1 134 ILE 134 184 184 ILE ILE A . n 
A 1 135 ASP 135 185 185 ASP ASP A . n 
A 1 136 ASP 136 186 186 ASP ASP A . n 
A 1 137 ASP 137 187 187 ASP ASP A . n 
A 1 138 LYS 138 188 188 LYS LYS A . n 
A 1 139 VAL 139 189 189 VAL VAL A . n 
A 1 140 THR 140 190 190 THR THR A . n 
A 1 141 PHE 141 191 191 PHE PHE A . n 
A 1 142 GLU 142 192 192 GLU GLU A . n 
A 1 143 VAL 143 193 193 VAL VAL A . n 
A 1 144 PHE 144 194 194 PHE PHE A . n 
A 1 145 VAL 145 195 195 VAL VAL A . n 
A 1 146 GLN 146 196 196 GLN GLN A . n 
A 1 147 ALA 147 197 197 ALA ALA A . n 
A 1 148 ASP 148 198 198 ASP ASP A . n 
A 1 149 ALA 149 199 199 ALA ALA A . n 
A 1 150 PRO 150 200 200 PRO PRO A . n 
A 1 151 HIS 151 201 201 HIS HIS A . n 
A 1 152 GLY 152 202 202 GLY GLY A . n 
A 1 153 VAL 153 203 203 VAL VAL A . n 
A 1 154 ALA 154 204 204 ALA ALA A . n 
A 1 155 TRP 155 205 205 TRP TRP A . n 
B 2 1   GLU 1   358 358 GLU GLU B . n 
B 2 2   PRO 2   359 359 PRO PRO B . n 
B 2 3   GLY 3   360 360 GLY GLY B . n 
B 2 4   GLY 4   361 361 GLY GLY B . n 
B 2 5   SER 5   362 362 SER SER B . n 
B 2 6   ARG 6   363 363 ARG ARG B . n 
# 
loop_
_pdbx_nonpoly_scheme.asym_id 
_pdbx_nonpoly_scheme.entity_id 
_pdbx_nonpoly_scheme.mon_id 
_pdbx_nonpoly_scheme.ndb_seq_num 
_pdbx_nonpoly_scheme.pdb_seq_num 
_pdbx_nonpoly_scheme.auth_seq_num 
_pdbx_nonpoly_scheme.pdb_mon_id 
_pdbx_nonpoly_scheme.auth_mon_id 
_pdbx_nonpoly_scheme.pdb_strand_id 
_pdbx_nonpoly_scheme.pdb_ins_code 
C 3 HOH 1  1001 1001 HOH TIP A . 
C 3 HOH 2  1002 1002 HOH TIP A . 
C 3 HOH 3  1003 1003 HOH TIP A . 
C 3 HOH 4  1004 1004 HOH TIP A . 
C 3 HOH 5  1005 1005 HOH TIP A . 
C 3 HOH 6  1006 1006 HOH TIP A . 
C 3 HOH 7  1007 1007 HOH TIP A . 
C 3 HOH 8  1008 1008 HOH TIP A . 
C 3 HOH 9  1009 1009 HOH TIP A . 
C 3 HOH 10 1010 1010 HOH TIP A . 
C 3 HOH 11 1011 1011 HOH TIP A . 
C 3 HOH 12 1012 1012 HOH TIP A . 
C 3 HOH 13 1013 1013 HOH TIP A . 
C 3 HOH 14 1014 1014 HOH TIP A . 
C 3 HOH 15 1015 1015 HOH TIP A . 
C 3 HOH 16 1016 1016 HOH TIP A . 
C 3 HOH 17 1017 1017 HOH TIP A . 
C 3 HOH 18 1018 1018 HOH TIP A . 
C 3 HOH 19 1019 1019 HOH TIP A . 
C 3 HOH 20 1020 1020 HOH TIP A . 
C 3 HOH 21 1021 1021 HOH TIP A . 
C 3 HOH 22 1022 1022 HOH TIP A . 
C 3 HOH 23 1023 1023 HOH TIP A . 
C 3 HOH 24 1024 1024 HOH TIP A . 
C 3 HOH 25 1025 1025 HOH TIP A . 
C 3 HOH 26 1026 1026 HOH TIP A . 
C 3 HOH 27 1027 1027 HOH TIP A . 
C 3 HOH 28 1028 1028 HOH TIP A . 
C 3 HOH 29 1029 1029 HOH TIP A . 
C 3 HOH 30 1030 1030 HOH TIP A . 
C 3 HOH 31 1031 1031 HOH TIP A . 
C 3 HOH 32 1032 1032 HOH TIP A . 
C 3 HOH 33 1033 1033 HOH TIP A . 
C 3 HOH 34 1034 1034 HOH TIP A . 
C 3 HOH 35 1035 1035 HOH TIP A . 
C 3 HOH 36 1036 1036 HOH TIP A . 
C 3 HOH 37 1037 1037 HOH TIP A . 
C 3 HOH 38 1038 1038 HOH TIP A . 
C 3 HOH 39 1039 1039 HOH TIP A . 
C 3 HOH 40 1040 1040 HOH TIP A . 
C 3 HOH 41 1041 1041 HOH TIP A . 
C 3 HOH 42 1042 1042 HOH TIP A . 
C 3 HOH 43 1043 1043 HOH TIP A . 
C 3 HOH 44 1044 1044 HOH TIP A . 
C 3 HOH 45 1045 1045 HOH TIP A . 
C 3 HOH 46 1046 1046 HOH TIP A . 
C 3 HOH 47 1047 1047 HOH TIP A . 
C 3 HOH 48 1048 1048 HOH TIP A . 
C 3 HOH 49 1049 1049 HOH TIP A . 
C 3 HOH 50 1050 1050 HOH TIP A . 
C 3 HOH 51 1051 1051 HOH TIP A . 
C 3 HOH 52 1052 1052 HOH TIP A . 
C 3 HOH 53 1053 1053 HOH TIP A . 
C 3 HOH 54 1054 1054 HOH TIP A . 
C 3 HOH 55 1055 1055 HOH TIP A . 
C 3 HOH 56 1056 1056 HOH TIP A . 
C 3 HOH 57 1057 1057 HOH TIP A . 
C 3 HOH 58 1058 1058 HOH TIP A . 
C 3 HOH 59 1059 1059 HOH TIP A . 
C 3 HOH 60 1060 1060 HOH TIP A . 
C 3 HOH 61 1061 1061 HOH TIP A . 
C 3 HOH 62 1062 1062 HOH TIP A . 
C 3 HOH 63 1063 1063 HOH TIP A . 
C 3 HOH 64 1064 1064 HOH TIP A . 
C 3 HOH 65 1065 1065 HOH TIP A . 
C 3 HOH 66 1067 1067 HOH TIP A . 
C 3 HOH 67 1068 1068 HOH TIP A . 
C 3 HOH 68 1069 1069 HOH TIP A . 
C 3 HOH 69 1070 1070 HOH TIP A . 
C 3 HOH 70 1071 1071 HOH TIP A . 
C 3 HOH 71 1073 1073 HOH TIP A . 
C 3 HOH 72 1074 1074 HOH TIP A . 
C 3 HOH 73 1076 1076 HOH TIP A . 
C 3 HOH 74 1077 1077 HOH TIP A . 
C 3 HOH 75 1078 1078 HOH TIP A . 
C 3 HOH 76 1079 1079 HOH TIP A . 
C 3 HOH 77 1080 1080 HOH TIP A . 
C 3 HOH 78 1081 1081 HOH TIP A . 
C 3 HOH 79 1082 1082 HOH TIP A . 
C 3 HOH 80 1083 1083 HOH TIP A . 
C 3 HOH 81 1084 1084 HOH TIP A . 
C 3 HOH 82 1085 1085 HOH TIP A . 
C 3 HOH 83 1086 1086 HOH TIP A . 
C 3 HOH 84 1087 1087 HOH TIP A . 
C 3 HOH 85 1088 1088 HOH TIP A . 
C 3 HOH 86 1093 1093 HOH TIP A . 
C 3 HOH 87 1098 1098 HOH TIP A . 
C 3 HOH 88 1104 1104 HOH TIP A . 
C 3 HOH 89 1105 1105 HOH TIP A . 
C 3 HOH 90 1107 1107 HOH TIP A . 
C 3 HOH 91 1108 1108 HOH TIP A . 
C 3 HOH 92 1109 1109 HOH TIP A . 
C 3 HOH 93 1116 1116 HOH TIP A . 
C 3 HOH 94 1118 1118 HOH TIP A . 
C 3 HOH 95 1120 1120 HOH TIP A . 
C 3 HOH 96 1124 1124 HOH TIP A . 
C 3 HOH 97 1125 1125 HOH TIP A . 
C 3 HOH 98 1135 1135 HOH TIP A . 
C 3 HOH 99 1136 1136 HOH TIP A . 
D 3 HOH 1  1072 1072 HOH TIP B . 
D 3 HOH 2  1139 1139 HOH TIP B . 
# 
_pdbx_struct_assembly.id                   1 
_pdbx_struct_assembly.details              author_defined_assembly 
_pdbx_struct_assembly.method_details       ? 
_pdbx_struct_assembly.oligomeric_details   dimeric 
_pdbx_struct_assembly.oligomeric_count     2 
# 
_pdbx_struct_assembly_gen.assembly_id       1 
_pdbx_struct_assembly_gen.oper_expression   1 
_pdbx_struct_assembly_gen.asym_id_list      A,B,C,D 
# 
_pdbx_struct_oper_list.id                   1 
_pdbx_struct_oper_list.type                 'identity operation' 
_pdbx_struct_oper_list.name                 1_555 
_pdbx_struct_oper_list.symmetry_operation   x,y,z 
_pdbx_struct_oper_list.matrix[1][1]         1.0000000000 
_pdbx_struct_oper_list.matrix[1][2]         0.0000000000 
_pdbx_struct_oper_list.matrix[1][3]         0.0000000000 
_pdbx_struct_oper_list.vector[1]            0.0000000000 
_pdbx_struct_oper_list.matrix[2][1]         0.0000000000 
_pdbx_struct_oper_list.matrix[2][2]         1.0000000000 
_pdbx_struct_oper_list.matrix[2][3]         0.0000000000 
_pdbx_struct_oper_list.vector[2]            0.0000000000 
_pdbx_struct_oper_list.matrix[3][1]         0.0000000000 
_pdbx_struct_oper_list.matrix[3][2]         0.0000000000 
_pdbx_struct_oper_list.matrix[3][3]         1.0000000000 
_pdbx_struct_oper_list.vector[3]            0.0000000000 
# 
loop_
_pdbx_audit_revision_history.ordinal 
_pdbx_audit_revision_history.data_content_type 
_pdbx_audit_revision_history.major_revision 
_pdbx_audit_revision_history.minor_revision 
_pdbx_audit_revision_history.revision_date 
1 'Structure model' 1 0 2006-02-14 
2 'Structure model' 1 1 2008-05-01 
3 'Structure model' 1 2 2011-07-13 
4 'Structure model' 1 3 2016-12-21 
5 'Structure model' 1 4 2023-08-30 
# 
_pdbx_audit_revision_details.ordinal             1 
_pdbx_audit_revision_details.revision_ordinal    1 
_pdbx_audit_revision_details.data_content_type   'Structure model' 
_pdbx_audit_revision_details.provider            repository 
_pdbx_audit_revision_details.type                'Initial release' 
_pdbx_audit_revision_details.description         ? 
_pdbx_audit_revision_details.details             ? 
# 
loop_
_pdbx_audit_revision_group.ordinal 
_pdbx_audit_revision_group.revision_ordinal 
_pdbx_audit_revision_group.data_content_type 
_pdbx_audit_revision_group.group 
1 2 'Structure model' 'Version format compliance' 
2 3 'Structure model' 'Version format compliance' 
3 4 'Structure model' 'Structure summary'         
4 5 'Structure model' 'Data collection'           
5 5 'Structure model' 'Database references'       
6 5 'Structure model' 'Refinement description'    
# 
loop_
_pdbx_audit_revision_category.ordinal 
_pdbx_audit_revision_category.revision_ordinal 
_pdbx_audit_revision_category.data_content_type 
_pdbx_audit_revision_category.category 
1 5 'Structure model' chem_comp_atom                
2 5 'Structure model' chem_comp_bond                
3 5 'Structure model' database_2                    
4 5 'Structure model' pdbx_initial_refinement_model 
5 5 'Structure model' struct_ref_seq_dif            
# 
loop_
_pdbx_audit_revision_item.ordinal 
_pdbx_audit_revision_item.revision_ordinal 
_pdbx_audit_revision_item.data_content_type 
_pdbx_audit_revision_item.item 
1 5 'Structure model' '_database_2.pdbx_DOI'                
2 5 'Structure model' '_database_2.pdbx_database_accession' 
3 5 'Structure model' '_struct_ref_seq_dif.details'         
# 
loop_
_software.name 
_software.classification 
_software.version 
_software.citation_id 
_software.pdbx_ordinal 
CNS       refinement       1.1 ? 1 
HKL-2000  'data reduction' .   ? 2 
SCALEPACK 'data scaling'   .   ? 3 
CNS       phasing          .   ? 4 
# 
loop_
_pdbx_validate_torsion.id 
_pdbx_validate_torsion.PDB_model_num 
_pdbx_validate_torsion.auth_comp_id 
_pdbx_validate_torsion.auth_asym_id 
_pdbx_validate_torsion.auth_seq_id 
_pdbx_validate_torsion.PDB_ins_code 
_pdbx_validate_torsion.label_alt_id 
_pdbx_validate_torsion.phi 
_pdbx_validate_torsion.psi 
1 1 LYS A 113 ? ? 72.65   -83.04 
2 1 ASP A 145 ? ? -162.30 104.18 
3 1 VAL A 203 ? ? -117.58 -77.78 
# 
loop_
_pdbx_unobs_or_zero_occ_residues.id 
_pdbx_unobs_or_zero_occ_residues.PDB_model_num 
_pdbx_unobs_or_zero_occ_residues.polymer_flag 
_pdbx_unobs_or_zero_occ_residues.occupancy_flag 
_pdbx_unobs_or_zero_occ_residues.auth_asym_id 
_pdbx_unobs_or_zero_occ_residues.auth_comp_id 
_pdbx_unobs_or_zero_occ_residues.auth_seq_id 
_pdbx_unobs_or_zero_occ_residues.PDB_ins_code 
_pdbx_unobs_or_zero_occ_residues.label_asym_id 
_pdbx_unobs_or_zero_occ_residues.label_comp_id 
_pdbx_unobs_or_zero_occ_residues.label_seq_id 
1  1 Y 1 A GLY 51  ? A GLY 1  
2  1 Y 1 A SER 52  ? A SER 2  
3  1 Y 1 A HIS 53  ? A HIS 3  
4  1 Y 1 A THR 54  ? A THR 4  
5  1 Y 1 A ALA 55  ? A ALA 5  
6  1 Y 1 A GLU 56  ? A GLU 6  
7  1 Y 1 A GLU 57  ? A GLU 7  
8  1 Y 1 A ASP 58  ? A ASP 8  
9  1 Y 1 A MET 59  ? A MET 9  
10 1 Y 1 A GLU 60  ? A GLU 10 
11 1 Y 1 A ASP 61  ? A ASP 11 
12 1 Y 1 A ASP 62  ? A ASP 12 
13 1 Y 1 A TYR 106 ? A TYR 56 
14 1 Y 1 A PRO 107 ? A PRO 57 
15 1 Y 1 A ASP 108 ? A ASP 58 
16 1 Y 1 A ARG 109 ? A ARG 59 
17 1 Y 1 A PRO 110 ? A PRO 60 
18 1 Y 1 A HIS 111 ? A HIS 61 
# 
loop_
_chem_comp_atom.comp_id 
_chem_comp_atom.atom_id 
_chem_comp_atom.type_symbol 
_chem_comp_atom.pdbx_aromatic_flag 
_chem_comp_atom.pdbx_stereo_config 
_chem_comp_atom.pdbx_ordinal 
ALA N    N N N 1   
ALA CA   C N S 2   
ALA C    C N N 3   
ALA O    O N N 4   
ALA CB   C N N 5   
ALA OXT  O N N 6   
ALA H    H N N 7   
ALA H2   H N N 8   
ALA HA   H N N 9   
ALA HB1  H N N 10  
ALA HB2  H N N 11  
ALA HB3  H N N 12  
ALA HXT  H N N 13  
ARG N    N N N 14  
ARG CA   C N S 15  
ARG C    C N N 16  
ARG O    O N N 17  
ARG CB   C N N 18  
ARG CG   C N N 19  
ARG CD   C N N 20  
ARG NE   N N N 21  
ARG CZ   C N N 22  
ARG NH1  N N N 23  
ARG NH2  N N N 24  
ARG OXT  O N N 25  
ARG H    H N N 26  
ARG H2   H N N 27  
ARG HA   H N N 28  
ARG HB2  H N N 29  
ARG HB3  H N N 30  
ARG HG2  H N N 31  
ARG HG3  H N N 32  
ARG HD2  H N N 33  
ARG HD3  H N N 34  
ARG HE   H N N 35  
ARG HH11 H N N 36  
ARG HH12 H N N 37  
ARG HH21 H N N 38  
ARG HH22 H N N 39  
ARG HXT  H N N 40  
ASN N    N N N 41  
ASN CA   C N S 42  
ASN C    C N N 43  
ASN O    O N N 44  
ASN CB   C N N 45  
ASN CG   C N N 46  
ASN OD1  O N N 47  
ASN ND2  N N N 48  
ASN OXT  O N N 49  
ASN H    H N N 50  
ASN H2   H N N 51  
ASN HA   H N N 52  
ASN HB2  H N N 53  
ASN HB3  H N N 54  
ASN HD21 H N N 55  
ASN HD22 H N N 56  
ASN HXT  H N N 57  
ASP N    N N N 58  
ASP CA   C N S 59  
ASP C    C N N 60  
ASP O    O N N 61  
ASP CB   C N N 62  
ASP CG   C N N 63  
ASP OD1  O N N 64  
ASP OD2  O N N 65  
ASP OXT  O N N 66  
ASP H    H N N 67  
ASP H2   H N N 68  
ASP HA   H N N 69  
ASP HB2  H N N 70  
ASP HB3  H N N 71  
ASP HD2  H N N 72  
ASP HXT  H N N 73  
CYS N    N N N 74  
CYS CA   C N R 75  
CYS C    C N N 76  
CYS O    O N N 77  
CYS CB   C N N 78  
CYS SG   S N N 79  
CYS OXT  O N N 80  
CYS H    H N N 81  
CYS H2   H N N 82  
CYS HA   H N N 83  
CYS HB2  H N N 84  
CYS HB3  H N N 85  
CYS HG   H N N 86  
CYS HXT  H N N 87  
GLN N    N N N 88  
GLN CA   C N S 89  
GLN C    C N N 90  
GLN O    O N N 91  
GLN CB   C N N 92  
GLN CG   C N N 93  
GLN CD   C N N 94  
GLN OE1  O N N 95  
GLN NE2  N N N 96  
GLN OXT  O N N 97  
GLN H    H N N 98  
GLN H2   H N N 99  
GLN HA   H N N 100 
GLN HB2  H N N 101 
GLN HB3  H N N 102 
GLN HG2  H N N 103 
GLN HG3  H N N 104 
GLN HE21 H N N 105 
GLN HE22 H N N 106 
GLN HXT  H N N 107 
GLU N    N N N 108 
GLU CA   C N S 109 
GLU C    C N N 110 
GLU O    O N N 111 
GLU CB   C N N 112 
GLU CG   C N N 113 
GLU CD   C N N 114 
GLU OE1  O N N 115 
GLU OE2  O N N 116 
GLU OXT  O N N 117 
GLU H    H N N 118 
GLU H2   H N N 119 
GLU HA   H N N 120 
GLU HB2  H N N 121 
GLU HB3  H N N 122 
GLU HG2  H N N 123 
GLU HG3  H N N 124 
GLU HE2  H N N 125 
GLU HXT  H N N 126 
GLY N    N N N 127 
GLY CA   C N N 128 
GLY C    C N N 129 
GLY O    O N N 130 
GLY OXT  O N N 131 
GLY H    H N N 132 
GLY H2   H N N 133 
GLY HA2  H N N 134 
GLY HA3  H N N 135 
GLY HXT  H N N 136 
HIS N    N N N 137 
HIS CA   C N S 138 
HIS C    C N N 139 
HIS O    O N N 140 
HIS CB   C N N 141 
HIS CG   C Y N 142 
HIS ND1  N Y N 143 
HIS CD2  C Y N 144 
HIS CE1  C Y N 145 
HIS NE2  N Y N 146 
HIS OXT  O N N 147 
HIS H    H N N 148 
HIS H2   H N N 149 
HIS HA   H N N 150 
HIS HB2  H N N 151 
HIS HB3  H N N 152 
HIS HD1  H N N 153 
HIS HD2  H N N 154 
HIS HE1  H N N 155 
HIS HE2  H N N 156 
HIS HXT  H N N 157 
HOH O    O N N 158 
HOH H1   H N N 159 
HOH H2   H N N 160 
ILE N    N N N 161 
ILE CA   C N S 162 
ILE C    C N N 163 
ILE O    O N N 164 
ILE CB   C N S 165 
ILE CG1  C N N 166 
ILE CG2  C N N 167 
ILE CD1  C N N 168 
ILE OXT  O N N 169 
ILE H    H N N 170 
ILE H2   H N N 171 
ILE HA   H N N 172 
ILE HB   H N N 173 
ILE HG12 H N N 174 
ILE HG13 H N N 175 
ILE HG21 H N N 176 
ILE HG22 H N N 177 
ILE HG23 H N N 178 
ILE HD11 H N N 179 
ILE HD12 H N N 180 
ILE HD13 H N N 181 
ILE HXT  H N N 182 
LEU N    N N N 183 
LEU CA   C N S 184 
LEU C    C N N 185 
LEU O    O N N 186 
LEU CB   C N N 187 
LEU CG   C N N 188 
LEU CD1  C N N 189 
LEU CD2  C N N 190 
LEU OXT  O N N 191 
LEU H    H N N 192 
LEU H2   H N N 193 
LEU HA   H N N 194 
LEU HB2  H N N 195 
LEU HB3  H N N 196 
LEU HG   H N N 197 
LEU HD11 H N N 198 
LEU HD12 H N N 199 
LEU HD13 H N N 200 
LEU HD21 H N N 201 
LEU HD22 H N N 202 
LEU HD23 H N N 203 
LEU HXT  H N N 204 
LYS N    N N N 205 
LYS CA   C N S 206 
LYS C    C N N 207 
LYS O    O N N 208 
LYS CB   C N N 209 
LYS CG   C N N 210 
LYS CD   C N N 211 
LYS CE   C N N 212 
LYS NZ   N N N 213 
LYS OXT  O N N 214 
LYS H    H N N 215 
LYS H2   H N N 216 
LYS HA   H N N 217 
LYS HB2  H N N 218 
LYS HB3  H N N 219 
LYS HG2  H N N 220 
LYS HG3  H N N 221 
LYS HD2  H N N 222 
LYS HD3  H N N 223 
LYS HE2  H N N 224 
LYS HE3  H N N 225 
LYS HZ1  H N N 226 
LYS HZ2  H N N 227 
LYS HZ3  H N N 228 
LYS HXT  H N N 229 
MET N    N N N 230 
MET CA   C N S 231 
MET C    C N N 232 
MET O    O N N 233 
MET CB   C N N 234 
MET CG   C N N 235 
MET SD   S N N 236 
MET CE   C N N 237 
MET OXT  O N N 238 
MET H    H N N 239 
MET H2   H N N 240 
MET HA   H N N 241 
MET HB2  H N N 242 
MET HB3  H N N 243 
MET HG2  H N N 244 
MET HG3  H N N 245 
MET HE1  H N N 246 
MET HE2  H N N 247 
MET HE3  H N N 248 
MET HXT  H N N 249 
PHE N    N N N 250 
PHE CA   C N S 251 
PHE C    C N N 252 
PHE O    O N N 253 
PHE CB   C N N 254 
PHE CG   C Y N 255 
PHE CD1  C Y N 256 
PHE CD2  C Y N 257 
PHE CE1  C Y N 258 
PHE CE2  C Y N 259 
PHE CZ   C Y N 260 
PHE OXT  O N N 261 
PHE H    H N N 262 
PHE H2   H N N 263 
PHE HA   H N N 264 
PHE HB2  H N N 265 
PHE HB3  H N N 266 
PHE HD1  H N N 267 
PHE HD2  H N N 268 
PHE HE1  H N N 269 
PHE HE2  H N N 270 
PHE HZ   H N N 271 
PHE HXT  H N N 272 
PRO N    N N N 273 
PRO CA   C N S 274 
PRO C    C N N 275 
PRO O    O N N 276 
PRO CB   C N N 277 
PRO CG   C N N 278 
PRO CD   C N N 279 
PRO OXT  O N N 280 
PRO H    H N N 281 
PRO HA   H N N 282 
PRO HB2  H N N 283 
PRO HB3  H N N 284 
PRO HG2  H N N 285 
PRO HG3  H N N 286 
PRO HD2  H N N 287 
PRO HD3  H N N 288 
PRO HXT  H N N 289 
SER N    N N N 290 
SER CA   C N S 291 
SER C    C N N 292 
SER O    O N N 293 
SER CB   C N N 294 
SER OG   O N N 295 
SER OXT  O N N 296 
SER H    H N N 297 
SER H2   H N N 298 
SER HA   H N N 299 
SER HB2  H N N 300 
SER HB3  H N N 301 
SER HG   H N N 302 
SER HXT  H N N 303 
THR N    N N N 304 
THR CA   C N S 305 
THR C    C N N 306 
THR O    O N N 307 
THR CB   C N R 308 
THR OG1  O N N 309 
THR CG2  C N N 310 
THR OXT  O N N 311 
THR H    H N N 312 
THR H2   H N N 313 
THR HA   H N N 314 
THR HB   H N N 315 
THR HG1  H N N 316 
THR HG21 H N N 317 
THR HG22 H N N 318 
THR HG23 H N N 319 
THR HXT  H N N 320 
TRP N    N N N 321 
TRP CA   C N S 322 
TRP C    C N N 323 
TRP O    O N N 324 
TRP CB   C N N 325 
TRP CG   C Y N 326 
TRP CD1  C Y N 327 
TRP CD2  C Y N 328 
TRP NE1  N Y N 329 
TRP CE2  C Y N 330 
TRP CE3  C Y N 331 
TRP CZ2  C Y N 332 
TRP CZ3  C Y N 333 
TRP CH2  C Y N 334 
TRP OXT  O N N 335 
TRP H    H N N 336 
TRP H2   H N N 337 
TRP HA   H N N 338 
TRP HB2  H N N 339 
TRP HB3  H N N 340 
TRP HD1  H N N 341 
TRP HE1  H N N 342 
TRP HE3  H N N 343 
TRP HZ2  H N N 344 
TRP HZ3  H N N 345 
TRP HH2  H N N 346 
TRP HXT  H N N 347 
TYR N    N N N 348 
TYR CA   C N S 349 
TYR C    C N N 350 
TYR O    O N N 351 
TYR CB   C N N 352 
TYR CG   C Y N 353 
TYR CD1  C Y N 354 
TYR CD2  C Y N 355 
TYR CE1  C Y N 356 
TYR CE2  C Y N 357 
TYR CZ   C Y N 358 
TYR OH   O N N 359 
TYR OXT  O N N 360 
TYR H    H N N 361 
TYR H2   H N N 362 
TYR HA   H N N 363 
TYR HB2  H N N 364 
TYR HB3  H N N 365 
TYR HD1  H N N 366 
TYR HD2  H N N 367 
TYR HE1  H N N 368 
TYR HE2  H N N 369 
TYR HH   H N N 370 
TYR HXT  H N N 371 
VAL N    N N N 372 
VAL CA   C N S 373 
VAL C    C N N 374 
VAL O    O N N 375 
VAL CB   C N N 376 
VAL CG1  C N N 377 
VAL CG2  C N N 378 
VAL OXT  O N N 379 
VAL H    H N N 380 
VAL H2   H N N 381 
VAL HA   H N N 382 
VAL HB   H N N 383 
VAL HG11 H N N 384 
VAL HG12 H N N 385 
VAL HG13 H N N 386 
VAL HG21 H N N 387 
VAL HG22 H N N 388 
VAL HG23 H N N 389 
VAL HXT  H N N 390 
# 
loop_
_chem_comp_bond.comp_id 
_chem_comp_bond.atom_id_1 
_chem_comp_bond.atom_id_2 
_chem_comp_bond.value_order 
_chem_comp_bond.pdbx_aromatic_flag 
_chem_comp_bond.pdbx_stereo_config 
_chem_comp_bond.pdbx_ordinal 
ALA N   CA   sing N N 1   
ALA N   H    sing N N 2   
ALA N   H2   sing N N 3   
ALA CA  C    sing N N 4   
ALA CA  CB   sing N N 5   
ALA CA  HA   sing N N 6   
ALA C   O    doub N N 7   
ALA C   OXT  sing N N 8   
ALA CB  HB1  sing N N 9   
ALA CB  HB2  sing N N 10  
ALA CB  HB3  sing N N 11  
ALA OXT HXT  sing N N 12  
ARG N   CA   sing N N 13  
ARG N   H    sing N N 14  
ARG N   H2   sing N N 15  
ARG CA  C    sing N N 16  
ARG CA  CB   sing N N 17  
ARG CA  HA   sing N N 18  
ARG C   O    doub N N 19  
ARG C   OXT  sing N N 20  
ARG CB  CG   sing N N 21  
ARG CB  HB2  sing N N 22  
ARG CB  HB3  sing N N 23  
ARG CG  CD   sing N N 24  
ARG CG  HG2  sing N N 25  
ARG CG  HG3  sing N N 26  
ARG CD  NE   sing N N 27  
ARG CD  HD2  sing N N 28  
ARG CD  HD3  sing N N 29  
ARG NE  CZ   sing N N 30  
ARG NE  HE   sing N N 31  
ARG CZ  NH1  sing N N 32  
ARG CZ  NH2  doub N N 33  
ARG NH1 HH11 sing N N 34  
ARG NH1 HH12 sing N N 35  
ARG NH2 HH21 sing N N 36  
ARG NH2 HH22 sing N N 37  
ARG OXT HXT  sing N N 38  
ASN N   CA   sing N N 39  
ASN N   H    sing N N 40  
ASN N   H2   sing N N 41  
ASN CA  C    sing N N 42  
ASN CA  CB   sing N N 43  
ASN CA  HA   sing N N 44  
ASN C   O    doub N N 45  
ASN C   OXT  sing N N 46  
ASN CB  CG   sing N N 47  
ASN CB  HB2  sing N N 48  
ASN CB  HB3  sing N N 49  
ASN CG  OD1  doub N N 50  
ASN CG  ND2  sing N N 51  
ASN ND2 HD21 sing N N 52  
ASN ND2 HD22 sing N N 53  
ASN OXT HXT  sing N N 54  
ASP N   CA   sing N N 55  
ASP N   H    sing N N 56  
ASP N   H2   sing N N 57  
ASP CA  C    sing N N 58  
ASP CA  CB   sing N N 59  
ASP CA  HA   sing N N 60  
ASP C   O    doub N N 61  
ASP C   OXT  sing N N 62  
ASP CB  CG   sing N N 63  
ASP CB  HB2  sing N N 64  
ASP CB  HB3  sing N N 65  
ASP CG  OD1  doub N N 66  
ASP CG  OD2  sing N N 67  
ASP OD2 HD2  sing N N 68  
ASP OXT HXT  sing N N 69  
CYS N   CA   sing N N 70  
CYS N   H    sing N N 71  
CYS N   H2   sing N N 72  
CYS CA  C    sing N N 73  
CYS CA  CB   sing N N 74  
CYS CA  HA   sing N N 75  
CYS C   O    doub N N 76  
CYS C   OXT  sing N N 77  
CYS CB  SG   sing N N 78  
CYS CB  HB2  sing N N 79  
CYS CB  HB3  sing N N 80  
CYS SG  HG   sing N N 81  
CYS OXT HXT  sing N N 82  
GLN N   CA   sing N N 83  
GLN N   H    sing N N 84  
GLN N   H2   sing N N 85  
GLN CA  C    sing N N 86  
GLN CA  CB   sing N N 87  
GLN CA  HA   sing N N 88  
GLN C   O    doub N N 89  
GLN C   OXT  sing N N 90  
GLN CB  CG   sing N N 91  
GLN CB  HB2  sing N N 92  
GLN CB  HB3  sing N N 93  
GLN CG  CD   sing N N 94  
GLN CG  HG2  sing N N 95  
GLN CG  HG3  sing N N 96  
GLN CD  OE1  doub N N 97  
GLN CD  NE2  sing N N 98  
GLN NE2 HE21 sing N N 99  
GLN NE2 HE22 sing N N 100 
GLN OXT HXT  sing N N 101 
GLU N   CA   sing N N 102 
GLU N   H    sing N N 103 
GLU N   H2   sing N N 104 
GLU CA  C    sing N N 105 
GLU CA  CB   sing N N 106 
GLU CA  HA   sing N N 107 
GLU C   O    doub N N 108 
GLU C   OXT  sing N N 109 
GLU CB  CG   sing N N 110 
GLU CB  HB2  sing N N 111 
GLU CB  HB3  sing N N 112 
GLU CG  CD   sing N N 113 
GLU CG  HG2  sing N N 114 
GLU CG  HG3  sing N N 115 
GLU CD  OE1  doub N N 116 
GLU CD  OE2  sing N N 117 
GLU OE2 HE2  sing N N 118 
GLU OXT HXT  sing N N 119 
GLY N   CA   sing N N 120 
GLY N   H    sing N N 121 
GLY N   H2   sing N N 122 
GLY CA  C    sing N N 123 
GLY CA  HA2  sing N N 124 
GLY CA  HA3  sing N N 125 
GLY C   O    doub N N 126 
GLY C   OXT  sing N N 127 
GLY OXT HXT  sing N N 128 
HIS N   CA   sing N N 129 
HIS N   H    sing N N 130 
HIS N   H2   sing N N 131 
HIS CA  C    sing N N 132 
HIS CA  CB   sing N N 133 
HIS CA  HA   sing N N 134 
HIS C   O    doub N N 135 
HIS C   OXT  sing N N 136 
HIS CB  CG   sing N N 137 
HIS CB  HB2  sing N N 138 
HIS CB  HB3  sing N N 139 
HIS CG  ND1  sing Y N 140 
HIS CG  CD2  doub Y N 141 
HIS ND1 CE1  doub Y N 142 
HIS ND1 HD1  sing N N 143 
HIS CD2 NE2  sing Y N 144 
HIS CD2 HD2  sing N N 145 
HIS CE1 NE2  sing Y N 146 
HIS CE1 HE1  sing N N 147 
HIS NE2 HE2  sing N N 148 
HIS OXT HXT  sing N N 149 
HOH O   H1   sing N N 150 
HOH O   H2   sing N N 151 
ILE N   CA   sing N N 152 
ILE N   H    sing N N 153 
ILE N   H2   sing N N 154 
ILE CA  C    sing N N 155 
ILE CA  CB   sing N N 156 
ILE CA  HA   sing N N 157 
ILE C   O    doub N N 158 
ILE C   OXT  sing N N 159 
ILE CB  CG1  sing N N 160 
ILE CB  CG2  sing N N 161 
ILE CB  HB   sing N N 162 
ILE CG1 CD1  sing N N 163 
ILE CG1 HG12 sing N N 164 
ILE CG1 HG13 sing N N 165 
ILE CG2 HG21 sing N N 166 
ILE CG2 HG22 sing N N 167 
ILE CG2 HG23 sing N N 168 
ILE CD1 HD11 sing N N 169 
ILE CD1 HD12 sing N N 170 
ILE CD1 HD13 sing N N 171 
ILE OXT HXT  sing N N 172 
LEU N   CA   sing N N 173 
LEU N   H    sing N N 174 
LEU N   H2   sing N N 175 
LEU CA  C    sing N N 176 
LEU CA  CB   sing N N 177 
LEU CA  HA   sing N N 178 
LEU C   O    doub N N 179 
LEU C   OXT  sing N N 180 
LEU CB  CG   sing N N 181 
LEU CB  HB2  sing N N 182 
LEU CB  HB3  sing N N 183 
LEU CG  CD1  sing N N 184 
LEU CG  CD2  sing N N 185 
LEU CG  HG   sing N N 186 
LEU CD1 HD11 sing N N 187 
LEU CD1 HD12 sing N N 188 
LEU CD1 HD13 sing N N 189 
LEU CD2 HD21 sing N N 190 
LEU CD2 HD22 sing N N 191 
LEU CD2 HD23 sing N N 192 
LEU OXT HXT  sing N N 193 
LYS N   CA   sing N N 194 
LYS N   H    sing N N 195 
LYS N   H2   sing N N 196 
LYS CA  C    sing N N 197 
LYS CA  CB   sing N N 198 
LYS CA  HA   sing N N 199 
LYS C   O    doub N N 200 
LYS C   OXT  sing N N 201 
LYS CB  CG   sing N N 202 
LYS CB  HB2  sing N N 203 
LYS CB  HB3  sing N N 204 
LYS CG  CD   sing N N 205 
LYS CG  HG2  sing N N 206 
LYS CG  HG3  sing N N 207 
LYS CD  CE   sing N N 208 
LYS CD  HD2  sing N N 209 
LYS CD  HD3  sing N N 210 
LYS CE  NZ   sing N N 211 
LYS CE  HE2  sing N N 212 
LYS CE  HE3  sing N N 213 
LYS NZ  HZ1  sing N N 214 
LYS NZ  HZ2  sing N N 215 
LYS NZ  HZ3  sing N N 216 
LYS OXT HXT  sing N N 217 
MET N   CA   sing N N 218 
MET N   H    sing N N 219 
MET N   H2   sing N N 220 
MET CA  C    sing N N 221 
MET CA  CB   sing N N 222 
MET CA  HA   sing N N 223 
MET C   O    doub N N 224 
MET C   OXT  sing N N 225 
MET CB  CG   sing N N 226 
MET CB  HB2  sing N N 227 
MET CB  HB3  sing N N 228 
MET CG  SD   sing N N 229 
MET CG  HG2  sing N N 230 
MET CG  HG3  sing N N 231 
MET SD  CE   sing N N 232 
MET CE  HE1  sing N N 233 
MET CE  HE2  sing N N 234 
MET CE  HE3  sing N N 235 
MET OXT HXT  sing N N 236 
PHE N   CA   sing N N 237 
PHE N   H    sing N N 238 
PHE N   H2   sing N N 239 
PHE CA  C    sing N N 240 
PHE CA  CB   sing N N 241 
PHE CA  HA   sing N N 242 
PHE C   O    doub N N 243 
PHE C   OXT  sing N N 244 
PHE CB  CG   sing N N 245 
PHE CB  HB2  sing N N 246 
PHE CB  HB3  sing N N 247 
PHE CG  CD1  doub Y N 248 
PHE CG  CD2  sing Y N 249 
PHE CD1 CE1  sing Y N 250 
PHE CD1 HD1  sing N N 251 
PHE CD2 CE2  doub Y N 252 
PHE CD2 HD2  sing N N 253 
PHE CE1 CZ   doub Y N 254 
PHE CE1 HE1  sing N N 255 
PHE CE2 CZ   sing Y N 256 
PHE CE2 HE2  sing N N 257 
PHE CZ  HZ   sing N N 258 
PHE OXT HXT  sing N N 259 
PRO N   CA   sing N N 260 
PRO N   CD   sing N N 261 
PRO N   H    sing N N 262 
PRO CA  C    sing N N 263 
PRO CA  CB   sing N N 264 
PRO CA  HA   sing N N 265 
PRO C   O    doub N N 266 
PRO C   OXT  sing N N 267 
PRO CB  CG   sing N N 268 
PRO CB  HB2  sing N N 269 
PRO CB  HB3  sing N N 270 
PRO CG  CD   sing N N 271 
PRO CG  HG2  sing N N 272 
PRO CG  HG3  sing N N 273 
PRO CD  HD2  sing N N 274 
PRO CD  HD3  sing N N 275 
PRO OXT HXT  sing N N 276 
SER N   CA   sing N N 277 
SER N   H    sing N N 278 
SER N   H2   sing N N 279 
SER CA  C    sing N N 280 
SER CA  CB   sing N N 281 
SER CA  HA   sing N N 282 
SER C   O    doub N N 283 
SER C   OXT  sing N N 284 
SER CB  OG   sing N N 285 
SER CB  HB2  sing N N 286 
SER CB  HB3  sing N N 287 
SER OG  HG   sing N N 288 
SER OXT HXT  sing N N 289 
THR N   CA   sing N N 290 
THR N   H    sing N N 291 
THR N   H2   sing N N 292 
THR CA  C    sing N N 293 
THR CA  CB   sing N N 294 
THR CA  HA   sing N N 295 
THR C   O    doub N N 296 
THR C   OXT  sing N N 297 
THR CB  OG1  sing N N 298 
THR CB  CG2  sing N N 299 
THR CB  HB   sing N N 300 
THR OG1 HG1  sing N N 301 
THR CG2 HG21 sing N N 302 
THR CG2 HG22 sing N N 303 
THR CG2 HG23 sing N N 304 
THR OXT HXT  sing N N 305 
TRP N   CA   sing N N 306 
TRP N   H    sing N N 307 
TRP N   H2   sing N N 308 
TRP CA  C    sing N N 309 
TRP CA  CB   sing N N 310 
TRP CA  HA   sing N N 311 
TRP C   O    doub N N 312 
TRP C   OXT  sing N N 313 
TRP CB  CG   sing N N 314 
TRP CB  HB2  sing N N 315 
TRP CB  HB3  sing N N 316 
TRP CG  CD1  doub Y N 317 
TRP CG  CD2  sing Y N 318 
TRP CD1 NE1  sing Y N 319 
TRP CD1 HD1  sing N N 320 
TRP CD2 CE2  doub Y N 321 
TRP CD2 CE3  sing Y N 322 
TRP NE1 CE2  sing Y N 323 
TRP NE1 HE1  sing N N 324 
TRP CE2 CZ2  sing Y N 325 
TRP CE3 CZ3  doub Y N 326 
TRP CE3 HE3  sing N N 327 
TRP CZ2 CH2  doub Y N 328 
TRP CZ2 HZ2  sing N N 329 
TRP CZ3 CH2  sing Y N 330 
TRP CZ3 HZ3  sing N N 331 
TRP CH2 HH2  sing N N 332 
TRP OXT HXT  sing N N 333 
TYR N   CA   sing N N 334 
TYR N   H    sing N N 335 
TYR N   H2   sing N N 336 
TYR CA  C    sing N N 337 
TYR CA  CB   sing N N 338 
TYR CA  HA   sing N N 339 
TYR C   O    doub N N 340 
TYR C   OXT  sing N N 341 
TYR CB  CG   sing N N 342 
TYR CB  HB2  sing N N 343 
TYR CB  HB3  sing N N 344 
TYR CG  CD1  doub Y N 345 
TYR CG  CD2  sing Y N 346 
TYR CD1 CE1  sing Y N 347 
TYR CD1 HD1  sing N N 348 
TYR CD2 CE2  doub Y N 349 
TYR CD2 HD2  sing N N 350 
TYR CE1 CZ   doub Y N 351 
TYR CE1 HE1  sing N N 352 
TYR CE2 CZ   sing Y N 353 
TYR CE2 HE2  sing N N 354 
TYR CZ  OH   sing N N 355 
TYR OH  HH   sing N N 356 
TYR OXT HXT  sing N N 357 
VAL N   CA   sing N N 358 
VAL N   H    sing N N 359 
VAL N   H2   sing N N 360 
VAL CA  C    sing N N 361 
VAL CA  CB   sing N N 362 
VAL CA  HA   sing N N 363 
VAL C   O    doub N N 364 
VAL C   OXT  sing N N 365 
VAL CB  CG1  sing N N 366 
VAL CB  CG2  sing N N 367 
VAL CB  HB   sing N N 368 
VAL CG1 HG11 sing N N 369 
VAL CG1 HG12 sing N N 370 
VAL CG1 HG13 sing N N 371 
VAL CG2 HG21 sing N N 372 
VAL CG2 HG22 sing N N 373 
VAL CG2 HG23 sing N N 374 
VAL OXT HXT  sing N N 375 
# 
_pdbx_entity_nonpoly.entity_id   3 
_pdbx_entity_nonpoly.name        water 
_pdbx_entity_nonpoly.comp_id     HOH 
# 
_pdbx_initial_refinement_model.id               1 
_pdbx_initial_refinement_model.entity_id_list   ? 
_pdbx_initial_refinement_model.type             'experimental model' 
_pdbx_initial_refinement_model.source_name      PDB 
_pdbx_initial_refinement_model.accession_code   1YY6 
_pdbx_initial_refinement_model.details          'pdb entry 1YY6' 
# 
